data_6VM2
#
_entry.id   6VM2
#
_cell.length_a   1.00
_cell.length_b   1.00
_cell.length_c   1.00
_cell.angle_alpha   90.00
_cell.angle_beta   90.00
_cell.angle_gamma   90.00
#
_symmetry.space_group_name_H-M   'P 1'
#
loop_
_entity.id
_entity.type
_entity.pdbx_description
1 polymer 'Glycine receptor subunit alphaZ1'
2 branched 2-acetamido-2-deoxy-beta-D-glucopyranose-(1-4)-2-acetamido-2-deoxy-beta-D-glucopyranose
3 non-polymer '[(2R)-2-octanoyloxy-3-[oxidanyl-[(1R,2R,3S,4R,5R,6S)-2,3,6-tris(oxidanyl)-4,5-diphosphonooxy-cyclohexyl]oxy-phosphoryl]oxy-propyl] octanoate'
4 non-polymer GLYCINE
5 non-polymer "(2aE,4E,5'S,6S,6'R,7S,8E,11R,13R,15S,17aR,20R,20aR,20bS)-6'-[(2S)-butan-2-yl]-20,20b-dihydroxy-5',6,8,19-tetramethyl-17 -oxo-3',4',5',6,6',10,11,14,15,17,17a,20,20a,20b-tetradecahydro-2H,7H-spiro[11,15-methanofuro[4,3,2-pq][2,6]benzodioxacy clooctadecine-13,2'-pyran]-7-yl 2,6-dideoxy-4-O-(2,6-dideoxy-3-O-methyl-alpha-L-arabino-hexopyranosyl)-3-O-methyl-alpha-L-arabino-hexopyranoside"
#
_entity_poly.entity_id   1
_entity_poly.type   'polypeptide(L)'
_entity_poly.pdbx_seq_one_letter_code
;MFALGIYLWETIVFFSLAASQQAAARKAASPMPPSEFLDKLMGKVSGYDARIRPNFKGPPVNVTCNIFINSFGSIAETTM
DYRVNIFLRQQWNDPRLAYSEYPDDSLDLDPSMLDSIWKPDLFFANEKGANFHEVTTDNKLLRISKNGNVLYSIRITLVL
ACPMDLKNFPMDVQTCIMQLESFGYTMNDLIFEWDEKGAVQVADGLTLPQFILKEEKDLRYCTKHYNTGKFTCIEARFHL
ERQMGYYLIQMYIPSLLIVILSWVSFWINMDAAPARVGLGITTVLTMTTQSSGSRASLPKVSYVKAIDIWMAVCLLFVFS
ALLEYAAVNFIARQHKELLRFQRRRRHLKEDEAGDGRFSFAAYGMGPACLQAKDGMAIKGNNNNAPTSTNPPEKTVEEMR
KLFISRAKRIDTVSRVAFPLVFLIFNIFYWITYKIIRSEDIHKQ
;
_entity_poly.pdbx_strand_id   A,E,C,B,D
#
loop_
_chem_comp.id
_chem_comp.type
_chem_comp.name
_chem_comp.formula
IVM non-polymer '(2aE,4E,5'S,6S,6'R,7S,8E,11R,13R,15S,17aR,20R,20aR,20bS)-6'-[(2S)-butan-2-yl]-20,20b-dihydroxy-5',6,8,19-tetramethyl-17 -oxo-3',4',5',6,6',10,11,14,15,17,17a,20,20a,20b-tetradecahydro-2H,7H-spiro[11,15-methanofuro[4,3,2-pq][2,6]benzodioxacy clooctadecine-13,2'-pyran]-7-yl 2,6-dideoxy-4-O-(2,6-dideoxy-3-O-methyl-alpha-L-arabino-hexopyranosyl)-3-O-methyl-alpha-L-arabino-hexopyranoside' 'C48 H74 O14'
NAG D-saccharide, beta linking 2-acetamido-2-deoxy-beta-D-glucopyranose 'C8 H15 N O6'
PIO non-polymer '[(2R)-2-octanoyloxy-3-[oxidanyl-[(1R,2R,3S,4R,5R,6S)-2,3,6-tris(oxidanyl)-4,5-diphosphonooxy-cyclohexyl]oxy-phosphoryl]oxy-propyl] octanoate' 'C25 H49 O19 P3'
#
# COMPACT_ATOMS: atom_id res chain seq x y z
N PRO A 31 6.46 60.91 -1.30
CA PRO A 31 7.83 61.19 -0.88
C PRO A 31 8.23 60.42 0.36
N MET A 32 7.25 59.88 1.08
CA MET A 32 7.56 59.13 2.29
C MET A 32 8.14 57.76 1.95
N PRO A 33 9.24 57.36 2.60
CA PRO A 33 9.79 56.04 2.34
C PRO A 33 8.91 54.94 2.92
N PRO A 34 8.85 53.78 2.27
CA PRO A 34 7.91 52.74 2.69
C PRO A 34 8.24 51.96 3.95
N SER A 35 9.49 51.95 4.46
CA SER A 35 9.77 51.12 5.64
C SER A 35 9.14 51.65 6.92
N GLU A 36 9.17 52.96 7.15
CA GLU A 36 8.51 53.49 8.33
C GLU A 36 7.00 53.36 8.21
N PHE A 37 6.45 53.53 6.99
CA PHE A 37 5.01 53.39 6.82
C PHE A 37 4.55 51.97 7.10
N LEU A 38 5.34 50.97 6.72
CA LEU A 38 4.89 49.61 6.98
C LEU A 38 5.42 49.05 8.30
N ASP A 39 6.14 49.84 9.09
CA ASP A 39 6.34 49.49 10.48
C ASP A 39 5.53 50.36 11.42
N LYS A 40 4.89 51.40 10.89
CA LYS A 40 4.07 52.29 11.69
C LYS A 40 2.76 51.63 12.07
N LEU A 41 2.10 50.98 11.11
CA LEU A 41 0.81 50.37 11.36
C LEU A 41 0.89 49.09 12.16
N MET A 42 2.03 48.39 12.14
CA MET A 42 2.18 47.17 12.93
C MET A 42 3.19 47.33 14.04
N GLY A 43 3.56 48.56 14.38
CA GLY A 43 4.51 48.79 15.45
C GLY A 43 3.90 48.71 16.83
N LYS A 44 4.77 48.43 17.80
CA LYS A 44 4.32 48.39 19.18
C LYS A 44 4.19 49.77 19.77
N VAL A 45 4.74 50.79 19.09
CA VAL A 45 4.45 52.16 19.47
C VAL A 45 3.05 52.53 18.99
N SER A 46 2.53 51.80 18.01
CA SER A 46 1.13 51.91 17.62
C SER A 46 0.34 50.99 18.54
N GLY A 47 -0.95 51.26 18.65
CA GLY A 47 -1.77 50.45 19.54
C GLY A 47 -2.55 49.42 18.77
N TYR A 48 -1.86 48.71 17.86
CA TYR A 48 -2.56 47.79 16.99
C TYR A 48 -3.12 46.58 17.73
N ASP A 49 -2.28 45.87 18.51
CA ASP A 49 -2.69 44.75 19.36
C ASP A 49 -3.40 43.64 18.58
N ALA A 50 -2.62 42.92 17.77
CA ALA A 50 -3.16 41.93 16.84
C ALA A 50 -3.89 40.77 17.51
N ARG A 51 -3.69 40.56 18.81
CA ARG A 51 -4.48 39.58 19.53
C ARG A 51 -5.94 40.02 19.66
N ILE A 52 -6.17 41.30 19.86
CA ILE A 52 -7.52 41.84 19.98
C ILE A 52 -8.19 41.95 18.61
N ARG A 53 -9.40 41.41 18.48
CA ARG A 53 -10.19 41.47 17.26
C ARG A 53 -10.60 42.91 16.93
N PRO A 54 -10.84 43.22 15.65
CA PRO A 54 -11.27 44.58 15.29
C PRO A 54 -12.66 44.91 15.81
N ASN A 55 -12.86 46.21 16.03
CA ASN A 55 -14.02 46.83 16.70
C ASN A 55 -14.49 45.99 17.89
N PHE A 56 -13.58 45.89 18.85
CA PHE A 56 -13.83 45.12 20.06
C PHE A 56 -14.96 45.73 20.88
N LYS A 57 -15.70 44.85 21.56
CA LYS A 57 -16.91 45.18 22.32
C LYS A 57 -17.95 45.88 21.46
N GLY A 58 -18.19 45.33 20.28
CA GLY A 58 -19.14 45.91 19.36
C GLY A 58 -19.85 44.88 18.50
N PRO A 59 -20.18 45.25 17.28
CA PRO A 59 -20.85 44.33 16.36
C PRO A 59 -19.88 43.27 15.87
N PRO A 60 -20.37 42.11 15.43
CA PRO A 60 -19.47 41.06 14.95
C PRO A 60 -18.81 41.41 13.64
N VAL A 61 -17.61 40.85 13.45
CA VAL A 61 -16.88 41.01 12.20
C VAL A 61 -17.54 40.18 11.12
N ASN A 62 -17.67 40.75 9.93
CA ASN A 62 -18.30 40.10 8.79
C ASN A 62 -17.21 39.70 7.83
N VAL A 63 -17.09 38.41 7.55
CA VAL A 63 -16.04 37.87 6.70
C VAL A 63 -16.68 37.28 5.47
N THR A 64 -16.23 37.73 4.30
CA THR A 64 -16.71 37.24 3.01
C THR A 64 -15.68 36.32 2.38
N CYS A 65 -16.09 35.10 2.04
CA CYS A 65 -15.19 34.07 1.57
C CYS A 65 -15.60 33.56 0.20
N ASN A 66 -14.65 33.48 -0.73
CA ASN A 66 -14.86 32.79 -1.98
C ASN A 66 -13.66 31.89 -2.22
N ILE A 67 -13.89 30.68 -2.72
CA ILE A 67 -12.82 29.73 -2.94
C ILE A 67 -12.65 29.52 -4.43
N PHE A 68 -11.45 29.12 -4.83
CA PHE A 68 -11.15 28.86 -6.23
C PHE A 68 -10.63 27.44 -6.34
N ILE A 69 -11.37 26.56 -6.97
CA ILE A 69 -10.99 25.16 -7.10
C ILE A 69 -9.88 25.01 -8.12
N ASN A 70 -8.65 24.81 -7.64
CA ASN A 70 -7.54 24.69 -8.56
C ASN A 70 -7.36 23.26 -9.05
N SER A 71 -7.51 22.28 -8.17
CA SER A 71 -7.46 20.89 -8.52
C SER A 71 -8.55 20.18 -7.74
N PHE A 72 -9.22 19.24 -8.37
CA PHE A 72 -10.23 18.45 -7.70
C PHE A 72 -10.09 17.05 -8.24
N GLY A 73 -10.03 16.05 -7.37
CA GLY A 73 -9.78 14.71 -7.86
C GLY A 73 -9.40 13.78 -6.72
N SER A 74 -8.82 12.63 -7.11
CA SER A 74 -8.37 11.59 -6.19
C SER A 74 -9.51 11.09 -5.31
N ILE A 75 -10.68 10.94 -5.92
CA ILE A 75 -11.88 10.53 -5.21
C ILE A 75 -11.84 9.03 -4.98
N ALA A 76 -11.82 8.63 -3.72
CA ALA A 76 -11.75 7.22 -3.37
C ALA A 76 -13.02 6.83 -2.63
N GLU A 77 -13.62 5.71 -3.05
CA GLU A 77 -14.89 5.29 -2.51
C GLU A 77 -14.73 4.52 -1.21
N THR A 78 -13.62 3.79 -1.08
CA THR A 78 -13.43 2.85 0.01
C THR A 78 -13.10 3.51 1.35
N THR A 79 -12.65 4.77 1.34
CA THR A 79 -12.44 5.52 2.57
C THR A 79 -13.27 6.78 2.59
N MET A 80 -14.09 6.98 1.56
CA MET A 80 -15.09 8.02 1.45
C MET A 80 -14.53 9.43 1.62
N ASP A 81 -13.51 9.77 0.83
CA ASP A 81 -12.95 11.12 0.90
C ASP A 81 -12.36 11.54 -0.44
N TYR A 82 -12.19 12.85 -0.61
CA TYR A 82 -11.69 13.43 -1.86
C TYR A 82 -10.70 14.54 -1.54
N ARG A 83 -9.85 14.87 -2.51
CA ARG A 83 -8.74 15.80 -2.31
C ARG A 83 -8.90 17.01 -3.22
N VAL A 84 -9.03 18.19 -2.63
CA VAL A 84 -9.15 19.44 -3.37
C VAL A 84 -7.89 20.27 -3.20
N ASN A 85 -7.71 21.23 -4.11
CA ASN A 85 -6.73 22.30 -4.00
C ASN A 85 -7.48 23.62 -4.10
N ILE A 86 -7.51 24.41 -3.05
CA ILE A 86 -8.36 25.61 -3.10
C ILE A 86 -7.52 26.85 -2.83
N PHE A 87 -7.96 27.97 -3.40
CA PHE A 87 -7.38 29.28 -3.12
C PHE A 87 -8.37 29.99 -2.20
N LEU A 88 -8.20 29.85 -0.90
CA LEU A 88 -9.15 30.41 0.07
C LEU A 88 -8.96 31.92 0.22
N ARG A 89 -9.93 32.70 -0.25
CA ARG A 89 -9.86 34.16 -0.18
C ARG A 89 -10.84 34.66 0.89
N GLN A 90 -10.32 35.38 1.89
CA GLN A 90 -11.12 35.91 2.98
C GLN A 90 -11.07 37.43 3.00
N GLN A 91 -12.22 38.08 2.94
CA GLN A 91 -12.32 39.54 2.96
C GLN A 91 -13.01 40.01 4.24
N TRP A 92 -12.33 40.84 5.02
CA TRP A 92 -12.92 41.44 6.21
C TRP A 92 -12.36 42.84 6.38
N ASN A 93 -13.07 43.66 7.13
CA ASN A 93 -12.69 45.06 7.30
C ASN A 93 -12.06 45.29 8.67
N ASP A 94 -10.93 45.98 8.71
CA ASP A 94 -10.24 46.35 9.94
C ASP A 94 -10.16 47.87 10.04
N PRO A 95 -10.73 48.50 11.06
CA PRO A 95 -10.68 49.96 11.13
C PRO A 95 -9.33 50.51 11.51
N ARG A 96 -8.55 49.78 12.31
CA ARG A 96 -7.25 50.29 12.75
C ARG A 96 -6.21 50.24 11.65
N LEU A 97 -6.42 49.43 10.62
CA LEU A 97 -5.49 49.28 9.53
C LEU A 97 -5.61 50.38 8.48
N ALA A 98 -6.59 51.28 8.61
CA ALA A 98 -6.82 52.30 7.60
C ALA A 98 -5.72 53.35 7.61
N TYR A 99 -5.29 53.76 6.41
CA TYR A 99 -4.23 54.74 6.24
C TYR A 99 -4.70 55.82 5.28
N SER A 100 -4.32 57.06 5.57
CA SER A 100 -4.69 58.18 4.72
C SER A 100 -3.50 58.90 4.11
N GLU A 101 -2.28 58.39 4.30
CA GLU A 101 -1.11 59.12 3.77
C GLU A 101 -0.89 58.83 2.29
N TYR A 102 -0.84 57.58 1.92
CA TYR A 102 -0.55 57.18 0.55
C TYR A 102 -1.79 57.28 -0.33
N PRO A 103 -1.63 57.71 -1.59
CA PRO A 103 -2.79 57.89 -2.47
C PRO A 103 -3.23 56.63 -3.21
N ASP A 104 -2.40 55.60 -3.25
CA ASP A 104 -2.76 54.37 -3.93
C ASP A 104 -3.77 53.57 -3.12
N ASP A 105 -4.66 52.89 -3.83
CA ASP A 105 -5.76 52.19 -3.17
C ASP A 105 -5.44 50.73 -2.87
N SER A 106 -4.67 50.05 -3.72
CA SER A 106 -4.50 48.61 -3.54
C SER A 106 -3.43 48.29 -2.50
N LEU A 107 -2.18 48.68 -2.77
CA LEU A 107 -1.02 48.45 -1.90
C LEU A 107 -0.83 46.97 -1.55
N ASP A 108 -0.44 46.19 -2.55
CA ASP A 108 -0.11 44.78 -2.30
C ASP A 108 1.11 44.67 -1.38
N LEU A 109 1.01 43.86 -0.33
CA LEU A 109 2.08 43.72 0.65
C LEU A 109 2.75 42.36 0.57
N ASP A 110 3.92 42.28 1.18
CA ASP A 110 4.74 41.08 1.30
C ASP A 110 4.19 40.16 2.38
N PRO A 111 4.13 38.86 2.11
CA PRO A 111 3.46 37.92 3.03
C PRO A 111 4.28 37.50 4.24
N SER A 112 5.47 38.06 4.47
CA SER A 112 6.23 37.60 5.63
C SER A 112 5.71 38.25 6.90
N MET A 113 5.16 39.44 6.80
CA MET A 113 4.58 40.13 7.95
C MET A 113 3.09 39.85 8.00
N LEU A 114 2.78 38.58 8.17
CA LEU A 114 1.42 38.12 8.36
C LEU A 114 1.30 37.41 9.69
N ASP A 115 2.14 37.86 10.63
CA ASP A 115 2.15 37.38 12.00
C ASP A 115 1.22 38.19 12.87
N SER A 116 1.17 39.51 12.65
CA SER A 116 0.34 40.40 13.43
C SER A 116 -0.54 41.21 12.48
N ILE A 117 -1.65 40.61 12.05
CA ILE A 117 -2.61 41.24 11.14
C ILE A 117 -4.03 40.97 11.66
N TRP A 118 -4.15 40.04 12.62
CA TRP A 118 -5.42 39.44 13.04
C TRP A 118 -6.07 38.72 11.86
N LYS A 119 -5.44 37.66 11.43
CA LYS A 119 -6.11 36.75 10.53
C LYS A 119 -7.25 36.06 11.28
N PRO A 120 -8.40 35.86 10.65
CA PRO A 120 -9.50 35.20 11.34
C PRO A 120 -9.28 33.70 11.41
N ASP A 121 -9.85 33.08 12.42
CA ASP A 121 -9.74 31.65 12.59
C ASP A 121 -10.74 30.94 11.69
N LEU A 122 -10.26 29.98 10.94
CA LEU A 122 -11.12 29.23 10.05
C LEU A 122 -10.64 27.80 10.04
N PHE A 123 -11.57 26.87 10.10
CA PHE A 123 -11.15 25.49 10.02
C PHE A 123 -12.27 24.72 9.36
N PHE A 124 -11.89 23.69 8.63
CA PHE A 124 -12.84 22.89 7.91
C PHE A 124 -13.36 21.80 8.82
N ALA A 125 -14.68 21.61 8.81
CA ALA A 125 -15.31 20.73 9.78
C ALA A 125 -15.05 19.27 9.49
N ASN A 126 -15.02 18.87 8.22
CA ASN A 126 -14.83 17.48 7.85
C ASN A 126 -13.57 17.39 7.01
N GLU A 127 -12.44 17.19 7.65
CA GLU A 127 -11.21 17.18 6.86
C GLU A 127 -10.13 16.38 7.54
N LYS A 128 -9.20 15.93 6.72
CA LYS A 128 -7.96 15.30 7.13
C LYS A 128 -6.83 16.01 6.39
N GLY A 129 -5.63 15.93 6.92
CA GLY A 129 -4.52 16.55 6.24
C GLY A 129 -4.49 18.07 6.38
N ALA A 130 -4.87 18.77 5.32
CA ALA A 130 -4.90 20.24 5.25
C ALA A 130 -3.52 20.84 5.52
N ASN A 131 -2.58 20.52 4.66
CA ASN A 131 -1.24 21.07 4.74
C ASN A 131 -1.06 22.29 3.86
N PHE A 132 -0.29 23.25 4.37
CA PHE A 132 0.04 24.49 3.68
C PHE A 132 1.13 24.21 2.64
N HIS A 133 1.36 25.16 1.74
CA HIS A 133 2.42 25.03 0.74
C HIS A 133 3.58 25.96 1.06
N GLU A 134 4.70 25.39 1.44
CA GLU A 134 5.88 26.14 1.81
C GLU A 134 6.95 26.18 0.72
N VAL A 135 6.59 25.91 -0.52
CA VAL A 135 7.60 25.76 -1.58
C VAL A 135 7.96 27.14 -2.15
N THR A 136 9.24 27.48 -1.98
CA THR A 136 10.01 28.62 -2.50
C THR A 136 9.61 29.91 -1.76
N THR A 137 8.51 29.90 -1.01
CA THR A 137 7.91 30.96 -0.21
C THR A 137 6.65 30.33 0.36
N ASP A 138 6.11 30.95 1.40
CA ASP A 138 4.76 30.66 1.86
C ASP A 138 3.74 31.19 0.85
N ASN A 139 2.91 30.30 0.34
CA ASN A 139 1.94 30.65 -0.70
C ASN A 139 0.82 31.46 -0.08
N LYS A 140 1.04 32.77 0.05
CA LYS A 140 0.11 33.64 0.73
C LYS A 140 0.00 34.97 0.00
N LEU A 141 -1.14 35.64 0.19
CA LEU A 141 -1.42 36.93 -0.42
C LEU A 141 -2.01 37.85 0.62
N LEU A 142 -1.44 39.04 0.76
CA LEU A 142 -1.94 40.04 1.68
C LEU A 142 -2.10 41.35 0.94
N ARG A 143 -3.32 41.89 0.93
CA ARG A 143 -3.58 43.16 0.26
C ARG A 143 -4.53 43.99 1.11
N ILE A 144 -4.04 45.11 1.61
CA ILE A 144 -4.79 45.98 2.52
C ILE A 144 -5.24 47.22 1.76
N SER A 145 -6.55 47.44 1.71
CA SER A 145 -7.07 48.57 0.99
C SER A 145 -6.92 49.85 1.81
N LYS A 146 -7.31 50.98 1.24
CA LYS A 146 -7.15 52.26 1.91
C LYS A 146 -8.15 52.46 3.03
N ASN A 147 -9.38 51.99 2.85
CA ASN A 147 -10.41 52.15 3.87
C ASN A 147 -10.32 51.10 4.96
N GLY A 148 -9.53 50.05 4.78
CA GLY A 148 -9.40 49.01 5.78
C GLY A 148 -9.79 47.62 5.32
N ASN A 149 -10.12 47.43 4.06
CA ASN A 149 -10.51 46.10 3.57
C ASN A 149 -9.25 45.27 3.39
N VAL A 150 -9.27 44.03 3.90
CA VAL A 150 -8.12 43.14 3.85
C VAL A 150 -8.44 41.93 2.98
N LEU A 151 -7.57 41.66 2.01
CA LEU A 151 -7.67 40.45 1.19
C LEU A 151 -6.60 39.45 1.61
N TYR A 152 -7.04 38.28 2.05
CA TYR A 152 -6.14 37.22 2.55
C TYR A 152 -6.37 35.94 1.76
N SER A 153 -5.40 35.56 0.93
CA SER A 153 -5.50 34.37 0.11
C SER A 153 -4.43 33.36 0.50
N ILE A 154 -4.83 32.11 0.70
CA ILE A 154 -3.91 31.02 1.02
C ILE A 154 -4.26 29.81 0.18
N ARG A 155 -3.24 29.07 -0.26
CA ARG A 155 -3.42 27.86 -1.06
C ARG A 155 -3.26 26.63 -0.18
N ILE A 156 -4.31 25.82 -0.07
CA ILE A 156 -4.31 24.63 0.78
C ILE A 156 -4.90 23.42 0.05
N THR A 157 -4.29 22.25 0.24
CA THR A 157 -4.87 20.98 -0.19
C THR A 157 -5.51 20.25 0.98
N LEU A 158 -6.79 19.95 0.87
CA LEU A 158 -7.53 19.30 1.94
C LEU A 158 -8.04 17.95 1.51
N VAL A 159 -7.83 16.93 2.35
CA VAL A 159 -8.44 15.63 2.13
C VAL A 159 -9.81 15.72 2.83
N LEU A 160 -10.80 16.20 2.09
CA LEU A 160 -12.12 16.41 2.65
C LEU A 160 -12.87 15.09 2.66
N ALA A 161 -13.47 14.75 3.79
CA ALA A 161 -14.19 13.50 3.96
C ALA A 161 -15.68 13.73 3.77
N CYS A 162 -16.26 13.05 2.79
CA CYS A 162 -17.68 13.20 2.60
C CYS A 162 -18.35 11.83 2.65
N PRO A 163 -19.51 11.73 3.30
CA PRO A 163 -20.24 10.48 3.25
C PRO A 163 -20.99 10.36 1.94
N MET A 164 -20.96 9.17 1.37
CA MET A 164 -21.58 8.94 0.09
C MET A 164 -22.61 7.82 0.20
N ASP A 165 -23.65 7.94 -0.60
CA ASP A 165 -24.71 6.94 -0.67
C ASP A 165 -24.50 6.08 -1.90
N LEU A 166 -24.47 4.78 -1.71
CA LEU A 166 -24.23 3.84 -2.80
C LEU A 166 -25.47 3.00 -3.07
N LYS A 167 -26.64 3.64 -3.09
CA LYS A 167 -27.86 2.91 -3.39
C LYS A 167 -27.89 2.46 -4.83
N ASN A 168 -27.30 3.24 -5.73
CA ASN A 168 -27.21 2.87 -7.12
C ASN A 168 -25.73 3.00 -7.48
N PHE A 169 -25.03 1.88 -7.64
CA PHE A 169 -23.59 2.08 -7.84
C PHE A 169 -23.12 2.49 -9.24
N PRO A 170 -23.58 1.90 -10.36
CA PRO A 170 -23.08 2.39 -11.66
C PRO A 170 -23.46 3.83 -11.97
N MET A 171 -24.72 4.20 -11.79
CA MET A 171 -25.14 5.57 -12.00
C MET A 171 -25.53 6.18 -10.66
N ASP A 172 -24.99 7.37 -10.37
CA ASP A 172 -25.29 8.02 -9.10
C ASP A 172 -24.82 9.47 -9.21
N VAL A 173 -25.41 10.32 -8.38
CA VAL A 173 -25.10 11.73 -8.29
C VAL A 173 -24.66 11.95 -6.84
N GLN A 174 -23.36 11.97 -6.59
CA GLN A 174 -22.84 12.22 -5.26
C GLN A 174 -22.82 13.71 -4.97
N THR A 175 -23.08 14.07 -3.72
CA THR A 175 -23.08 15.48 -3.31
C THR A 175 -22.03 15.69 -2.22
N CYS A 176 -20.85 16.14 -2.62
CA CYS A 176 -19.77 16.40 -1.68
C CYS A 176 -20.00 17.71 -0.95
N ILE A 177 -19.77 17.68 0.37
CA ILE A 177 -20.05 18.81 1.26
C ILE A 177 -18.73 19.34 1.82
N MET A 178 -18.49 20.64 1.63
CA MET A 178 -17.33 21.34 2.18
C MET A 178 -17.77 22.38 3.19
N GLN A 179 -17.46 22.18 4.47
CA GLN A 179 -17.93 23.03 5.55
C GLN A 179 -16.80 23.88 6.11
N LEU A 180 -17.00 25.20 6.16
CA LEU A 180 -16.01 26.13 6.70
C LEU A 180 -16.58 26.82 7.92
N GLU A 181 -16.02 26.55 9.10
CA GLU A 181 -16.52 27.20 10.31
C GLU A 181 -15.37 27.72 11.16
N SER A 182 -15.73 28.42 12.23
CA SER A 182 -14.77 29.06 13.10
C SER A 182 -14.60 28.29 14.41
N PHE A 183 -13.44 28.48 15.02
CA PHE A 183 -13.06 27.85 16.28
C PHE A 183 -12.69 28.94 17.28
N GLY A 184 -13.45 29.05 18.34
CA GLY A 184 -13.09 29.94 19.42
C GLY A 184 -13.69 31.33 19.36
N TYR A 185 -14.50 31.63 18.36
CA TYR A 185 -15.21 32.90 18.29
C TYR A 185 -16.66 32.56 17.99
N THR A 186 -17.56 33.01 18.85
CA THR A 186 -18.96 32.65 18.72
C THR A 186 -19.64 33.47 17.63
N MET A 187 -20.95 33.30 17.51
CA MET A 187 -21.70 33.94 16.44
C MET A 187 -21.85 35.44 16.69
N ASN A 188 -21.90 35.85 17.95
CA ASN A 188 -21.97 37.28 18.25
C ASN A 188 -20.66 38.01 17.98
N ASP A 189 -19.53 37.31 17.92
CA ASP A 189 -18.27 37.99 17.60
C ASP A 189 -17.79 37.80 16.16
N LEU A 190 -18.05 36.67 15.52
CA LEU A 190 -17.56 36.43 14.17
C LEU A 190 -18.67 35.83 13.33
N ILE A 191 -18.93 36.40 12.15
CA ILE A 191 -19.97 35.92 11.24
C ILE A 191 -19.35 35.68 9.88
N PHE A 192 -19.50 34.46 9.35
CA PHE A 192 -18.99 34.09 8.04
C PHE A 192 -20.11 34.17 7.02
N GLU A 193 -19.83 34.79 5.87
CA GLU A 193 -20.84 34.92 4.83
C GLU A 193 -20.22 34.58 3.47
N TRP A 194 -21.04 34.07 2.56
CA TRP A 194 -20.55 33.75 1.23
C TRP A 194 -20.46 35.02 0.40
N ASP A 195 -19.73 34.94 -0.70
CA ASP A 195 -19.61 36.09 -1.59
C ASP A 195 -20.83 36.24 -2.48
N GLU A 196 -21.13 37.49 -2.84
CA GLU A 196 -22.26 37.74 -3.71
C GLU A 196 -21.90 37.65 -5.18
N LYS A 197 -20.75 38.18 -5.58
CA LYS A 197 -20.31 38.08 -6.97
C LYS A 197 -19.67 36.71 -7.11
N GLY A 198 -20.43 35.76 -7.62
CA GLY A 198 -19.99 34.39 -7.79
C GLY A 198 -19.92 33.67 -6.46
N ALA A 199 -19.80 32.34 -6.52
CA ALA A 199 -19.72 31.56 -5.30
C ALA A 199 -18.42 30.79 -5.20
N VAL A 200 -18.16 29.94 -6.18
CA VAL A 200 -17.02 29.05 -6.24
C VAL A 200 -16.54 29.14 -7.67
N GLN A 201 -15.29 29.49 -7.86
CA GLN A 201 -14.67 29.60 -9.17
C GLN A 201 -13.91 28.32 -9.47
N VAL A 202 -14.29 27.64 -10.49
CA VAL A 202 -13.57 26.45 -10.88
C VAL A 202 -12.55 26.86 -11.93
N ALA A 203 -11.41 26.17 -11.98
CA ALA A 203 -10.36 26.51 -12.93
C ALA A 203 -10.79 26.06 -14.31
N ASP A 204 -10.39 26.82 -15.33
CA ASP A 204 -10.74 26.45 -16.68
C ASP A 204 -9.95 25.25 -17.15
N GLY A 205 -10.60 24.36 -17.87
CA GLY A 205 -9.95 23.15 -18.31
C GLY A 205 -9.90 22.04 -17.28
N LEU A 206 -10.44 22.23 -16.08
CA LEU A 206 -10.38 21.19 -15.07
C LEU A 206 -11.37 20.08 -15.40
N THR A 207 -10.85 18.86 -15.43
CA THR A 207 -11.63 17.67 -15.77
C THR A 207 -11.36 16.58 -14.76
N LEU A 208 -12.34 15.70 -14.60
CA LEU A 208 -12.28 14.56 -13.72
C LEU A 208 -12.39 13.30 -14.56
N PRO A 209 -11.57 12.30 -14.29
CA PRO A 209 -11.58 11.12 -15.15
C PRO A 209 -12.79 10.23 -14.92
N GLN A 210 -13.28 10.19 -13.68
CA GLN A 210 -14.38 9.31 -13.34
C GLN A 210 -15.72 9.99 -13.13
N PHE A 211 -15.74 11.31 -12.92
CA PHE A 211 -16.96 12.03 -12.59
C PHE A 211 -17.13 13.26 -13.49
N ILE A 212 -18.32 13.85 -13.44
CA ILE A 212 -18.63 15.08 -14.15
C ILE A 212 -19.14 16.10 -13.15
N LEU A 213 -18.44 17.22 -13.01
CA LEU A 213 -18.83 18.26 -12.07
C LEU A 213 -19.95 19.12 -12.67
N LYS A 214 -21.07 19.22 -11.96
CA LYS A 214 -22.17 20.05 -12.40
C LYS A 214 -21.86 21.55 -12.31
N GLU A 215 -22.61 22.32 -13.09
CA GLU A 215 -22.37 23.76 -13.21
C GLU A 215 -22.88 24.56 -12.02
N GLU A 216 -24.04 24.23 -11.48
CA GLU A 216 -24.55 24.91 -10.30
C GLU A 216 -24.00 24.32 -9.00
N LYS A 217 -23.90 25.16 -7.99
CA LYS A 217 -23.36 24.74 -6.70
C LYS A 217 -24.19 25.38 -5.59
N ASP A 218 -24.62 24.57 -4.62
CA ASP A 218 -25.46 25.07 -3.55
C ASP A 218 -24.66 25.81 -2.49
N LEU A 219 -25.25 26.89 -1.97
CA LEU A 219 -24.66 27.66 -0.88
C LEU A 219 -25.68 27.70 0.25
N ARG A 220 -25.68 26.71 1.13
CA ARG A 220 -26.60 26.69 2.25
C ARG A 220 -25.77 26.82 3.51
N TYR A 221 -25.92 27.89 4.25
CA TYR A 221 -25.15 28.01 5.48
C TYR A 221 -25.99 27.58 6.66
N CYS A 222 -25.44 26.65 7.43
CA CYS A 222 -26.06 26.13 8.64
C CYS A 222 -25.12 26.44 9.80
N THR A 223 -25.70 26.72 10.96
CA THR A 223 -24.94 27.14 12.12
C THR A 223 -24.89 26.01 13.13
N LYS A 224 -23.70 25.52 13.42
CA LYS A 224 -23.57 24.44 14.38
C LYS A 224 -23.66 24.94 15.81
N HIS A 225 -24.35 24.18 16.64
CA HIS A 225 -24.57 24.51 18.04
C HIS A 225 -23.81 23.52 18.91
N TYR A 226 -23.10 24.05 19.89
CA TYR A 226 -22.30 23.28 20.83
C TYR A 226 -22.64 23.79 22.21
N ASN A 227 -22.26 23.00 23.23
CA ASN A 227 -22.52 23.40 24.62
C ASN A 227 -21.81 24.71 24.94
N THR A 228 -20.58 24.88 24.44
CA THR A 228 -19.84 26.13 24.66
C THR A 228 -20.57 27.31 24.04
N GLY A 229 -21.11 27.14 22.84
CA GLY A 229 -21.83 28.21 22.18
C GLY A 229 -22.12 27.84 20.75
N LYS A 230 -22.64 28.81 20.01
CA LYS A 230 -22.94 28.62 18.60
C LYS A 230 -21.81 29.24 17.79
N PHE A 231 -21.50 28.63 16.66
CA PHE A 231 -20.40 29.11 15.84
C PHE A 231 -20.84 29.25 14.39
N THR A 232 -20.36 30.29 13.72
CA THR A 232 -20.72 30.53 12.33
C THR A 232 -20.11 29.50 11.40
N CYS A 233 -20.90 29.07 10.42
CA CYS A 233 -20.48 28.03 9.50
C CYS A 233 -21.18 28.23 8.18
N ILE A 234 -20.43 28.13 7.09
CA ILE A 234 -20.96 28.21 5.74
C ILE A 234 -20.48 26.99 5.00
N GLU A 235 -21.31 26.48 4.08
CA GLU A 235 -20.93 25.28 3.38
C GLU A 235 -21.28 25.40 1.91
N ALA A 236 -20.59 24.62 1.08
CA ALA A 236 -20.84 24.58 -0.36
C ALA A 236 -20.93 23.14 -0.81
N ARG A 237 -21.87 22.85 -1.70
CA ARG A 237 -22.13 21.49 -2.16
C ARG A 237 -21.85 21.34 -3.64
N PHE A 238 -21.06 20.35 -4.00
CA PHE A 238 -20.76 20.02 -5.39
C PHE A 238 -21.50 18.74 -5.78
N HIS A 239 -22.29 18.80 -6.84
CA HIS A 239 -23.04 17.64 -7.31
C HIS A 239 -22.21 16.93 -8.37
N LEU A 240 -21.81 15.71 -8.08
CA LEU A 240 -20.91 14.96 -8.94
C LEU A 240 -21.66 13.83 -9.63
N GLU A 241 -21.73 13.89 -10.96
CA GLU A 241 -22.34 12.86 -11.77
C GLU A 241 -21.31 11.79 -12.11
N ARG A 242 -21.55 10.55 -11.70
CA ARG A 242 -20.63 9.47 -12.05
C ARG A 242 -20.81 9.08 -13.50
N GLN A 243 -19.70 9.03 -14.24
CA GLN A 243 -19.73 8.66 -15.64
C GLN A 243 -19.97 7.17 -15.80
N MET A 244 -20.80 6.81 -16.76
CA MET A 244 -21.22 5.44 -16.97
C MET A 244 -20.48 4.75 -18.11
N GLY A 245 -19.45 5.37 -18.67
CA GLY A 245 -18.76 4.75 -19.78
C GLY A 245 -17.85 3.62 -19.39
N TYR A 246 -17.21 3.72 -18.23
CA TYR A 246 -16.27 2.67 -17.84
C TYR A 246 -16.99 1.44 -17.35
N TYR A 247 -18.06 1.63 -16.59
CA TYR A 247 -18.72 0.48 -15.96
C TYR A 247 -19.51 -0.32 -16.96
N LEU A 248 -19.85 0.29 -18.09
CA LEU A 248 -20.49 -0.45 -19.15
C LEU A 248 -19.50 -1.41 -19.81
N ILE A 249 -18.26 -0.98 -20.00
CA ILE A 249 -17.26 -1.82 -20.63
C ILE A 249 -16.74 -2.89 -19.67
N GLN A 250 -16.46 -2.50 -18.43
CA GLN A 250 -15.79 -3.43 -17.52
C GLN A 250 -16.75 -4.47 -16.95
N MET A 251 -17.97 -4.08 -16.61
CA MET A 251 -18.84 -4.97 -15.84
C MET A 251 -20.06 -5.48 -16.59
N TYR A 252 -20.71 -4.65 -17.41
CA TYR A 252 -21.96 -5.09 -17.99
C TYR A 252 -21.79 -6.02 -19.16
N ILE A 253 -20.84 -5.75 -20.05
CA ILE A 253 -20.64 -6.60 -21.22
C ILE A 253 -20.03 -7.97 -20.91
N PRO A 254 -19.05 -8.16 -20.01
CA PRO A 254 -18.60 -9.54 -19.74
C PRO A 254 -19.65 -10.44 -19.11
N SER A 255 -20.55 -9.88 -18.33
CA SER A 255 -21.67 -10.63 -17.81
C SER A 255 -22.62 -11.06 -18.93
N LEU A 256 -22.84 -10.22 -19.93
CA LEU A 256 -23.62 -10.63 -21.09
C LEU A 256 -22.91 -11.70 -21.88
N LEU A 257 -21.58 -11.68 -21.89
CA LEU A 257 -20.83 -12.70 -22.60
C LEU A 257 -21.00 -14.04 -21.93
N ILE A 258 -21.05 -14.03 -20.60
CA ILE A 258 -21.22 -15.27 -19.85
C ILE A 258 -22.63 -15.82 -20.06
N VAL A 259 -23.63 -14.94 -20.03
CA VAL A 259 -25.01 -15.41 -20.24
C VAL A 259 -25.22 -15.91 -21.67
N ILE A 260 -24.56 -15.28 -22.66
CA ILE A 260 -24.68 -15.73 -24.04
C ILE A 260 -24.02 -17.10 -24.21
N LEU A 261 -22.91 -17.33 -23.50
CA LEU A 261 -22.26 -18.62 -23.54
C LEU A 261 -23.12 -19.72 -22.93
N SER A 262 -23.81 -19.40 -21.84
CA SER A 262 -24.74 -20.36 -21.27
C SER A 262 -25.91 -20.62 -22.19
N TRP A 263 -26.29 -19.64 -23.01
CA TRP A 263 -27.30 -19.92 -24.03
C TRP A 263 -26.77 -20.84 -25.11
N VAL A 264 -25.48 -20.72 -25.43
CA VAL A 264 -24.83 -21.56 -26.45
C VAL A 264 -24.87 -23.02 -26.03
N SER A 265 -24.88 -23.26 -24.71
CA SER A 265 -24.97 -24.64 -24.21
C SER A 265 -26.26 -25.38 -24.61
N PHE A 266 -27.31 -24.68 -25.05
CA PHE A 266 -28.55 -25.35 -25.43
C PHE A 266 -28.46 -26.09 -26.75
N TRP A 267 -27.60 -25.64 -27.67
CA TRP A 267 -27.51 -26.26 -28.99
C TRP A 267 -26.70 -27.56 -28.99
N ILE A 268 -25.92 -27.82 -27.95
CA ILE A 268 -25.09 -29.00 -27.87
C ILE A 268 -25.95 -30.23 -27.65
N ASN A 269 -25.45 -31.39 -28.07
CA ASN A 269 -26.20 -32.63 -28.03
C ASN A 269 -26.47 -33.06 -26.59
N MET A 270 -27.68 -33.56 -26.36
CA MET A 270 -28.08 -33.90 -24.99
C MET A 270 -27.40 -35.17 -24.49
N ASP A 271 -27.01 -36.05 -25.40
CA ASP A 271 -26.29 -37.25 -24.98
C ASP A 271 -24.86 -36.93 -24.54
N ALA A 272 -24.29 -35.84 -25.04
CA ALA A 272 -22.97 -35.39 -24.62
C ALA A 272 -23.09 -34.69 -23.27
N ALA A 273 -23.15 -35.50 -22.22
CA ALA A 273 -23.32 -34.99 -20.87
C ALA A 273 -22.10 -34.28 -20.27
N PRO A 274 -20.85 -34.76 -20.40
CA PRO A 274 -19.74 -33.98 -19.84
C PRO A 274 -19.57 -32.62 -20.48
N ALA A 275 -19.90 -32.48 -21.76
CA ALA A 275 -19.75 -31.22 -22.46
C ALA A 275 -20.71 -30.16 -21.91
N ARG A 276 -22.00 -30.49 -21.83
CA ARG A 276 -22.99 -29.53 -21.38
C ARG A 276 -22.84 -29.24 -19.89
N VAL A 277 -22.53 -30.27 -19.10
CA VAL A 277 -22.34 -30.09 -17.66
C VAL A 277 -21.11 -29.22 -17.39
N GLY A 278 -20.01 -29.49 -18.09
CA GLY A 278 -18.81 -28.69 -17.90
C GLY A 278 -18.95 -27.25 -18.36
N LEU A 279 -19.65 -27.04 -19.49
CA LEU A 279 -19.87 -25.68 -19.96
C LEU A 279 -20.69 -24.89 -18.96
N GLY A 280 -21.79 -25.48 -18.47
CA GLY A 280 -22.64 -24.77 -17.53
C GLY A 280 -21.96 -24.51 -16.20
N ILE A 281 -21.17 -25.49 -15.72
CA ILE A 281 -20.50 -25.33 -14.44
C ILE A 281 -19.44 -24.22 -14.51
N THR A 282 -18.64 -24.17 -15.60
CA THR A 282 -17.66 -23.10 -15.72
C THR A 282 -18.27 -21.73 -15.92
N THR A 283 -19.44 -21.64 -16.59
CA THR A 283 -20.10 -20.34 -16.65
C THR A 283 -20.62 -19.89 -15.28
N VAL A 284 -21.11 -20.80 -14.46
CA VAL A 284 -21.55 -20.41 -13.11
C VAL A 284 -20.36 -19.96 -12.26
N LEU A 285 -19.24 -20.67 -12.38
CA LEU A 285 -18.04 -20.37 -11.61
C LEU A 285 -17.48 -19.01 -11.98
N THR A 286 -17.36 -18.73 -13.28
CA THR A 286 -16.83 -17.44 -13.69
C THR A 286 -17.78 -16.30 -13.42
N MET A 287 -19.08 -16.56 -13.43
CA MET A 287 -20.02 -15.52 -12.99
C MET A 287 -19.82 -15.18 -11.52
N THR A 288 -19.58 -16.20 -10.68
CA THR A 288 -19.34 -15.94 -9.26
C THR A 288 -18.06 -15.14 -9.05
N THR A 289 -16.98 -15.51 -9.74
CA THR A 289 -15.73 -14.77 -9.56
C THR A 289 -15.79 -13.36 -10.14
N GLN A 290 -16.56 -13.17 -11.21
CA GLN A 290 -16.72 -11.82 -11.74
C GLN A 290 -17.53 -10.94 -10.80
N SER A 291 -18.55 -11.52 -10.17
CA SER A 291 -19.33 -10.77 -9.20
C SER A 291 -18.52 -10.46 -7.96
N SER A 292 -17.62 -11.36 -7.57
CA SER A 292 -16.82 -11.11 -6.39
C SER A 292 -15.72 -10.09 -6.67
N GLY A 293 -15.25 -10.04 -7.92
CA GLY A 293 -14.20 -9.10 -8.25
C GLY A 293 -14.66 -7.71 -8.59
N SER A 294 -15.94 -7.53 -8.97
CA SER A 294 -16.40 -6.16 -9.22
C SER A 294 -16.72 -5.39 -7.96
N ARG A 295 -16.95 -6.06 -6.85
CA ARG A 295 -17.26 -5.43 -5.57
C ARG A 295 -16.03 -5.22 -4.72
N ALA A 296 -14.84 -5.47 -5.26
CA ALA A 296 -13.63 -5.41 -4.46
C ALA A 296 -13.23 -3.96 -4.14
N SER A 297 -13.43 -3.05 -5.09
CA SER A 297 -13.04 -1.66 -4.84
C SER A 297 -14.23 -0.85 -4.32
N LEU A 298 -14.77 -1.30 -3.19
CA LEU A 298 -15.96 -0.67 -2.62
C LEU A 298 -15.95 -0.86 -1.12
N PRO A 299 -16.51 0.09 -0.36
CA PRO A 299 -16.66 -0.12 1.08
C PRO A 299 -17.69 -1.19 1.39
N LYS A 300 -17.58 -1.72 2.60
CA LYS A 300 -18.44 -2.83 3.04
C LYS A 300 -19.76 -2.23 3.50
N VAL A 301 -20.58 -1.84 2.54
CA VAL A 301 -21.90 -1.30 2.83
C VAL A 301 -22.88 -2.44 3.02
N SER A 302 -23.99 -2.13 3.69
CA SER A 302 -24.94 -3.16 4.10
C SER A 302 -26.31 -2.99 3.43
N TYR A 303 -26.34 -2.39 2.25
CA TYR A 303 -27.57 -2.29 1.50
C TYR A 303 -27.34 -2.84 0.11
N VAL A 304 -28.43 -3.21 -0.55
CA VAL A 304 -28.35 -3.81 -1.87
C VAL A 304 -28.13 -2.73 -2.91
N LYS A 305 -27.10 -2.89 -3.74
CA LYS A 305 -26.76 -1.94 -4.79
C LYS A 305 -27.33 -2.43 -6.12
N ALA A 306 -27.10 -1.65 -7.17
CA ALA A 306 -27.61 -2.03 -8.48
C ALA A 306 -26.78 -3.13 -9.13
N ILE A 307 -25.46 -3.15 -8.90
CA ILE A 307 -24.66 -4.23 -9.47
C ILE A 307 -24.98 -5.54 -8.79
N ASP A 308 -25.39 -5.50 -7.52
CA ASP A 308 -25.84 -6.71 -6.84
C ASP A 308 -27.03 -7.32 -7.57
N ILE A 309 -27.99 -6.48 -7.93
CA ILE A 309 -29.18 -6.93 -8.66
C ILE A 309 -28.81 -7.47 -10.03
N TRP A 310 -27.90 -6.78 -10.73
CA TRP A 310 -27.53 -7.21 -12.08
C TRP A 310 -26.78 -8.54 -12.05
N MET A 311 -25.75 -8.65 -11.22
CA MET A 311 -25.00 -9.90 -11.14
C MET A 311 -25.84 -11.03 -10.58
N ALA A 312 -26.81 -10.70 -9.72
CA ALA A 312 -27.68 -11.74 -9.18
C ALA A 312 -28.62 -12.29 -10.24
N VAL A 313 -29.17 -11.43 -11.10
CA VAL A 313 -30.06 -11.94 -12.13
C VAL A 313 -29.28 -12.70 -13.21
N CYS A 314 -28.07 -12.24 -13.54
CA CYS A 314 -27.26 -12.96 -14.51
C CYS A 314 -26.82 -14.32 -13.98
N LEU A 315 -26.44 -14.37 -12.71
CA LEU A 315 -26.08 -15.64 -12.07
C LEU A 315 -27.29 -16.56 -11.98
N LEU A 316 -28.47 -15.99 -11.75
CA LEU A 316 -29.69 -16.80 -11.74
C LEU A 316 -29.98 -17.37 -13.12
N PHE A 317 -29.65 -16.63 -14.17
CA PHE A 317 -29.89 -17.12 -15.53
C PHE A 317 -28.97 -18.29 -15.87
N VAL A 318 -27.69 -18.18 -15.54
CA VAL A 318 -26.80 -19.30 -15.84
C VAL A 318 -27.08 -20.50 -14.93
N PHE A 319 -27.57 -20.26 -13.72
CA PHE A 319 -27.91 -21.36 -12.84
C PHE A 319 -29.17 -22.07 -13.29
N SER A 320 -30.13 -21.32 -13.82
CA SER A 320 -31.33 -21.94 -14.38
C SER A 320 -31.02 -22.73 -15.63
N ALA A 321 -30.06 -22.28 -16.44
CA ALA A 321 -29.63 -23.09 -17.59
C ALA A 321 -29.05 -24.43 -17.14
N LEU A 322 -28.26 -24.42 -16.07
CA LEU A 322 -27.74 -25.69 -15.56
C LEU A 322 -28.86 -26.57 -15.01
N LEU A 323 -29.86 -25.96 -14.38
CA LEU A 323 -31.00 -26.74 -13.88
C LEU A 323 -31.83 -27.32 -15.03
N GLU A 324 -31.93 -26.58 -16.13
CA GLU A 324 -32.65 -27.09 -17.29
C GLU A 324 -31.96 -28.29 -17.90
N TYR A 325 -30.64 -28.27 -17.96
CA TYR A 325 -29.96 -29.48 -18.45
C TYR A 325 -30.09 -30.64 -17.46
N ALA A 326 -30.14 -30.35 -16.16
CA ALA A 326 -30.30 -31.44 -15.20
C ALA A 326 -31.67 -32.08 -15.30
N ALA A 327 -32.70 -31.29 -15.60
CA ALA A 327 -34.03 -31.86 -15.81
C ALA A 327 -34.10 -32.67 -17.10
N VAL A 328 -33.44 -32.19 -18.16
CA VAL A 328 -33.38 -32.94 -19.42
C VAL A 328 -32.70 -34.29 -19.24
N ASN A 329 -31.59 -34.31 -18.50
CA ASN A 329 -30.88 -35.57 -18.32
C ASN A 329 -31.57 -36.47 -17.31
N PHE A 330 -32.41 -35.91 -16.44
CA PHE A 330 -33.23 -36.78 -15.58
C PHE A 330 -34.34 -37.45 -16.38
N ILE A 331 -34.97 -36.73 -17.29
CA ILE A 331 -35.98 -37.33 -18.16
C ILE A 331 -35.37 -38.40 -19.05
N ALA A 332 -34.15 -38.15 -19.55
CA ALA A 332 -33.44 -39.16 -20.33
C ALA A 332 -33.06 -40.37 -19.47
N ARG A 333 -32.75 -40.16 -18.19
CA ARG A 333 -32.49 -41.25 -17.27
C ARG A 333 -33.72 -42.14 -17.11
N GLN A 334 -34.89 -41.52 -16.96
CA GLN A 334 -36.14 -42.29 -16.86
C GLN A 334 -36.38 -43.06 -18.15
N HIS A 335 -35.99 -42.45 -19.28
CA HIS A 335 -36.08 -43.08 -20.59
C HIS A 335 -35.21 -44.33 -20.65
N LYS A 336 -33.95 -44.20 -20.23
CA LYS A 336 -33.01 -45.32 -20.30
C LYS A 336 -33.37 -46.44 -19.33
N GLU A 337 -33.88 -46.11 -18.13
CA GLU A 337 -34.28 -47.17 -17.21
C GLU A 337 -35.52 -47.92 -17.67
N LEU A 338 -36.48 -47.22 -18.26
CA LEU A 338 -37.63 -47.96 -18.74
C LEU A 338 -37.35 -48.67 -20.05
N LEU A 339 -36.28 -48.30 -20.76
CA LEU A 339 -35.92 -49.04 -21.95
C LEU A 339 -35.19 -50.34 -21.61
N ARG A 340 -34.14 -50.27 -20.79
CA ARG A 340 -33.34 -51.44 -20.45
C ARG A 340 -33.55 -51.83 -19.00
N PHE A 341 -33.84 -53.10 -18.77
CA PHE A 341 -34.07 -53.61 -17.42
C PHE A 341 -32.85 -54.37 -16.88
N LYS A 394 -45.76 -53.62 -23.69
CA LYS A 394 -45.59 -52.94 -22.41
C LYS A 394 -45.53 -51.43 -22.63
N THR A 395 -46.15 -50.97 -23.73
CA THR A 395 -46.26 -49.56 -24.15
C THR A 395 -44.88 -48.88 -24.22
N VAL A 396 -43.87 -49.66 -24.59
CA VAL A 396 -42.49 -49.18 -24.50
C VAL A 396 -42.18 -48.21 -25.62
N GLU A 397 -42.72 -48.45 -26.82
CA GLU A 397 -42.38 -47.60 -27.97
C GLU A 397 -42.95 -46.19 -27.80
N GLU A 398 -44.25 -46.08 -27.52
CA GLU A 398 -44.88 -44.78 -27.31
C GLU A 398 -44.44 -44.07 -26.02
N MET A 399 -44.00 -44.78 -24.97
CA MET A 399 -43.35 -44.04 -23.86
C MET A 399 -41.94 -43.57 -24.20
N ARG A 400 -41.22 -44.28 -25.07
CA ARG A 400 -39.93 -43.81 -25.55
C ARG A 400 -40.15 -42.55 -26.37
N LYS A 401 -41.19 -42.57 -27.20
CA LYS A 401 -41.57 -41.42 -28.00
C LYS A 401 -41.92 -40.26 -27.08
N LEU A 402 -42.75 -40.50 -26.07
CA LEU A 402 -43.15 -39.43 -25.15
C LEU A 402 -41.94 -38.81 -24.45
N PHE A 403 -41.00 -39.64 -23.95
CA PHE A 403 -39.86 -39.03 -23.26
C PHE A 403 -38.84 -38.38 -24.22
N ILE A 404 -38.66 -38.88 -25.44
CA ILE A 404 -37.78 -38.19 -26.38
C ILE A 404 -38.42 -36.92 -26.91
N SER A 405 -39.72 -36.95 -27.18
CA SER A 405 -40.43 -35.76 -27.62
C SER A 405 -40.46 -34.70 -26.54
N ARG A 406 -40.64 -35.09 -25.28
CA ARG A 406 -40.65 -34.12 -24.20
C ARG A 406 -39.24 -33.56 -23.98
N ALA A 407 -38.21 -34.40 -24.07
CA ALA A 407 -36.85 -33.91 -23.90
C ALA A 407 -36.42 -33.02 -25.07
N LYS A 408 -36.99 -33.22 -26.26
CA LYS A 408 -36.72 -32.30 -27.36
C LYS A 408 -37.51 -31.02 -27.18
N ARG A 409 -38.74 -31.12 -26.66
CA ARG A 409 -39.59 -29.95 -26.52
C ARG A 409 -39.06 -29.00 -25.47
N ILE A 410 -38.43 -29.54 -24.42
CA ILE A 410 -37.87 -28.68 -23.38
C ILE A 410 -36.72 -27.85 -23.94
N ASP A 411 -35.83 -28.49 -24.71
CA ASP A 411 -34.73 -27.76 -25.35
C ASP A 411 -35.24 -26.75 -26.37
N THR A 412 -36.26 -27.12 -27.14
CA THR A 412 -36.76 -26.23 -28.18
C THR A 412 -37.47 -25.02 -27.59
N VAL A 413 -38.18 -25.20 -26.48
CA VAL A 413 -38.84 -24.05 -25.89
C VAL A 413 -37.85 -23.23 -25.07
N SER A 414 -36.79 -23.86 -24.54
CA SER A 414 -35.82 -23.13 -23.75
C SER A 414 -34.96 -22.24 -24.63
N ARG A 415 -34.64 -22.73 -25.83
CA ARG A 415 -33.80 -22.00 -26.76
C ARG A 415 -34.41 -20.68 -27.20
N VAL A 416 -35.74 -20.61 -27.23
CA VAL A 416 -36.43 -19.36 -27.50
C VAL A 416 -36.70 -18.59 -26.21
N ALA A 417 -37.06 -19.29 -25.13
CA ALA A 417 -37.58 -18.62 -23.95
C ALA A 417 -36.50 -17.95 -23.12
N PHE A 418 -35.25 -18.44 -23.17
CA PHE A 418 -34.22 -17.83 -22.34
C PHE A 418 -33.83 -16.42 -22.80
N PRO A 419 -33.46 -16.17 -24.07
CA PRO A 419 -33.05 -14.80 -24.41
C PRO A 419 -34.18 -13.81 -24.45
N LEU A 420 -35.42 -14.25 -24.69
CA LEU A 420 -36.53 -13.31 -24.68
C LEU A 420 -36.82 -12.78 -23.28
N VAL A 421 -36.77 -13.66 -22.27
CA VAL A 421 -37.01 -13.19 -20.90
C VAL A 421 -35.80 -12.40 -20.42
N PHE A 422 -34.61 -12.70 -20.95
CA PHE A 422 -33.47 -11.87 -20.62
C PHE A 422 -33.58 -10.48 -21.22
N LEU A 423 -34.09 -10.37 -22.44
CA LEU A 423 -34.29 -9.06 -23.05
C LEU A 423 -35.36 -8.26 -22.32
N ILE A 424 -36.39 -8.95 -21.82
CA ILE A 424 -37.43 -8.29 -21.04
C ILE A 424 -36.86 -7.74 -19.73
N PHE A 425 -36.05 -8.55 -19.04
CA PHE A 425 -35.40 -8.07 -17.82
C PHE A 425 -34.47 -6.91 -18.10
N ASN A 426 -33.76 -6.94 -19.22
CA ASN A 426 -32.83 -5.87 -19.55
C ASN A 426 -33.55 -4.56 -19.76
N ILE A 427 -34.64 -4.57 -20.53
CA ILE A 427 -35.32 -3.30 -20.77
C ILE A 427 -36.02 -2.81 -19.51
N PHE A 428 -36.50 -3.72 -18.65
CA PHE A 428 -37.16 -3.28 -17.42
C PHE A 428 -36.17 -2.67 -16.44
N TYR A 429 -35.04 -3.36 -16.22
CA TYR A 429 -33.98 -2.84 -15.35
C TYR A 429 -33.44 -1.51 -15.85
N TRP A 430 -33.22 -1.40 -17.16
CA TRP A 430 -32.62 -0.18 -17.68
C TRP A 430 -33.58 0.99 -17.58
N ILE A 431 -34.87 0.79 -17.90
CA ILE A 431 -35.78 1.93 -17.79
C ILE A 431 -36.07 2.28 -16.33
N THR A 432 -36.08 1.32 -15.40
CA THR A 432 -36.33 1.71 -14.03
C THR A 432 -35.14 2.43 -13.43
N TYR A 433 -33.92 2.09 -13.85
CA TYR A 433 -32.80 2.85 -13.36
C TYR A 433 -32.67 4.19 -14.07
N LYS A 434 -33.14 4.29 -15.31
CA LYS A 434 -33.18 5.59 -15.98
C LYS A 434 -34.17 6.52 -15.29
N ILE A 435 -35.34 6.01 -14.90
CA ILE A 435 -36.32 6.86 -14.24
C ILE A 435 -35.90 7.16 -12.80
N ILE A 436 -35.18 6.26 -12.13
CA ILE A 436 -34.73 6.61 -10.78
C ILE A 436 -33.49 7.50 -10.81
N ARG A 437 -32.74 7.48 -11.91
CA ARG A 437 -31.63 8.41 -12.06
C ARG A 437 -32.17 9.80 -12.38
N SER A 438 -33.19 9.87 -13.23
CA SER A 438 -33.80 11.16 -13.52
C SER A 438 -34.59 11.67 -12.34
N GLU A 439 -35.13 10.78 -11.50
CA GLU A 439 -35.80 11.23 -10.28
C GLU A 439 -34.79 11.77 -9.29
N ASP A 440 -33.58 11.22 -9.28
CA ASP A 440 -32.55 11.72 -8.36
C ASP A 440 -32.07 13.09 -8.85
N ILE A 441 -31.98 13.27 -10.17
CA ILE A 441 -31.54 14.56 -10.73
C ILE A 441 -32.66 15.60 -10.70
N HIS A 442 -33.92 15.18 -10.59
CA HIS A 442 -35.03 16.12 -10.45
C HIS A 442 -35.26 16.51 -9.00
N LYS A 443 -35.08 15.58 -8.06
CA LYS A 443 -35.27 15.90 -6.65
C LYS A 443 -34.06 16.66 -6.13
N GLN A 444 -32.87 16.26 -6.57
CA GLN A 444 -31.56 16.80 -6.21
C GLN A 444 -31.32 16.77 -4.69
N PRO B 31 42.01 44.44 1.53
CA PRO B 31 42.44 44.58 2.92
C PRO B 31 41.28 44.60 3.89
N MET B 32 40.08 44.86 3.37
CA MET B 32 38.92 44.91 4.25
C MET B 32 38.50 43.52 4.69
N PRO B 33 38.23 43.32 5.99
CA PRO B 33 37.78 42.01 6.44
C PRO B 33 36.36 41.72 5.99
N PRO B 34 36.03 40.46 5.71
CA PRO B 34 34.72 40.14 5.14
C PRO B 34 33.51 40.21 6.05
N SER B 35 33.64 40.17 7.39
CA SER B 35 32.45 40.17 8.23
C SER B 35 31.68 41.48 8.22
N GLU B 36 32.37 42.61 8.27
CA GLU B 36 31.67 43.89 8.20
C GLU B 36 31.08 44.10 6.81
N PHE B 37 31.79 43.65 5.75
CA PHE B 37 31.25 43.80 4.42
C PHE B 37 29.98 42.98 4.21
N LEU B 38 29.91 41.79 4.81
CA LEU B 38 28.69 41.01 4.61
C LEU B 38 27.67 41.22 5.71
N ASP B 39 27.92 42.11 6.65
CA ASP B 39 26.84 42.61 7.49
C ASP B 39 26.46 44.04 7.15
N LYS B 40 27.23 44.69 6.29
CA LYS B 40 26.93 46.04 5.87
C LYS B 40 25.75 46.09 4.92
N LEU B 41 25.74 45.20 3.93
CA LEU B 41 24.67 45.20 2.94
C LEU B 41 23.36 44.65 3.46
N MET B 42 23.37 43.82 4.50
CA MET B 42 22.13 43.31 5.06
C MET B 42 21.87 43.83 6.46
N GLY B 43 22.57 44.88 6.87
CA GLY B 43 22.38 45.45 8.19
C GLY B 43 21.17 46.35 8.29
N LYS B 44 20.67 46.49 9.52
CA LYS B 44 19.55 47.38 9.75
C LYS B 44 20.00 48.83 9.83
N VAL B 45 21.30 49.07 9.93
CA VAL B 45 21.81 50.43 9.77
C VAL B 45 21.82 50.78 8.29
N SER B 46 21.81 49.77 7.42
CA SER B 46 21.59 49.97 6.00
C SER B 46 20.09 50.01 5.77
N GLY B 47 19.68 50.60 4.67
CA GLY B 47 18.27 50.71 4.40
C GLY B 47 17.82 49.65 3.42
N TYR B 48 18.24 48.40 3.65
CA TYR B 48 17.97 47.35 2.68
C TYR B 48 16.49 46.99 2.60
N ASP B 49 15.85 46.70 3.73
CA ASP B 49 14.40 46.44 3.83
C ASP B 49 13.95 45.30 2.91
N ALA B 50 14.34 44.08 3.28
CA ALA B 50 14.11 42.91 2.44
C ALA B 50 12.65 42.60 2.16
N ARG B 51 11.72 43.14 2.94
CA ARG B 51 10.31 43.01 2.64
C ARG B 51 9.93 43.79 1.38
N ILE B 52 10.53 44.96 1.18
CA ILE B 52 10.27 45.78 0.00
C ILE B 52 10.99 45.22 -1.22
N ARG B 53 10.26 45.03 -2.32
CA ARG B 53 10.82 44.57 -3.58
C ARG B 53 11.80 45.58 -4.18
N PRO B 54 12.75 45.12 -5.00
CA PRO B 54 13.69 46.07 -5.62
C PRO B 54 13.02 46.97 -6.64
N ASN B 55 13.62 48.15 -6.80
CA ASN B 55 13.11 49.31 -7.56
C ASN B 55 11.61 49.48 -7.39
N PHE B 56 11.24 49.74 -6.14
CA PHE B 56 9.86 49.92 -5.75
C PHE B 56 9.26 51.16 -6.41
N LYS B 57 7.96 51.07 -6.71
CA LYS B 57 7.19 52.07 -7.45
C LYS B 57 7.81 52.36 -8.82
N GLY B 58 8.15 51.31 -9.54
CA GLY B 58 8.77 51.45 -10.84
C GLY B 58 8.41 50.33 -11.79
N PRO B 59 9.33 49.98 -12.66
CA PRO B 59 9.10 48.90 -13.61
C PRO B 59 9.14 47.55 -12.93
N PRO B 60 8.50 46.53 -13.50
CA PRO B 60 8.50 45.21 -12.85
C PRO B 60 9.86 44.54 -12.88
N VAL B 61 10.09 43.71 -11.87
CA VAL B 61 11.31 42.91 -11.80
C VAL B 61 11.25 41.80 -12.83
N ASN B 62 12.36 41.57 -13.52
CA ASN B 62 12.44 40.55 -14.57
C ASN B 62 13.27 39.41 -14.02
N VAL B 63 12.68 38.23 -13.95
CA VAL B 63 13.32 37.05 -13.38
C VAL B 63 13.52 36.03 -14.48
N THR B 64 14.75 35.58 -14.64
CA THR B 64 15.12 34.56 -15.62
C THR B 64 15.34 33.22 -14.93
N CYS B 65 14.64 32.20 -15.39
CA CYS B 65 14.64 30.89 -14.74
C CYS B 65 15.08 29.80 -15.70
N ASN B 66 16.02 28.97 -15.28
CA ASN B 66 16.34 27.75 -16.00
C ASN B 66 16.39 26.61 -14.99
N ILE B 67 15.87 25.45 -15.35
CA ILE B 67 15.83 24.31 -14.44
C ILE B 67 16.75 23.23 -14.95
N PHE B 68 17.23 22.39 -14.05
CA PHE B 68 18.12 21.30 -14.41
C PHE B 68 17.48 20.01 -13.90
N ILE B 69 17.06 19.14 -14.81
CA ILE B 69 16.39 17.91 -14.44
C ILE B 69 17.42 16.91 -13.91
N ASN B 70 17.45 16.72 -12.59
CA ASN B 70 18.42 15.81 -12.01
C ASN B 70 17.91 14.39 -12.00
N SER B 71 16.64 14.19 -11.67
CA SER B 71 16.00 12.89 -11.71
C SER B 71 14.62 13.08 -12.26
N PHE B 72 14.18 12.15 -13.10
CA PHE B 72 12.84 12.19 -13.65
C PHE B 72 12.36 10.75 -13.67
N GLY B 73 11.17 10.48 -13.17
CA GLY B 73 10.73 9.10 -13.09
C GLY B 73 9.54 8.96 -12.16
N SER B 74 9.29 7.70 -11.77
CA SER B 74 8.18 7.32 -10.87
C SER B 74 6.85 7.75 -11.46
N ILE B 75 6.70 7.56 -12.76
CA ILE B 75 5.50 7.97 -13.48
C ILE B 75 4.41 6.94 -13.24
N ALA B 76 3.32 7.36 -12.63
CA ALA B 76 2.21 6.47 -12.33
C ALA B 76 0.98 6.93 -13.09
N GLU B 77 0.32 5.97 -13.75
CA GLU B 77 -0.81 6.27 -14.60
C GLU B 77 -2.10 6.40 -13.82
N THR B 78 -2.22 5.63 -12.73
CA THR B 78 -3.48 5.52 -12.00
C THR B 78 -3.82 6.73 -11.14
N THR B 79 -2.84 7.57 -10.82
CA THR B 79 -3.10 8.82 -10.12
C THR B 79 -2.63 10.01 -10.92
N MET B 80 -2.15 9.77 -12.13
CA MET B 80 -1.79 10.76 -13.14
C MET B 80 -0.79 11.81 -12.65
N ASP B 81 0.35 11.35 -12.11
CA ASP B 81 1.38 12.28 -11.67
C ASP B 81 2.77 11.66 -11.79
N TYR B 82 3.78 12.53 -11.79
CA TYR B 82 5.17 12.12 -11.95
C TYR B 82 6.05 12.92 -11.00
N ARG B 83 7.23 12.39 -10.71
CA ARG B 83 8.12 12.94 -9.69
C ARG B 83 9.44 13.38 -10.33
N VAL B 84 9.75 14.68 -10.23
CA VAL B 84 10.99 15.22 -10.76
C VAL B 84 11.89 15.65 -9.61
N ASN B 85 13.17 15.81 -9.93
CA ASN B 85 14.16 16.45 -9.06
C ASN B 85 14.78 17.59 -9.86
N ILE B 86 14.58 18.84 -9.46
CA ILE B 86 15.04 19.93 -10.30
C ILE B 86 15.98 20.83 -9.52
N PHE B 87 16.89 21.47 -10.23
CA PHE B 87 17.76 22.50 -9.67
C PHE B 87 17.22 23.84 -10.17
N LEU B 88 16.31 24.45 -9.41
CA LEU B 88 15.66 25.69 -9.84
C LEU B 88 16.60 26.89 -9.70
N ARG B 89 17.03 27.46 -10.82
CA ARG B 89 17.93 28.61 -10.82
C ARG B 89 17.17 29.86 -11.22
N GLN B 90 17.16 30.87 -10.36
CA GLN B 90 16.45 32.13 -10.60
C GLN B 90 17.43 33.29 -10.64
N GLN B 91 17.44 34.05 -11.73
CA GLN B 91 18.31 35.21 -11.89
C GLN B 91 17.49 36.49 -11.95
N TRP B 92 17.76 37.41 -11.04
CA TRP B 92 17.12 38.73 -11.05
C TRP B 92 18.11 39.76 -10.56
N ASN B 93 17.86 41.02 -10.90
CA ASN B 93 18.78 42.09 -10.57
C ASN B 93 18.25 42.92 -9.40
N ASP B 94 19.11 43.19 -8.42
CA ASP B 94 18.79 44.03 -7.27
C ASP B 94 19.71 45.23 -7.24
N PRO B 95 19.21 46.46 -7.33
CA PRO B 95 20.12 47.62 -7.34
C PRO B 95 20.74 47.93 -6.00
N ARG B 96 20.05 47.64 -4.90
CA ARG B 96 20.57 47.96 -3.57
C ARG B 96 21.68 47.02 -3.14
N LEU B 97 21.76 45.85 -3.76
CA LEU B 97 22.76 44.85 -3.41
C LEU B 97 24.11 45.12 -4.07
N ALA B 98 24.22 46.12 -4.93
CA ALA B 98 25.45 46.37 -5.67
C ALA B 98 26.54 46.92 -4.75
N TYR B 99 27.76 46.42 -4.94
CA TYR B 99 28.92 46.80 -4.14
C TYR B 99 30.06 47.20 -5.05
N SER B 100 30.81 48.22 -4.66
CA SER B 100 31.94 48.68 -5.45
C SER B 100 33.27 48.58 -4.71
N GLU B 101 33.29 48.00 -3.51
CA GLU B 101 34.55 47.94 -2.77
C GLU B 101 35.44 46.80 -3.22
N TYR B 102 34.92 45.61 -3.27
CA TYR B 102 35.70 44.42 -3.62
C TYR B 102 35.87 44.29 -5.13
N PRO B 103 37.04 43.85 -5.60
CA PRO B 103 37.28 43.76 -7.04
C PRO B 103 36.82 42.46 -7.68
N ASP B 104 36.50 41.44 -6.90
CA ASP B 104 36.04 40.17 -7.47
C ASP B 104 34.60 40.29 -7.94
N ASP B 105 34.30 39.58 -9.01
CA ASP B 105 32.99 39.70 -9.63
C ASP B 105 31.98 38.67 -9.13
N SER B 106 32.41 37.45 -8.80
CA SER B 106 31.44 36.41 -8.47
C SER B 106 30.97 36.51 -7.03
N LEU B 107 31.88 36.34 -6.07
CA LEU B 107 31.61 36.38 -4.62
C LEU B 107 30.49 35.40 -4.22
N ASP B 108 30.81 34.11 -4.27
CA ASP B 108 29.88 33.10 -3.77
C ASP B 108 29.68 33.24 -2.27
N LEU B 109 28.42 33.26 -1.83
CA LEU B 109 28.10 33.46 -0.43
C LEU B 109 27.53 32.21 0.22
N ASP B 110 27.54 32.21 1.54
CA ASP B 110 27.02 31.15 2.39
C ASP B 110 25.48 31.21 2.45
N PRO B 111 24.82 30.06 2.35
CA PRO B 111 23.35 30.05 2.24
C PRO B 111 22.59 30.23 3.54
N SER B 112 23.25 30.50 4.67
CA SER B 112 22.49 30.65 5.90
C SER B 112 21.84 32.01 5.99
N MET B 113 22.46 33.01 5.38
CA MET B 113 21.90 34.36 5.34
C MET B 113 21.11 34.55 4.06
N LEU B 114 20.07 33.75 3.95
CA LEU B 114 19.13 33.85 2.84
C LEU B 114 17.75 34.12 3.40
N ASP B 115 17.72 34.80 4.54
CA ASP B 115 16.52 35.23 5.21
C ASP B 115 16.08 36.60 4.73
N SER B 116 17.05 37.50 4.51
CA SER B 116 16.78 38.85 4.07
C SER B 116 17.59 39.14 2.81
N ILE B 117 17.06 38.70 1.67
CA ILE B 117 17.69 38.90 0.36
C ILE B 117 16.63 39.33 -0.65
N TRP B 118 15.35 39.22 -0.26
CA TRP B 118 14.18 39.32 -1.15
C TRP B 118 14.28 38.24 -2.23
N LYS B 119 14.13 37.02 -1.80
CA LYS B 119 13.89 35.96 -2.75
C LYS B 119 12.50 36.15 -3.38
N PRO B 120 12.35 35.92 -4.68
CA PRO B 120 11.04 36.09 -5.30
C PRO B 120 10.14 34.92 -4.98
N ASP B 121 8.85 35.18 -4.99
CA ASP B 121 7.87 34.14 -4.72
C ASP B 121 7.63 33.32 -5.97
N LEU B 122 7.70 32.02 -5.83
CA LEU B 122 7.49 31.14 -6.96
C LEU B 122 6.78 29.92 -6.46
N PHE B 123 5.78 29.46 -7.20
CA PHE B 123 5.12 28.24 -6.77
C PHE B 123 4.64 27.54 -8.02
N PHE B 124 4.62 26.24 -7.95
CA PHE B 124 4.23 25.43 -9.09
C PHE B 124 2.72 25.26 -9.06
N ALA B 125 2.09 25.42 -10.22
CA ALA B 125 0.64 25.48 -10.29
C ALA B 125 0.01 24.12 -10.10
N ASN B 126 0.62 23.07 -10.62
CA ASN B 126 0.05 21.73 -10.55
C ASN B 126 1.05 20.86 -9.81
N GLU B 127 0.93 20.79 -8.49
CA GLU B 127 1.92 20.02 -7.77
C GLU B 127 1.38 19.53 -6.44
N LYS B 128 2.00 18.46 -5.96
CA LYS B 128 1.81 17.91 -4.64
C LYS B 128 3.20 17.74 -4.03
N GLY B 129 3.26 17.69 -2.71
CA GLY B 129 4.54 17.49 -2.08
C GLY B 129 5.41 18.72 -2.08
N ALA B 130 6.43 18.74 -2.95
CA ALA B 130 7.39 19.84 -3.10
C ALA B 130 8.12 20.12 -1.79
N ASN B 131 8.86 19.13 -1.32
CA ASN B 131 9.67 19.26 -0.12
C ASN B 131 11.11 19.64 -0.44
N PHE B 132 11.68 20.49 0.41
CA PHE B 132 13.05 20.95 0.32
C PHE B 132 13.99 19.85 0.83
N HIS B 133 15.29 20.00 0.56
CA HIS B 133 16.28 19.05 1.04
C HIS B 133 17.10 19.67 2.16
N GLU B 134 16.93 19.15 3.38
CA GLU B 134 17.62 19.67 4.54
C GLU B 134 18.78 18.79 4.99
N VAL B 135 19.31 17.93 4.12
CA VAL B 135 20.31 16.96 4.54
C VAL B 135 21.69 17.58 4.51
N THR B 136 22.30 17.63 5.71
CA THR B 136 23.66 18.02 6.09
C THR B 136 23.84 19.54 6.00
N THR B 137 22.91 20.24 5.36
CA THR B 137 22.81 21.68 5.13
C THR B 137 21.55 21.85 4.31
N ASP B 138 21.03 23.07 4.26
CA ASP B 138 20.02 23.46 3.30
C ASP B 138 20.64 23.52 1.90
N ASN B 139 20.08 22.75 0.98
CA ASN B 139 20.63 22.64 -0.38
C ASN B 139 20.30 23.91 -1.14
N LYS B 140 21.13 24.94 -0.96
CA LYS B 140 20.86 26.26 -1.52
C LYS B 140 22.16 26.87 -2.04
N LEU B 141 22.01 27.77 -3.00
CA LEU B 141 23.14 28.48 -3.61
C LEU B 141 22.80 29.95 -3.71
N LEU B 142 23.68 30.81 -3.22
CA LEU B 142 23.50 32.25 -3.29
C LEU B 142 24.77 32.86 -3.86
N ARG B 143 24.65 33.57 -4.98
CA ARG B 143 25.81 34.22 -5.59
C ARG B 143 25.40 35.59 -6.10
N ILE B 144 25.96 36.63 -5.50
CA ILE B 144 25.61 38.02 -5.80
C ILE B 144 26.73 38.64 -6.63
N SER B 145 26.40 39.10 -7.82
CA SER B 145 27.40 39.69 -8.69
C SER B 145 27.71 41.11 -8.25
N LYS B 146 28.67 41.74 -8.94
CA LYS B 146 29.09 43.08 -8.55
C LYS B 146 28.08 44.14 -8.95
N ASN B 147 27.44 43.99 -10.09
CA ASN B 147 26.46 44.97 -10.53
C ASN B 147 25.09 44.78 -9.91
N GLY B 148 24.86 43.68 -9.22
CA GLY B 148 23.58 43.42 -8.57
C GLY B 148 22.85 42.18 -9.05
N ASN B 149 23.44 41.37 -9.92
CA ASN B 149 22.78 40.17 -10.40
C ASN B 149 22.85 39.10 -9.32
N VAL B 150 21.73 38.45 -9.04
CA VAL B 150 21.63 37.45 -7.98
C VAL B 150 21.31 36.09 -8.58
N LEU B 151 22.12 35.09 -8.24
CA LEU B 151 21.88 33.71 -8.63
C LEU B 151 21.37 32.91 -7.43
N TYR B 152 20.16 32.37 -7.54
CA TYR B 152 19.51 31.64 -6.47
C TYR B 152 19.12 30.24 -6.94
N SER B 153 19.82 29.23 -6.44
CA SER B 153 19.58 27.84 -6.83
C SER B 153 19.08 27.03 -5.64
N ILE B 154 17.99 26.29 -5.83
CA ILE B 154 17.45 25.40 -4.80
C ILE B 154 17.11 24.06 -5.43
N ARG B 155 17.32 22.99 -4.68
CA ARG B 155 17.02 21.63 -5.12
C ARG B 155 15.71 21.17 -4.50
N ILE B 156 14.71 20.86 -5.34
CA ILE B 156 13.38 20.45 -4.88
C ILE B 156 12.89 19.24 -5.66
N THR B 157 12.25 18.30 -4.97
CA THR B 157 11.50 17.21 -5.60
C THR B 157 10.01 17.49 -5.59
N LEU B 158 9.40 17.52 -6.76
CA LEU B 158 7.98 17.84 -6.88
C LEU B 158 7.21 16.67 -7.44
N VAL B 159 6.10 16.33 -6.82
CA VAL B 159 5.17 15.36 -7.38
C VAL B 159 4.24 16.16 -8.28
N LEU B 160 4.64 16.36 -9.52
CA LEU B 160 3.89 17.17 -10.46
C LEU B 160 2.75 16.35 -11.03
N ALA B 161 1.56 16.91 -11.02
CA ALA B 161 0.37 16.22 -11.52
C ALA B 161 0.07 16.65 -12.94
N CYS B 162 0.06 15.71 -13.86
CA CYS B 162 -0.27 16.07 -15.22
C CYS B 162 -1.42 15.21 -15.70
N PRO B 163 -2.37 15.80 -16.43
CA PRO B 163 -3.42 14.99 -17.02
C PRO B 163 -2.91 14.32 -18.28
N MET B 164 -3.28 13.06 -18.45
CA MET B 164 -2.81 12.28 -19.57
C MET B 164 -3.99 11.74 -20.36
N ASP B 165 -3.79 11.63 -21.66
CA ASP B 165 -4.79 11.08 -22.58
C ASP B 165 -4.43 9.64 -22.89
N LEU B 166 -5.37 8.74 -22.70
CA LEU B 166 -5.15 7.33 -22.94
C LEU B 166 -5.99 6.83 -24.10
N LYS B 167 -6.02 7.60 -25.18
CA LYS B 167 -6.76 7.18 -26.37
C LYS B 167 -6.09 5.99 -27.03
N ASN B 168 -4.77 5.91 -26.95
CA ASN B 168 -4.03 4.78 -27.48
C ASN B 168 -3.15 4.30 -26.35
N PHE B 169 -3.47 3.17 -25.73
CA PHE B 169 -2.65 2.85 -24.55
C PHE B 169 -1.27 2.23 -24.81
N PRO B 170 -1.08 1.23 -25.68
CA PRO B 170 0.29 0.72 -25.87
C PRO B 170 1.26 1.74 -26.44
N MET B 171 0.90 2.44 -27.50
CA MET B 171 1.75 3.49 -28.05
C MET B 171 1.09 4.84 -27.82
N ASP B 172 1.85 5.80 -27.29
CA ASP B 172 1.31 7.11 -27.01
C ASP B 172 2.48 8.04 -26.72
N VAL B 173 2.23 9.32 -26.92
CA VAL B 173 3.19 10.38 -26.69
C VAL B 173 2.53 11.30 -25.65
N GLN B 174 2.88 11.13 -24.39
CA GLN B 174 2.36 11.98 -23.33
C GLN B 174 3.11 13.29 -23.26
N THR B 175 2.42 14.38 -22.95
CA THR B 175 3.03 15.69 -22.85
C THR B 175 2.84 16.24 -21.44
N CYS B 176 3.86 16.05 -20.59
CA CYS B 176 3.81 16.53 -19.23
C CYS B 176 4.07 18.03 -19.17
N ILE B 177 3.27 18.73 -18.36
CA ILE B 177 3.28 20.18 -18.27
C ILE B 177 3.76 20.60 -16.88
N MET B 178 4.80 21.43 -16.83
CA MET B 178 5.33 21.98 -15.59
C MET B 178 5.13 23.50 -15.59
N GLN B 179 4.27 24.01 -14.71
CA GLN B 179 3.92 25.43 -14.69
C GLN B 179 4.51 26.13 -13.48
N LEU B 180 5.24 27.21 -13.71
CA LEU B 180 5.86 28.01 -12.66
C LEU B 180 5.26 29.40 -12.63
N GLU B 181 4.52 29.75 -11.58
CA GLU B 181 3.94 31.08 -11.51
C GLU B 181 4.13 31.69 -10.14
N SER B 182 3.73 32.95 -10.01
CA SER B 182 3.93 33.71 -8.79
C SER B 182 2.64 33.84 -8.00
N PHE B 183 2.79 34.06 -6.70
CA PHE B 183 1.70 34.22 -5.75
C PHE B 183 1.87 35.55 -5.02
N GLY B 184 0.93 36.45 -5.22
CA GLY B 184 0.92 37.68 -4.47
C GLY B 184 1.61 38.86 -5.11
N TYR B 185 2.16 38.70 -6.31
CA TYR B 185 2.74 39.82 -7.04
C TYR B 185 2.17 39.75 -8.45
N THR B 186 1.53 40.82 -8.88
CA THR B 186 0.83 40.82 -10.15
C THR B 186 1.83 40.98 -11.31
N MET B 187 1.29 41.11 -12.52
CA MET B 187 2.12 41.17 -13.71
C MET B 187 2.85 42.49 -13.82
N ASN B 188 2.25 43.57 -13.31
CA ASN B 188 2.92 44.86 -13.32
C ASN B 188 4.08 44.94 -12.33
N ASP B 189 4.12 44.08 -11.31
CA ASP B 189 5.24 44.10 -10.39
C ASP B 189 6.28 43.00 -10.61
N LEU B 190 5.88 41.81 -11.06
CA LEU B 190 6.82 40.71 -11.23
C LEU B 190 6.57 40.02 -12.56
N ILE B 191 7.61 39.85 -13.37
CA ILE B 191 7.51 39.20 -14.67
C ILE B 191 8.51 38.06 -14.74
N PHE B 192 8.04 36.85 -15.03
CA PHE B 192 8.88 35.67 -15.15
C PHE B 192 9.18 35.41 -16.62
N GLU B 193 10.44 35.14 -16.95
CA GLU B 193 10.83 34.87 -18.32
C GLU B 193 11.75 33.67 -18.36
N TRP B 194 11.72 32.95 -19.49
CA TRP B 194 12.60 31.80 -19.63
C TRP B 194 13.99 32.26 -20.01
N ASP B 195 14.97 31.37 -19.87
CA ASP B 195 16.33 31.70 -20.22
C ASP B 195 16.56 31.60 -21.73
N GLU B 196 17.47 32.42 -22.23
CA GLU B 196 17.77 32.39 -23.66
C GLU B 196 18.83 31.36 -24.00
N LYS B 197 19.88 31.25 -23.19
CA LYS B 197 20.92 30.25 -23.43
C LYS B 197 20.39 28.95 -22.84
N GLY B 198 19.83 28.12 -23.69
CA GLY B 198 19.25 26.85 -23.30
C GLY B 198 17.92 27.04 -22.58
N ALA B 199 17.16 25.98 -22.43
CA ALA B 199 15.88 26.06 -21.75
C ALA B 199 15.84 25.20 -20.51
N VAL B 200 16.05 23.91 -20.68
CA VAL B 200 15.97 22.91 -19.63
C VAL B 200 17.16 22.00 -19.87
N GLN B 201 18.00 21.86 -18.86
CA GLN B 201 19.17 21.02 -18.92
C GLN B 201 18.85 19.66 -18.31
N VAL B 202 18.96 18.64 -19.07
CA VAL B 202 18.74 17.30 -18.53
C VAL B 202 20.10 16.76 -18.13
N ALA B 203 20.14 15.91 -17.10
CA ALA B 203 21.40 15.36 -16.64
C ALA B 203 21.87 14.30 -17.62
N ASP B 204 23.18 14.20 -17.77
CA ASP B 204 23.72 13.20 -18.69
C ASP B 204 23.57 11.80 -18.11
N GLY B 205 23.24 10.85 -18.97
CA GLY B 205 23.01 9.50 -18.52
C GLY B 205 21.64 9.24 -17.94
N LEU B 206 20.76 10.22 -17.88
CA LEU B 206 19.44 10.00 -17.31
C LEU B 206 18.57 9.21 -18.26
N THR B 207 18.00 8.11 -17.75
CA THR B 207 17.18 7.21 -18.52
C THR B 207 15.92 6.89 -17.75
N LEU B 208 14.88 6.55 -18.50
CA LEU B 208 13.58 6.17 -17.97
C LEU B 208 13.30 4.74 -18.37
N PRO B 209 12.80 3.91 -17.46
CA PRO B 209 12.62 2.50 -17.80
C PRO B 209 11.44 2.27 -18.71
N GLN B 210 10.39 3.08 -18.58
CA GLN B 210 9.17 2.88 -19.34
C GLN B 210 8.96 3.86 -20.47
N PHE B 211 9.65 5.01 -20.48
CA PHE B 211 9.42 6.06 -21.46
C PHE B 211 10.72 6.51 -22.09
N ILE B 212 10.61 7.29 -23.16
CA ILE B 212 11.75 7.91 -23.83
C ILE B 212 11.53 9.41 -23.89
N LEU B 213 12.42 10.18 -23.27
CA LEU B 213 12.31 11.63 -23.25
C LEU B 213 12.80 12.21 -24.57
N LYS B 214 11.96 12.99 -25.24
CA LYS B 214 12.36 13.65 -26.48
C LYS B 214 13.37 14.77 -26.25
N GLU B 215 14.09 15.11 -27.32
CA GLU B 215 15.18 16.07 -27.25
C GLU B 215 14.71 17.52 -27.20
N GLU B 216 13.69 17.87 -27.96
CA GLU B 216 13.13 19.22 -27.92
C GLU B 216 12.09 19.38 -26.80
N LYS B 217 11.99 20.61 -26.30
CA LYS B 217 11.08 20.91 -25.21
C LYS B 217 10.42 22.25 -25.48
N ASP B 218 9.09 22.31 -25.36
CA ASP B 218 8.37 23.53 -25.65
C ASP B 218 8.44 24.53 -24.51
N LEU B 219 8.55 25.81 -24.85
CA LEU B 219 8.54 26.89 -23.88
C LEU B 219 7.42 27.85 -24.27
N ARG B 220 6.20 27.59 -23.81
CA ARG B 220 5.09 28.48 -24.11
C ARG B 220 4.64 29.10 -22.80
N TYR B 221 4.78 30.41 -22.67
CA TYR B 221 4.33 31.03 -21.43
C TYR B 221 2.94 31.59 -21.61
N CYS B 222 2.04 31.19 -20.71
CA CYS B 222 0.67 31.66 -20.67
C CYS B 222 0.45 32.35 -19.33
N THR B 223 -0.37 33.38 -19.33
CA THR B 223 -0.58 34.21 -18.15
C THR B 223 -1.96 33.91 -17.58
N LYS B 224 -1.99 33.40 -16.35
CA LYS B 224 -3.27 33.10 -15.74
C LYS B 224 -3.94 34.36 -15.20
N HIS B 225 -5.25 34.43 -15.38
CA HIS B 225 -6.06 35.56 -14.96
C HIS B 225 -6.97 35.12 -13.82
N TYR B 226 -7.02 35.92 -12.77
CA TYR B 226 -7.82 35.69 -11.60
C TYR B 226 -8.56 36.98 -11.29
N ASN B 227 -9.59 36.88 -10.45
CA ASN B 227 -10.36 38.06 -10.06
C ASN B 227 -9.47 39.08 -9.36
N THR B 228 -8.55 38.61 -8.51
CA THR B 228 -7.62 39.51 -7.83
C THR B 228 -6.73 40.24 -8.84
N GLY B 229 -6.25 39.54 -9.85
CA GLY B 229 -5.41 40.16 -10.85
C GLY B 229 -4.80 39.10 -11.75
N LYS B 230 -3.90 39.55 -12.60
CA LYS B 230 -3.19 38.65 -13.50
C LYS B 230 -1.81 38.37 -12.91
N PHE B 231 -1.33 37.15 -13.12
CA PHE B 231 -0.05 36.76 -12.54
C PHE B 231 0.84 36.13 -13.60
N THR B 232 2.13 36.43 -13.55
CA THR B 232 3.07 35.88 -14.52
C THR B 232 3.27 34.39 -14.34
N CYS B 233 3.35 33.68 -15.47
CA CYS B 233 3.46 32.23 -15.45
C CYS B 233 4.21 31.78 -16.68
N ILE B 234 5.16 30.88 -16.51
CA ILE B 234 5.90 30.28 -17.60
C ILE B 234 5.81 28.78 -17.45
N GLU B 235 5.78 28.06 -18.56
CA GLU B 235 5.63 26.62 -18.47
C GLU B 235 6.55 25.95 -19.46
N ALA B 236 6.89 24.69 -19.18
CA ALA B 236 7.72 23.88 -20.06
C ALA B 236 7.07 22.52 -20.26
N ARG B 237 7.10 22.02 -21.49
CA ARG B 237 6.45 20.77 -21.85
C ARG B 237 7.45 19.71 -22.26
N PHE B 238 7.37 18.52 -21.67
CA PHE B 238 8.20 17.39 -22.03
C PHE B 238 7.36 16.36 -22.77
N HIS B 239 7.81 15.99 -23.97
CA HIS B 239 7.10 15.01 -24.77
C HIS B 239 7.67 13.63 -24.47
N LEU B 240 6.85 12.75 -23.91
CA LEU B 240 7.29 11.44 -23.46
C LEU B 240 6.76 10.35 -24.38
N GLU B 241 7.66 9.65 -25.04
CA GLU B 241 7.30 8.53 -25.91
C GLU B 241 7.25 7.24 -25.08
N ARG B 242 6.10 6.60 -25.03
CA ARG B 242 6.00 5.33 -24.32
C ARG B 242 6.66 4.21 -25.11
N GLN B 243 7.54 3.47 -24.46
CA GLN B 243 8.23 2.38 -25.10
C GLN B 243 7.29 1.19 -25.30
N MET B 244 7.39 0.56 -26.46
CA MET B 244 6.50 -0.53 -26.84
C MET B 244 7.10 -1.90 -26.65
N GLY B 245 8.28 -2.00 -26.04
CA GLY B 245 8.89 -3.31 -25.90
C GLY B 245 8.27 -4.18 -24.83
N TYR B 246 7.80 -3.59 -23.75
CA TYR B 246 7.24 -4.41 -22.68
C TYR B 246 5.85 -4.88 -23.01
N TYR B 247 5.04 -4.02 -23.63
CA TYR B 247 3.64 -4.35 -23.85
C TYR B 247 3.49 -5.37 -24.97
N LEU B 248 4.49 -5.49 -25.82
CA LEU B 248 4.48 -6.52 -26.83
C LEU B 248 4.70 -7.89 -26.19
N ILE B 249 5.58 -7.98 -25.21
CA ILE B 249 5.86 -9.25 -24.56
C ILE B 249 4.75 -9.63 -23.60
N GLN B 250 4.26 -8.68 -22.80
CA GLN B 250 3.33 -9.03 -21.74
C GLN B 250 1.91 -9.25 -22.26
N MET B 251 1.46 -8.45 -23.21
CA MET B 251 0.05 -8.46 -23.57
C MET B 251 -0.25 -8.99 -24.97
N TYR B 252 0.57 -8.68 -25.97
CA TYR B 252 0.19 -9.03 -27.32
C TYR B 252 0.45 -10.48 -27.65
N ILE B 253 1.59 -11.03 -27.23
CA ILE B 253 1.91 -12.42 -27.53
C ILE B 253 1.07 -13.46 -26.77
N PRO B 254 0.71 -13.32 -25.47
CA PRO B 254 -0.16 -14.34 -24.87
C PRO B 254 -1.56 -14.40 -25.46
N SER B 255 -2.07 -13.27 -25.93
CA SER B 255 -3.33 -13.27 -26.65
C SER B 255 -3.23 -14.02 -27.97
N LEU B 256 -2.11 -13.90 -28.68
CA LEU B 256 -1.90 -14.71 -29.88
C LEU B 256 -1.78 -16.17 -29.55
N LEU B 257 -1.24 -16.49 -28.37
CA LEU B 257 -1.13 -17.89 -27.96
C LEU B 257 -2.50 -18.48 -27.72
N ILE B 258 -3.40 -17.68 -27.16
CA ILE B 258 -4.75 -18.15 -26.89
C ILE B 258 -5.50 -18.35 -28.21
N VAL B 259 -5.35 -17.40 -29.14
CA VAL B 259 -6.05 -17.54 -30.43
C VAL B 259 -5.48 -18.71 -31.24
N ILE B 260 -4.18 -18.97 -31.13
CA ILE B 260 -3.59 -20.10 -31.86
C ILE B 260 -4.08 -21.42 -31.27
N LEU B 261 -4.28 -21.45 -29.95
CA LEU B 261 -4.81 -22.64 -29.30
C LEU B 261 -6.25 -22.90 -29.72
N SER B 262 -7.04 -21.85 -29.85
CA SER B 262 -8.40 -22.02 -30.36
C SER B 262 -8.41 -22.46 -31.81
N TRP B 263 -7.38 -22.10 -32.57
CA TRP B 263 -7.26 -22.66 -33.92
C TRP B 263 -6.93 -24.13 -33.89
N VAL B 264 -6.14 -24.55 -32.89
CA VAL B 264 -5.74 -25.96 -32.74
C VAL B 264 -6.96 -26.83 -32.50
N SER B 265 -8.00 -26.24 -31.88
CA SER B 265 -9.24 -26.98 -31.66
C SER B 265 -9.95 -27.46 -32.93
N PHE B 266 -9.61 -26.92 -34.10
CA PHE B 266 -10.27 -27.35 -35.34
C PHE B 266 -9.82 -28.72 -35.82
N TRP B 267 -8.60 -29.14 -35.51
CA TRP B 267 -8.07 -30.41 -35.99
C TRP B 267 -8.57 -31.61 -35.20
N ILE B 268 -9.14 -31.38 -34.01
CA ILE B 268 -9.61 -32.47 -33.16
C ILE B 268 -10.89 -33.06 -33.75
N ASN B 269 -11.14 -34.32 -33.43
CA ASN B 269 -12.26 -35.07 -34.00
C ASN B 269 -13.58 -34.49 -33.56
N MET B 270 -14.53 -34.43 -34.50
CA MET B 270 -15.82 -33.79 -34.21
C MET B 270 -16.68 -34.64 -33.30
N ASP B 271 -16.49 -35.95 -33.31
CA ASP B 271 -17.26 -36.81 -32.41
C ASP B 271 -16.80 -36.66 -30.96
N ALA B 272 -15.54 -36.26 -30.75
CA ALA B 272 -15.03 -36.00 -29.41
C ALA B 272 -15.53 -34.63 -28.94
N ALA B 273 -16.76 -34.62 -28.46
CA ALA B 273 -17.43 -33.40 -28.04
C ALA B 273 -16.89 -32.80 -26.73
N PRO B 274 -16.62 -33.56 -25.64
CA PRO B 274 -16.06 -32.91 -24.45
C PRO B 274 -14.71 -32.28 -24.67
N ALA B 275 -13.90 -32.85 -25.56
CA ALA B 275 -12.57 -32.32 -25.83
C ALA B 275 -12.65 -30.95 -26.48
N ARG B 276 -13.40 -30.83 -27.57
CA ARG B 276 -13.47 -29.58 -28.30
C ARG B 276 -14.22 -28.52 -27.52
N VAL B 277 -15.29 -28.93 -26.81
CA VAL B 277 -16.05 -27.99 -25.99
C VAL B 277 -15.21 -27.47 -24.84
N GLY B 278 -14.49 -28.36 -24.15
CA GLY B 278 -13.65 -27.93 -23.05
C GLY B 278 -12.48 -27.07 -23.48
N LEU B 279 -11.86 -27.38 -24.62
CA LEU B 279 -10.76 -26.56 -25.12
C LEU B 279 -11.25 -25.15 -25.44
N GLY B 280 -12.38 -25.05 -26.15
CA GLY B 280 -12.89 -23.74 -26.52
C GLY B 280 -13.34 -22.94 -25.32
N ILE B 281 -13.98 -23.60 -24.35
CA ILE B 281 -14.47 -22.90 -23.18
C ILE B 281 -13.31 -22.35 -22.34
N THR B 282 -12.25 -23.15 -22.13
CA THR B 282 -11.10 -22.64 -21.38
C THR B 282 -10.33 -21.55 -22.10
N THR B 283 -10.28 -21.59 -23.44
CA THR B 283 -9.67 -20.45 -24.13
C THR B 283 -10.49 -19.17 -23.99
N VAL B 284 -11.82 -19.27 -23.99
CA VAL B 284 -12.64 -18.07 -23.80
C VAL B 284 -12.46 -17.52 -22.38
N LEU B 285 -12.41 -18.41 -21.40
CA LEU B 285 -12.26 -18.02 -20.00
C LEU B 285 -10.92 -17.34 -19.74
N THR B 286 -9.85 -17.92 -20.26
CA THR B 286 -8.54 -17.31 -20.05
C THR B 286 -8.36 -16.03 -20.84
N MET B 287 -9.02 -15.90 -22.00
CA MET B 287 -9.03 -14.62 -22.68
C MET B 287 -9.71 -13.54 -21.85
N THR B 288 -10.82 -13.88 -21.19
CA THR B 288 -11.51 -12.91 -20.35
C THR B 288 -10.65 -12.49 -19.17
N THR B 289 -10.01 -13.46 -18.50
CA THR B 289 -9.18 -13.10 -17.35
C THR B 289 -7.92 -12.34 -17.76
N GLN B 290 -7.37 -12.62 -18.93
CA GLN B 290 -6.22 -11.86 -19.40
C GLN B 290 -6.61 -10.43 -19.74
N SER B 291 -7.79 -10.25 -20.33
CA SER B 291 -8.26 -8.90 -20.62
C SER B 291 -8.59 -8.14 -19.36
N SER B 292 -9.07 -8.83 -18.33
CA SER B 292 -9.39 -8.13 -17.08
C SER B 292 -8.12 -7.80 -16.30
N GLY B 293 -7.08 -8.60 -16.47
CA GLY B 293 -5.85 -8.35 -15.74
C GLY B 293 -4.92 -7.35 -16.39
N SER B 294 -5.04 -7.12 -17.70
CA SER B 294 -4.18 -6.11 -18.31
C SER B 294 -4.65 -4.68 -18.07
N ARG B 295 -5.92 -4.49 -17.72
CA ARG B 295 -6.49 -3.18 -17.46
C ARG B 295 -6.45 -2.82 -15.99
N ALA B 296 -5.78 -3.63 -15.16
CA ALA B 296 -5.81 -3.41 -13.72
C ALA B 296 -4.95 -2.23 -13.32
N SER B 297 -3.81 -2.02 -13.97
CA SER B 297 -2.94 -0.90 -13.60
C SER B 297 -3.24 0.32 -14.46
N LEU B 298 -4.49 0.78 -14.41
CA LEU B 298 -4.93 1.89 -15.23
C LEU B 298 -6.05 2.63 -14.53
N PRO B 299 -6.18 3.94 -14.74
CA PRO B 299 -7.32 4.66 -14.20
C PRO B 299 -8.61 4.28 -14.90
N LYS B 300 -9.71 4.55 -14.23
CA LYS B 300 -11.04 4.18 -14.71
C LYS B 300 -11.48 5.23 -15.71
N VAL B 301 -10.90 5.17 -16.91
CA VAL B 301 -11.28 6.09 -17.97
C VAL B 301 -12.51 5.58 -18.69
N SER B 302 -13.19 6.48 -19.39
CA SER B 302 -14.48 6.18 -19.98
C SER B 302 -14.46 6.26 -21.51
N TYR B 303 -13.30 6.03 -22.11
CA TYR B 303 -13.21 5.97 -23.56
C TYR B 303 -12.54 4.67 -23.96
N VAL B 304 -12.76 4.27 -25.20
CA VAL B 304 -12.23 3.01 -25.69
C VAL B 304 -10.76 3.19 -26.05
N LYS B 305 -9.91 2.32 -25.50
CA LYS B 305 -8.48 2.34 -25.74
C LYS B 305 -8.12 1.33 -26.82
N ALA B 306 -6.83 1.25 -27.13
CA ALA B 306 -6.40 0.31 -28.17
C ALA B 306 -6.34 -1.12 -27.66
N ILE B 307 -5.99 -1.33 -26.39
CA ILE B 307 -5.99 -2.69 -25.87
C ILE B 307 -7.41 -3.23 -25.76
N ASP B 308 -8.39 -2.35 -25.55
CA ASP B 308 -9.79 -2.77 -25.57
C ASP B 308 -10.14 -3.36 -26.91
N ILE B 309 -9.75 -2.69 -27.99
CA ILE B 309 -10.00 -3.16 -29.35
C ILE B 309 -9.28 -4.48 -29.61
N TRP B 310 -8.03 -4.58 -29.17
CA TRP B 310 -7.25 -5.80 -29.42
C TRP B 310 -7.83 -7.00 -28.68
N MET B 311 -8.06 -6.86 -27.37
CA MET B 311 -8.60 -7.96 -26.59
C MET B 311 -10.03 -8.27 -27.01
N ALA B 312 -10.77 -7.28 -27.50
CA ALA B 312 -12.12 -7.54 -27.96
C ALA B 312 -12.13 -8.37 -29.25
N VAL B 313 -11.23 -8.07 -30.19
CA VAL B 313 -11.21 -8.84 -31.42
C VAL B 313 -10.67 -10.25 -31.17
N CYS B 314 -9.69 -10.39 -30.27
CA CYS B 314 -9.18 -11.73 -29.95
C CYS B 314 -10.23 -12.57 -29.24
N LEU B 315 -10.97 -11.96 -28.31
CA LEU B 315 -12.06 -12.65 -27.64
C LEU B 315 -13.17 -13.00 -28.61
N LEU B 316 -13.43 -12.13 -29.59
CA LEU B 316 -14.41 -12.45 -30.61
C LEU B 316 -13.98 -13.63 -31.46
N PHE B 317 -12.67 -13.75 -31.70
CA PHE B 317 -12.16 -14.87 -32.50
C PHE B 317 -12.33 -16.19 -31.77
N VAL B 318 -11.98 -16.24 -30.49
CA VAL B 318 -12.14 -17.50 -29.77
C VAL B 318 -13.63 -17.83 -29.53
N PHE B 319 -14.47 -16.80 -29.42
CA PHE B 319 -15.89 -17.05 -29.24
C PHE B 319 -16.53 -17.55 -30.54
N SER B 320 -16.07 -17.03 -31.68
CA SER B 320 -16.56 -17.54 -32.96
C SER B 320 -16.11 -18.97 -33.21
N ALA B 321 -14.90 -19.32 -32.76
CA ALA B 321 -14.49 -20.73 -32.85
C ALA B 321 -15.41 -21.65 -32.05
N LEU B 322 -15.82 -21.21 -30.86
CA LEU B 322 -16.77 -22.02 -30.09
C LEU B 322 -18.13 -22.10 -30.77
N LEU B 323 -18.55 -21.00 -31.42
CA LEU B 323 -19.81 -21.02 -32.16
C LEU B 323 -19.74 -21.93 -33.37
N GLU B 324 -18.58 -21.99 -34.02
CA GLU B 324 -18.40 -22.87 -35.16
C GLU B 324 -18.49 -24.34 -34.75
N TYR B 325 -17.92 -24.70 -33.60
CA TYR B 325 -18.10 -26.07 -33.15
C TYR B 325 -19.55 -26.36 -32.74
N ALA B 326 -20.25 -25.36 -32.21
CA ALA B 326 -21.64 -25.59 -31.84
C ALA B 326 -22.52 -25.80 -33.07
N ALA B 327 -22.21 -25.11 -34.16
CA ALA B 327 -22.95 -25.34 -35.41
C ALA B 327 -22.63 -26.71 -36.01
N VAL B 328 -21.36 -27.12 -35.95
CA VAL B 328 -20.98 -28.45 -36.43
C VAL B 328 -21.69 -29.56 -35.65
N ASN B 329 -21.77 -29.42 -34.33
CA ASN B 329 -22.41 -30.46 -33.54
C ASN B 329 -23.93 -30.38 -33.64
N PHE B 330 -24.48 -29.24 -34.02
CA PHE B 330 -25.91 -29.19 -34.30
C PHE B 330 -26.25 -29.91 -35.61
N ILE B 331 -25.42 -29.73 -36.62
CA ILE B 331 -25.62 -30.44 -37.89
C ILE B 331 -25.46 -31.95 -37.68
N ALA B 332 -24.51 -32.34 -36.84
CA ALA B 332 -24.34 -33.76 -36.52
C ALA B 332 -25.55 -34.28 -35.71
N ARG B 333 -26.14 -33.44 -34.87
CA ARG B 333 -27.36 -33.81 -34.14
C ARG B 333 -28.50 -34.09 -35.11
N GLN B 334 -28.66 -33.24 -36.12
CA GLN B 334 -29.70 -33.46 -37.12
C GLN B 334 -29.42 -34.75 -37.89
N HIS B 335 -28.13 -35.03 -38.09
CA HIS B 335 -27.69 -36.27 -38.73
C HIS B 335 -28.10 -37.48 -37.91
N LYS B 336 -27.82 -37.45 -36.61
CA LYS B 336 -28.11 -38.59 -35.75
C LYS B 336 -29.61 -38.80 -35.56
N GLU B 337 -30.40 -37.71 -35.47
CA GLU B 337 -31.85 -37.88 -35.34
C GLU B 337 -32.49 -38.41 -36.61
N LEU B 338 -32.02 -37.98 -37.78
CA LEU B 338 -32.63 -38.55 -38.97
C LEU B 338 -32.10 -39.94 -39.28
N LEU B 339 -30.97 -40.33 -38.68
CA LEU B 339 -30.50 -41.70 -38.85
C LEU B 339 -31.28 -42.68 -37.97
N ARG B 340 -31.37 -42.40 -36.67
CA ARG B 340 -32.03 -43.31 -35.73
C ARG B 340 -33.33 -42.70 -35.23
N PHE B 341 -34.41 -43.48 -35.30
CA PHE B 341 -35.72 -43.02 -34.85
C PHE B 341 -36.09 -43.58 -33.49
N LYS B 394 -36.07 -43.78 -48.09
CA LYS B 394 -36.42 -42.55 -47.40
C LYS B 394 -35.30 -41.52 -47.54
N THR B 395 -34.51 -41.67 -48.63
CA THR B 395 -33.37 -40.80 -49.00
C THR B 395 -32.36 -40.66 -47.86
N VAL B 396 -32.22 -41.73 -47.07
CA VAL B 396 -31.45 -41.66 -45.85
C VAL B 396 -29.95 -41.64 -46.14
N GLU B 397 -29.51 -42.41 -47.15
CA GLU B 397 -28.07 -42.51 -47.43
C GLU B 397 -27.50 -41.18 -47.93
N GLU B 398 -28.13 -40.61 -48.96
CA GLU B 398 -27.70 -39.32 -49.51
C GLU B 398 -27.93 -38.13 -48.58
N MET B 399 -28.93 -38.16 -47.66
CA MET B 399 -28.93 -37.12 -46.63
C MET B 399 -27.86 -37.30 -45.56
N ARG B 400 -27.44 -38.54 -45.28
CA ARG B 400 -26.33 -38.78 -44.37
C ARG B 400 -25.06 -38.24 -45.01
N LYS B 401 -24.93 -38.48 -46.32
CA LYS B 401 -23.81 -37.98 -47.09
C LYS B 401 -23.82 -36.45 -47.06
N LEU B 402 -24.97 -35.83 -47.31
CA LEU B 402 -25.07 -34.38 -47.32
C LEU B 402 -24.67 -33.78 -45.96
N PHE B 403 -25.16 -34.36 -44.84
CA PHE B 403 -24.78 -33.78 -43.55
C PHE B 403 -23.35 -34.09 -43.13
N ILE B 404 -22.78 -35.24 -43.50
CA ILE B 404 -21.38 -35.48 -43.19
C ILE B 404 -20.46 -34.65 -44.08
N SER B 405 -20.80 -34.51 -45.35
CA SER B 405 -20.02 -33.68 -46.26
C SER B 405 -20.08 -32.21 -45.84
N ARG B 406 -21.25 -31.74 -45.41
CA ARG B 406 -21.35 -30.35 -44.98
C ARG B 406 -20.60 -30.13 -43.66
N ALA B 407 -20.68 -31.10 -42.74
CA ALA B 407 -19.95 -30.97 -41.49
C ALA B 407 -18.44 -31.08 -41.69
N LYS B 408 -18.00 -31.78 -42.74
CA LYS B 408 -16.57 -31.79 -43.05
C LYS B 408 -16.16 -30.50 -43.75
N ARG B 409 -17.06 -29.97 -44.59
CA ARG B 409 -16.74 -28.78 -45.36
C ARG B 409 -16.64 -27.56 -44.46
N ILE B 410 -17.43 -27.51 -43.39
CA ILE B 410 -17.37 -26.38 -42.47
C ILE B 410 -16.02 -26.36 -41.76
N ASP B 411 -15.57 -27.52 -41.29
CA ASP B 411 -14.25 -27.61 -40.65
C ASP B 411 -13.12 -27.31 -41.61
N THR B 412 -13.23 -27.80 -42.86
CA THR B 412 -12.18 -27.60 -43.83
C THR B 412 -12.07 -26.14 -44.26
N VAL B 413 -13.21 -25.44 -44.37
CA VAL B 413 -13.12 -24.05 -44.76
C VAL B 413 -12.76 -23.18 -43.55
N SER B 414 -13.11 -23.62 -42.34
CA SER B 414 -12.80 -22.83 -41.15
C SER B 414 -11.31 -22.88 -40.85
N ARG B 415 -10.69 -24.04 -41.08
CA ARG B 415 -9.28 -24.24 -40.80
C ARG B 415 -8.39 -23.33 -41.64
N VAL B 416 -8.84 -22.96 -42.83
CA VAL B 416 -8.14 -21.99 -43.64
C VAL B 416 -8.61 -20.58 -43.34
N ALA B 417 -9.91 -20.38 -43.12
CA ALA B 417 -10.47 -19.04 -43.08
C ALA B 417 -10.18 -18.31 -41.79
N PHE B 418 -9.99 -19.03 -40.67
CA PHE B 418 -9.75 -18.32 -39.41
C PHE B 418 -8.40 -17.62 -39.36
N PRO B 419 -7.24 -18.25 -39.64
CA PRO B 419 -5.99 -17.50 -39.51
C PRO B 419 -5.78 -16.48 -40.59
N LEU B 420 -6.37 -16.65 -41.77
CA LEU B 420 -6.21 -15.65 -42.81
C LEU B 420 -6.92 -14.34 -42.45
N VAL B 421 -8.13 -14.44 -41.90
CA VAL B 421 -8.84 -13.22 -41.52
C VAL B 421 -8.19 -12.63 -40.27
N PHE B 422 -7.57 -13.47 -39.43
CA PHE B 422 -6.81 -12.92 -38.32
C PHE B 422 -5.58 -12.17 -38.78
N LEU B 423 -4.89 -12.68 -39.80
CA LEU B 423 -3.72 -11.99 -40.34
C LEU B 423 -4.12 -10.67 -41.00
N ILE B 424 -5.29 -10.65 -41.64
CA ILE B 424 -5.79 -9.42 -42.25
C ILE B 424 -6.10 -8.38 -41.18
N PHE B 425 -6.76 -8.79 -40.09
CA PHE B 425 -7.03 -7.88 -38.99
C PHE B 425 -5.73 -7.36 -38.36
N ASN B 426 -4.74 -8.24 -38.24
CA ASN B 426 -3.47 -7.85 -37.63
C ASN B 426 -2.78 -6.76 -38.44
N ILE B 427 -2.70 -6.95 -39.76
CA ILE B 427 -1.99 -5.95 -40.55
C ILE B 427 -2.79 -4.66 -40.63
N PHE B 428 -4.13 -4.74 -40.62
CA PHE B 428 -4.92 -3.50 -40.66
C PHE B 428 -4.81 -2.71 -39.36
N TYR B 429 -4.96 -3.39 -38.22
CA TYR B 429 -4.79 -2.75 -36.92
C TYR B 429 -3.40 -2.15 -36.75
N TRP B 430 -2.37 -2.89 -37.15
CA TRP B 430 -1.02 -2.41 -36.93
C TRP B 430 -0.72 -1.21 -37.82
N ILE B 431 -1.13 -1.23 -39.09
CA ILE B 431 -0.83 -0.06 -39.91
C ILE B 431 -1.69 1.14 -39.52
N THR B 432 -2.93 0.94 -39.06
CA THR B 432 -3.70 2.13 -38.67
C THR B 432 -3.18 2.72 -37.37
N TYR B 433 -2.65 1.91 -36.48
CA TYR B 433 -2.05 2.50 -35.30
C TYR B 433 -0.68 3.09 -35.59
N LYS B 434 0.04 2.55 -36.59
CA LYS B 434 1.29 3.17 -37.01
C LYS B 434 1.04 4.54 -37.63
N ILE B 435 0.00 4.66 -38.46
CA ILE B 435 -0.28 5.96 -39.07
C ILE B 435 -0.88 6.93 -38.06
N ILE B 436 -1.62 6.45 -37.06
CA ILE B 436 -2.14 7.40 -36.07
C ILE B 436 -1.06 7.75 -35.03
N ARG B 437 -0.05 6.90 -34.85
CA ARG B 437 1.08 7.26 -34.01
C ARG B 437 1.96 8.27 -34.71
N SER B 438 2.18 8.08 -36.01
CA SER B 438 2.95 9.05 -36.76
C SER B 438 2.18 10.34 -36.96
N GLU B 439 0.85 10.29 -37.00
CA GLU B 439 0.05 11.51 -37.07
C GLU B 439 0.13 12.27 -35.75
N ASP B 440 0.24 11.54 -34.63
CA ASP B 440 0.36 12.20 -33.34
C ASP B 440 1.72 12.86 -33.22
N ILE B 441 2.76 12.20 -33.75
CA ILE B 441 4.13 12.73 -33.69
C ILE B 441 4.33 13.85 -34.74
N HIS B 442 3.50 13.90 -35.77
CA HIS B 442 3.59 14.99 -36.75
C HIS B 442 2.77 16.20 -36.32
N LYS B 443 1.61 15.98 -35.68
CA LYS B 443 0.81 17.10 -35.23
C LYS B 443 1.41 17.69 -33.95
N GLN B 444 1.92 16.82 -33.08
CA GLN B 444 2.52 17.14 -31.78
C GLN B 444 1.58 17.93 -30.87
N PRO C 31 9.04 28.70 53.23
CA PRO C 31 8.61 30.09 53.04
C PRO C 31 9.15 30.68 51.76
N MET C 32 10.16 30.05 51.18
CA MET C 32 10.73 30.58 49.96
C MET C 32 9.83 30.32 48.76
N PRO C 33 9.59 31.33 47.92
CA PRO C 33 8.75 31.11 46.74
C PRO C 33 9.47 30.26 45.71
N PRO C 34 8.74 29.44 44.95
CA PRO C 34 9.39 28.49 44.03
C PRO C 34 9.99 29.06 42.76
N SER C 35 9.63 30.26 42.29
CA SER C 35 10.18 30.72 41.01
C SER C 35 11.66 31.06 41.08
N GLU C 36 12.11 31.72 42.14
CA GLU C 36 13.54 32.00 42.25
C GLU C 36 14.32 30.71 42.48
N PHE C 37 13.76 29.77 43.24
CA PHE C 37 14.45 28.50 43.48
C PHE C 37 14.61 27.70 42.19
N LEU C 38 13.62 27.75 41.30
CA LEU C 38 13.78 26.97 40.08
C LEU C 38 14.36 27.79 38.93
N ASP C 39 14.72 29.05 39.16
CA ASP C 39 15.59 29.75 38.23
C ASP C 39 16.99 29.93 38.78
N LYS C 40 17.20 29.58 40.04
CA LYS C 40 18.51 29.69 40.66
C LYS C 40 19.43 28.59 40.17
N LEU C 41 18.93 27.35 40.13
CA LEU C 41 19.77 26.22 39.75
C LEU C 41 20.04 26.17 38.25
N MET C 42 19.19 26.76 37.42
CA MET C 42 19.42 26.77 35.99
C MET C 42 19.72 28.16 35.45
N GLY C 43 20.03 29.10 36.33
CA GLY C 43 20.33 30.45 35.91
C GLY C 43 21.75 30.62 35.39
N LYS C 44 21.91 31.66 34.56
CA LYS C 44 23.24 31.96 34.04
C LYS C 44 24.08 32.70 35.06
N VAL C 45 23.46 33.20 36.13
CA VAL C 45 24.23 33.71 37.24
C VAL C 45 24.79 32.54 38.05
N SER C 46 24.19 31.36 37.92
CA SER C 46 24.74 30.14 38.45
C SER C 46 25.70 29.60 37.40
N GLY C 47 26.63 28.75 37.85
CA GLY C 47 27.62 28.23 36.93
C GLY C 47 27.25 26.84 36.47
N TYR C 48 25.98 26.64 36.10
CA TYR C 48 25.52 25.30 35.78
C TYR C 48 26.15 24.74 34.51
N ASP C 49 26.08 25.49 33.39
CA ASP C 49 26.73 25.15 32.12
C ASP C 49 26.30 23.76 31.60
N ALA C 50 25.05 23.69 31.15
CA ALA C 50 24.43 22.42 30.75
C ALA C 50 25.12 21.72 29.59
N ARG C 51 25.94 22.42 28.83
CA ARG C 51 26.76 21.76 27.81
C ARG C 51 27.83 20.86 28.43
N ILE C 52 28.41 21.29 29.55
CA ILE C 52 29.44 20.52 30.24
C ILE C 52 28.79 19.38 31.03
N ARG C 53 29.31 18.16 30.84
CA ARG C 53 28.85 16.97 31.57
C ARG C 53 29.16 17.07 33.07
N PRO C 54 28.39 16.39 33.91
CA PRO C 54 28.68 16.42 35.35
C PRO C 54 29.97 15.73 35.71
N ASN C 55 30.57 16.20 36.81
CA ASN C 55 31.91 15.87 37.31
C ASN C 55 32.91 15.74 36.17
N PHE C 56 33.10 16.88 35.49
CA PHE C 56 34.00 16.96 34.35
C PHE C 56 35.44 16.73 34.78
N LYS C 57 36.22 16.13 33.87
CA LYS C 57 37.60 15.69 34.08
C LYS C 57 37.72 14.74 35.27
N GLY C 58 36.82 13.76 35.32
CA GLY C 58 36.81 12.80 36.40
C GLY C 58 36.35 11.43 35.98
N PRO C 59 35.68 10.73 36.89
CA PRO C 59 35.17 9.39 36.58
C PRO C 59 33.97 9.48 35.65
N PRO C 60 33.67 8.43 34.90
CA PRO C 60 32.52 8.48 33.99
C PRO C 60 31.18 8.49 34.72
N VAL C 61 30.21 9.11 34.07
CA VAL C 61 28.85 9.14 34.58
C VAL C 61 28.22 7.77 34.42
N ASN C 62 27.51 7.32 35.45
CA ASN C 62 26.86 6.01 35.46
C ASN C 62 25.36 6.23 35.29
N VAL C 63 24.79 5.68 34.24
CA VAL C 63 23.40 5.87 33.91
C VAL C 63 22.69 4.52 34.02
N THR C 64 21.63 4.49 34.82
CA THR C 64 20.81 3.31 35.01
C THR C 64 19.50 3.44 34.24
N CYS C 65 19.22 2.46 33.39
CA CYS C 65 18.08 2.52 32.49
C CYS C 65 17.14 1.34 32.69
N ASN C 66 15.85 1.59 32.83
CA ASN C 66 14.85 0.54 32.77
C ASN C 66 13.75 1.00 31.82
N ILE C 67 13.22 0.10 31.02
CA ILE C 67 12.20 0.44 30.04
C ILE C 67 10.90 -0.23 30.44
N PHE C 68 9.79 0.35 30.02
CA PHE C 68 8.47 -0.21 30.31
C PHE C 68 7.75 -0.41 28.98
N ILE C 69 7.51 -1.66 28.61
CA ILE C 69 6.88 -1.98 27.35
C ILE C 69 5.39 -1.67 27.41
N ASN C 70 4.98 -0.57 26.80
CA ASN C 70 3.58 -0.19 26.86
C ASN C 70 2.77 -0.86 25.76
N SER C 71 3.31 -0.94 24.56
CA SER C 71 2.70 -1.64 23.45
C SER C 71 3.79 -2.38 22.71
N PHE C 72 3.49 -3.59 22.27
CA PHE C 72 4.42 -4.37 21.49
C PHE C 72 3.61 -5.08 20.45
N GLY C 73 4.02 -5.01 19.19
CA GLY C 73 3.19 -5.59 18.14
C GLY C 73 3.63 -5.11 16.77
N SER C 74 2.73 -5.32 15.80
CA SER C 74 2.92 -4.93 14.40
C SER C 74 4.18 -5.59 13.83
N ILE C 75 4.36 -6.86 14.17
CA ILE C 75 5.53 -7.60 13.75
C ILE C 75 5.34 -8.06 12.32
N ALA C 76 6.21 -7.60 11.43
CA ALA C 76 6.13 -7.94 10.03
C ALA C 76 7.36 -8.72 9.62
N GLU C 77 7.14 -9.84 8.92
CA GLU C 77 8.22 -10.74 8.57
C GLU C 77 8.95 -10.29 7.31
N THR C 78 8.22 -9.65 6.38
CA THR C 78 8.74 -9.34 5.06
C THR C 78 9.71 -8.18 5.04
N THR C 79 9.73 -7.34 6.07
CA THR C 79 10.71 -6.28 6.18
C THR C 79 11.51 -6.41 7.45
N MET C 80 11.26 -7.46 8.22
CA MET C 80 12.01 -7.88 9.40
C MET C 80 12.13 -6.80 10.47
N ASP C 81 10.99 -6.25 10.89
CA ASP C 81 11.01 -5.24 11.94
C ASP C 81 9.72 -5.27 12.76
N TYR C 82 9.79 -4.69 13.96
CA TYR C 82 8.67 -4.67 14.89
C TYR C 82 8.57 -3.31 15.55
N ARG C 83 7.39 -2.98 16.08
CA ARG C 83 7.09 -1.66 16.60
C ARG C 83 6.77 -1.73 18.08
N VAL C 84 7.56 -1.07 18.92
CA VAL C 84 7.34 -1.03 20.36
C VAL C 84 6.92 0.36 20.78
N ASN C 85 6.32 0.45 21.97
CA ASN C 85 6.06 1.70 22.67
C ASN C 85 6.73 1.58 24.05
N ILE C 86 7.75 2.39 24.33
CA ILE C 86 8.47 2.19 25.57
C ILE C 86 8.46 3.46 26.39
N PHE C 87 8.55 3.29 27.71
CA PHE C 87 8.71 4.40 28.64
C PHE C 87 10.18 4.37 29.09
N LEU C 88 11.05 5.07 28.39
CA LEU C 88 12.49 5.03 28.67
C LEU C 88 12.83 5.84 29.91
N ARG C 89 13.23 5.18 30.99
CA ARG C 89 13.57 5.85 32.25
C ARG C 89 15.08 5.82 32.43
N GLN C 90 15.70 6.98 32.56
CA GLN C 90 17.15 7.10 32.74
C GLN C 90 17.47 7.77 34.07
N GLN C 91 18.26 7.10 34.90
CA GLN C 91 18.67 7.61 36.20
C GLN C 91 20.17 7.88 36.23
N TRP C 92 20.56 9.12 36.51
CA TRP C 92 21.96 9.48 36.66
C TRP C 92 22.07 10.56 37.72
N ASN C 93 23.27 10.70 38.29
CA ASN C 93 23.48 11.64 39.38
C ASN C 93 24.22 12.88 38.88
N ASP C 94 23.72 14.06 39.26
CA ASP C 94 24.35 15.34 38.95
C ASP C 94 24.72 16.05 40.24
N PRO C 95 26.00 16.36 40.49
CA PRO C 95 26.35 17.02 41.75
C PRO C 95 25.96 18.48 41.82
N ARG C 96 25.94 19.18 40.69
CA ARG C 96 25.62 20.60 40.69
C ARG C 96 24.14 20.86 40.90
N LEU C 97 23.30 19.88 40.64
CA LEU C 97 21.87 20.01 40.77
C LEU C 97 21.38 19.84 42.21
N ALA C 98 22.26 19.51 43.15
CA ALA C 98 21.85 19.25 44.52
C ALA C 98 21.44 20.53 45.24
N TYR C 99 20.36 20.44 46.00
CA TYR C 99 19.82 21.58 46.74
C TYR C 99 19.61 21.18 48.19
N SER C 100 19.88 22.11 49.10
CA SER C 100 19.70 21.85 50.53
C SER C 100 18.68 22.77 51.18
N GLU C 101 17.99 23.61 50.41
CA GLU C 101 17.06 24.55 51.03
C GLU C 101 15.71 23.89 51.36
N TYR C 102 15.11 23.26 50.39
CA TYR C 102 13.79 22.65 50.54
C TYR C 102 13.88 21.30 51.24
N PRO C 103 12.92 20.99 52.12
CA PRO C 103 12.98 19.72 52.87
C PRO C 103 12.38 18.53 52.15
N ASP C 104 11.62 18.74 51.08
CA ASP C 104 11.02 17.63 50.35
C ASP C 104 12.07 16.93 49.50
N ASP C 105 11.91 15.61 49.37
CA ASP C 105 12.90 14.80 48.69
C ASP C 105 12.62 14.61 47.20
N SER C 106 11.35 14.52 46.80
CA SER C 106 11.06 14.17 45.41
C SER C 106 11.15 15.37 44.49
N LEU C 107 10.28 16.38 44.69
CA LEU C 107 10.21 17.61 43.91
C LEU C 107 10.04 17.33 42.41
N ASP C 108 8.85 16.84 42.04
CA ASP C 108 8.53 16.66 40.62
C ASP C 108 8.48 18.00 39.91
N LEU C 109 9.16 18.12 38.77
CA LEU C 109 9.24 19.37 38.04
C LEU C 109 8.48 19.30 36.72
N ASP C 110 8.23 20.48 36.17
CA ASP C 110 7.56 20.70 34.90
C ASP C 110 8.51 20.43 33.73
N PRO C 111 8.05 19.72 32.69
CA PRO C 111 8.93 19.27 31.63
C PRO C 111 9.28 20.32 30.58
N SER C 112 8.89 21.59 30.74
CA SER C 112 9.22 22.57 29.71
C SER C 112 10.65 23.03 29.86
N MET C 113 11.17 23.03 31.07
CA MET C 113 12.56 23.41 31.31
C MET C 113 13.43 22.17 31.35
N LEU C 114 13.45 21.50 30.20
CA LEU C 114 14.30 20.34 29.99
C LEU C 114 15.25 20.63 28.84
N ASP C 115 15.56 21.90 28.67
CA ASP C 115 16.50 22.39 27.67
C ASP C 115 17.91 22.40 28.22
N SER C 116 18.06 22.80 29.48
CA SER C 116 19.37 22.88 30.14
C SER C 116 19.35 22.06 31.41
N ILE C 117 19.54 20.75 31.28
CA ILE C 117 19.57 19.82 32.41
C ILE C 117 20.73 18.85 32.22
N TRP C 118 21.34 18.85 31.03
CA TRP C 118 22.29 17.83 30.56
C TRP C 118 21.60 16.46 30.55
N LYS C 119 20.66 16.33 29.65
CA LYS C 119 20.16 15.00 29.36
C LYS C 119 21.26 14.20 28.66
N PRO C 120 21.42 12.92 28.97
CA PRO C 120 22.46 12.14 28.31
C PRO C 120 22.03 11.74 26.91
N ASP C 121 23.01 11.54 26.06
CA ASP C 121 22.76 11.14 24.69
C ASP C 121 22.49 9.64 24.64
N LEU C 122 21.42 9.27 24.00
CA LEU C 122 21.07 7.86 23.88
C LEU C 122 20.46 7.66 22.51
N PHE C 123 20.84 6.60 21.84
CA PHE C 123 20.21 6.33 20.56
C PHE C 123 20.20 4.84 20.37
N PHE C 124 19.18 4.37 19.69
CA PHE C 124 19.00 2.95 19.47
C PHE C 124 19.78 2.55 18.23
N ALA C 125 20.51 1.45 18.32
CA ALA C 125 21.44 1.07 17.26
C ALA C 125 20.73 0.55 16.02
N ASN C 126 19.65 -0.20 16.21
CA ASN C 126 18.93 -0.79 15.08
C ASN C 126 17.51 -0.25 15.11
N GLU C 127 17.28 0.87 14.43
CA GLU C 127 15.94 1.43 14.51
C GLU C 127 15.64 2.28 13.30
N LYS C 128 14.34 2.43 13.06
CA LYS C 128 13.78 3.34 12.09
C LYS C 128 12.70 4.13 12.80
N GLY C 129 12.37 5.30 12.27
CA GLY C 129 11.32 6.09 12.89
C GLY C 129 11.76 6.77 14.16
N ALA C 130 11.32 6.24 15.32
CA ALA C 130 11.62 6.77 16.64
C ALA C 130 11.16 8.22 16.79
N ASN C 131 9.85 8.41 16.68
CA ASN C 131 9.24 9.71 16.87
C ASN C 131 8.73 9.92 18.29
N PHE C 132 8.88 11.14 18.78
CA PHE C 132 8.43 11.56 20.09
C PHE C 132 6.92 11.79 20.06
N HIS C 133 6.31 11.91 21.24
CA HIS C 133 4.88 12.20 21.34
C HIS C 133 4.65 13.63 21.79
N GLU C 134 4.13 14.45 20.90
CA GLU C 134 3.89 15.85 21.19
C GLU C 134 2.42 16.17 21.46
N VAL C 135 1.61 15.18 21.81
CA VAL C 135 0.16 15.40 21.92
C VAL C 135 -0.19 15.95 23.30
N THR C 136 -0.73 17.16 23.29
CA THR C 136 -1.32 17.97 24.36
C THR C 136 -0.23 18.54 25.28
N THR C 137 0.99 18.04 25.17
CA THR C 137 2.21 18.38 25.91
C THR C 137 3.26 17.43 25.35
N ASP C 138 4.52 17.75 25.59
CA ASP C 138 5.62 16.81 25.41
C ASP C 138 5.57 15.75 26.49
N ASN C 139 5.47 14.49 26.08
CA ASN C 139 5.33 13.37 27.01
C ASN C 139 6.66 13.12 27.70
N LYS C 140 6.92 13.88 28.76
CA LYS C 140 8.21 13.85 29.44
C LYS C 140 8.00 13.93 30.94
N LEU C 141 8.98 13.41 31.68
CA LEU C 141 8.96 13.41 33.14
C LEU C 141 10.33 13.83 33.63
N LEU C 142 10.37 14.80 34.53
CA LEU C 142 11.61 15.27 35.13
C LEU C 142 11.44 15.31 36.63
N ARG C 143 12.27 14.57 37.36
CA ARG C 143 12.19 14.56 38.82
C ARG C 143 13.60 14.56 39.38
N ILE C 144 13.96 15.63 40.08
CA ILE C 144 15.29 15.84 40.62
C ILE C 144 15.27 15.60 42.12
N SER C 145 16.06 14.65 42.60
CA SER C 145 16.07 14.34 44.02
C SER C 145 16.91 15.38 44.77
N LYS C 146 16.96 15.24 46.09
CA LYS C 146 17.67 16.22 46.91
C LYS C 146 19.17 16.05 46.82
N ASN C 147 19.65 14.82 46.72
CA ASN C 147 21.09 14.58 46.65
C ASN C 147 21.64 14.76 45.25
N GLY C 148 20.80 14.87 44.23
CA GLY C 148 21.25 15.05 42.86
C GLY C 148 20.81 13.96 41.91
N ASN C 149 20.00 13.00 42.32
CA ASN C 149 19.55 11.95 41.42
C ASN C 149 18.48 12.50 40.51
N VAL C 150 18.60 12.23 39.20
CA VAL C 150 17.67 12.75 38.21
C VAL C 150 16.92 11.60 37.55
N LEU C 151 15.59 11.69 37.53
CA LEU C 151 14.74 10.73 36.83
C LEU C 151 14.20 11.37 35.56
N TYR C 152 14.53 10.78 34.41
CA TYR C 152 14.15 11.29 33.10
C TYR C 152 13.39 10.23 32.33
N SER C 153 12.08 10.42 32.15
CA SER C 153 11.23 9.46 31.45
C SER C 153 10.67 10.09 30.18
N ILE C 154 10.78 9.37 29.06
CA ILE C 154 10.22 9.81 27.78
C ILE C 154 9.51 8.64 27.13
N ARG C 155 8.40 8.93 26.45
CA ARG C 155 7.62 7.92 25.74
C ARG C 155 7.92 7.98 24.25
N ILE C 156 8.44 6.89 23.68
CA ILE C 156 8.83 6.81 22.28
C ILE C 156 8.35 5.53 21.64
N THR C 157 7.87 5.62 20.40
CA THR C 157 7.59 4.46 19.55
C THR C 157 8.70 4.23 18.55
N LEU C 158 9.32 3.06 18.58
CA LEU C 158 10.44 2.76 17.71
C LEU C 158 10.10 1.61 16.79
N VAL C 159 10.39 1.77 15.50
CA VAL C 159 10.30 0.67 14.55
C VAL C 159 11.66 -0.02 14.61
N LEU C 160 11.80 -0.95 15.54
CA LEU C 160 13.06 -1.64 15.76
C LEU C 160 13.23 -2.73 14.73
N ALA C 161 14.37 -2.78 14.07
CA ALA C 161 14.64 -3.77 13.04
C ALA C 161 15.43 -4.93 13.62
N CYS C 162 14.87 -6.12 13.53
CA CYS C 162 15.61 -7.26 14.03
C CYS C 162 15.74 -8.30 12.92
N PRO C 163 16.90 -8.93 12.79
CA PRO C 163 17.02 -10.03 11.84
C PRO C 163 16.43 -11.29 12.43
N MET C 164 15.71 -12.02 11.61
CA MET C 164 15.04 -13.22 12.06
C MET C 164 15.48 -14.41 11.22
N ASP C 165 15.51 -15.56 11.86
CA ASP C 165 15.86 -16.82 11.22
C ASP C 165 14.60 -17.59 10.91
N LEU C 166 14.43 -18.01 9.68
CA LEU C 166 13.25 -18.72 9.25
C LEU C 166 13.58 -20.15 8.86
N LYS C 167 14.41 -20.82 9.67
CA LYS C 167 14.74 -22.20 9.39
C LYS C 167 13.55 -23.11 9.59
N ASN C 168 12.68 -22.77 10.54
CA ASN C 168 11.46 -23.52 10.77
C ASN C 168 10.34 -22.49 10.73
N PHE C 169 9.54 -22.47 9.68
CA PHE C 169 8.57 -21.37 9.65
C PHE C 169 7.32 -21.52 10.51
N PRO C 170 6.58 -22.65 10.53
CA PRO C 170 5.40 -22.69 11.41
C PRO C 170 5.72 -22.57 12.89
N MET C 171 6.69 -23.31 13.40
CA MET C 171 7.09 -23.20 14.79
C MET C 171 8.50 -22.60 14.85
N ASP C 172 8.67 -21.57 15.68
CA ASP C 172 9.97 -20.93 15.79
C ASP C 172 9.93 -20.04 17.03
N VAL C 173 11.12 -19.75 17.55
CA VAL C 173 11.33 -18.90 18.70
C VAL C 173 12.23 -17.78 18.21
N GLN C 174 11.65 -16.63 17.87
CA GLN C 174 12.43 -15.48 17.43
C GLN C 174 12.97 -14.72 18.63
N THR C 175 14.17 -14.18 18.49
CA THR C 175 14.80 -13.42 19.58
C THR C 175 15.07 -11.99 19.10
N CYS C 176 14.15 -11.09 19.44
CA CYS C 176 14.29 -9.69 19.05
C CYS C 176 15.29 -8.98 19.96
N ILE C 177 16.16 -8.18 19.34
CA ILE C 177 17.25 -7.51 20.02
C ILE C 177 17.04 -6.00 20.02
N MET C 178 17.03 -5.39 21.20
CA MET C 178 16.92 -3.94 21.35
C MET C 178 18.21 -3.38 21.95
N GLN C 179 18.96 -2.60 21.17
CA GLN C 179 20.27 -2.09 21.59
C GLN C 179 20.21 -0.61 21.88
N LEU C 180 20.68 -0.22 23.07
CA LEU C 180 20.70 1.19 23.48
C LEU C 180 22.15 1.63 23.70
N GLU C 181 22.66 2.52 22.85
CA GLU C 181 24.03 2.98 23.03
C GLU C 181 24.13 4.49 22.90
N SER C 182 25.32 5.01 23.16
CA SER C 182 25.56 6.44 23.18
C SER C 182 26.29 6.89 21.92
N PHE C 183 26.12 8.17 21.60
CA PHE C 183 26.71 8.83 20.44
C PHE C 183 27.50 10.03 20.92
N GLY C 184 28.81 10.00 20.72
CA GLY C 184 29.62 11.16 21.01
C GLY C 184 30.25 11.22 22.37
N TYR C 185 30.02 10.22 23.22
CA TYR C 185 30.69 10.14 24.52
C TYR C 185 31.24 8.74 24.63
N THR C 186 32.54 8.64 24.86
CA THR C 186 33.21 7.34 24.86
C THR C 186 32.95 6.61 26.18
N MET C 187 33.61 5.47 26.33
CA MET C 187 33.37 4.62 27.49
C MET C 187 33.99 5.22 28.74
N ASN C 188 35.08 5.96 28.61
CA ASN C 188 35.68 6.62 29.75
C ASN C 188 34.87 7.80 30.26
N ASP C 189 33.98 8.38 29.44
CA ASP C 189 33.14 9.45 29.93
C ASP C 189 31.71 9.07 30.26
N LEU C 190 31.11 8.10 29.57
CA LEU C 190 29.72 7.73 29.83
C LEU C 190 29.59 6.22 29.86
N ILE C 191 28.98 5.67 30.90
CA ILE C 191 28.79 4.23 31.05
C ILE C 191 27.31 3.95 31.30
N PHE C 192 26.72 3.11 30.47
CA PHE C 192 25.32 2.71 30.57
C PHE C 192 25.23 1.38 31.30
N GLU C 193 24.32 1.28 32.27
CA GLU C 193 24.13 0.05 33.01
C GLU C 193 22.66 -0.26 33.14
N TRP C 194 22.33 -1.55 33.24
CA TRP C 194 20.93 -1.94 33.41
C TRP C 194 20.53 -1.77 34.87
N ASP C 195 19.23 -1.77 35.11
CA ASP C 195 18.74 -1.64 36.47
C ASP C 195 18.81 -2.95 37.22
N GLU C 196 19.00 -2.87 38.54
CA GLU C 196 19.07 -4.08 39.34
C GLU C 196 17.69 -4.55 39.80
N LYS C 197 16.82 -3.64 40.21
CA LYS C 197 15.46 -4.00 40.61
C LYS C 197 14.66 -4.12 39.33
N GLY C 198 14.52 -5.34 38.84
CA GLY C 198 13.80 -5.62 37.62
C GLY C 198 14.62 -5.22 36.40
N ALA C 199 14.21 -5.68 35.23
CA ALA C 199 14.91 -5.34 34.01
C ALA C 199 14.04 -4.58 33.03
N VAL C 200 12.94 -5.20 32.63
CA VAL C 200 12.01 -4.70 31.64
C VAL C 200 10.64 -4.99 32.21
N GLN C 201 9.83 -3.95 32.36
CA GLN C 201 8.48 -4.08 32.87
C GLN C 201 7.51 -4.15 31.71
N VAL C 202 6.80 -5.20 31.61
CA VAL C 202 5.78 -5.31 30.57
C VAL C 202 4.47 -4.85 31.17
N ALA C 203 3.60 -4.26 30.36
CA ALA C 203 2.31 -3.79 30.85
C ALA C 203 1.41 -4.97 31.11
N ASP C 204 0.56 -4.85 32.12
CA ASP C 204 -0.36 -5.92 32.43
C ASP C 204 -1.46 -6.00 31.39
N GLY C 205 -1.84 -7.23 31.03
CA GLY C 205 -2.83 -7.40 30.00
C GLY C 205 -2.33 -7.32 28.59
N LEU C 206 -1.04 -7.08 28.38
CA LEU C 206 -0.53 -6.95 27.01
C LEU C 206 -0.45 -8.33 26.36
N THR C 207 -1.05 -8.43 25.18
CA THR C 207 -1.11 -9.68 24.43
C THR C 207 -0.75 -9.41 22.98
N LEU C 208 -0.25 -10.45 22.33
CA LEU C 208 0.14 -10.44 20.94
C LEU C 208 -0.73 -11.43 20.19
N PRO C 209 -1.24 -11.06 19.02
CA PRO C 209 -2.17 -11.96 18.33
C PRO C 209 -1.46 -13.14 17.70
N GLN C 210 -0.22 -12.95 17.24
CA GLN C 210 0.49 -13.99 16.53
C GLN C 210 1.61 -14.65 17.32
N PHE C 211 2.08 -14.04 18.40
CA PHE C 211 3.22 -14.54 19.15
C PHE C 211 2.91 -14.61 20.65
N ILE C 212 3.79 -15.28 21.38
CA ILE C 212 3.72 -15.37 22.84
C ILE C 212 5.02 -14.88 23.43
N LEU C 213 4.96 -13.81 24.22
CA LEU C 213 6.15 -13.24 24.85
C LEU C 213 6.56 -14.06 26.06
N LYS C 214 7.80 -14.55 26.08
CA LYS C 214 8.30 -15.30 27.22
C LYS C 214 8.53 -14.41 28.46
N GLU C 215 8.56 -15.06 29.62
CA GLU C 215 8.63 -14.36 30.89
C GLU C 215 10.04 -13.85 31.22
N GLU C 216 11.07 -14.63 30.93
CA GLU C 216 12.44 -14.18 31.13
C GLU C 216 12.98 -13.37 29.97
N LYS C 217 13.90 -12.44 30.27
CA LYS C 217 14.47 -11.57 29.26
C LYS C 217 15.96 -11.43 29.53
N ASP C 218 16.78 -11.62 28.49
CA ASP C 218 18.22 -11.55 28.65
C ASP C 218 18.73 -10.12 28.72
N LEU C 219 19.72 -9.90 29.57
CA LEU C 219 20.39 -8.60 29.69
C LEU C 219 21.87 -8.83 29.46
N ARG C 220 22.32 -8.80 28.22
CA ARG C 220 23.73 -8.97 27.91
C ARG C 220 24.23 -7.66 27.34
N TYR C 221 25.13 -7.00 28.02
CA TYR C 221 25.65 -5.75 27.46
C TYR C 221 26.96 -6.02 26.75
N CYS C 222 27.02 -5.59 25.50
CA CYS C 222 28.19 -5.68 24.66
C CYS C 222 28.60 -4.27 24.26
N THR C 223 29.89 -4.04 24.14
CA THR C 223 30.45 -2.72 23.89
C THR C 223 30.93 -2.65 22.45
N LYS C 224 30.33 -1.77 21.65
CA LYS C 224 30.74 -1.63 20.27
C LYS C 224 32.02 -0.82 20.16
N HIS C 225 32.90 -1.26 19.26
CA HIS C 225 34.17 -0.61 19.02
C HIS C 225 34.16 0.01 17.63
N TYR C 226 34.62 1.25 17.55
CA TYR C 226 34.69 2.02 16.33
C TYR C 226 36.07 2.63 16.26
N ASN C 227 36.45 3.10 15.07
CA ASN C 227 37.76 3.73 14.90
C ASN C 227 37.89 4.97 15.79
N THR C 228 36.81 5.75 15.90
CA THR C 228 36.82 6.93 16.77
C THR C 228 37.05 6.53 18.23
N GLY C 229 36.40 5.46 18.68
CA GLY C 229 36.57 5.01 20.04
C GLY C 229 35.55 3.94 20.37
N LYS C 230 35.52 3.56 21.64
CA LYS C 230 34.57 2.57 22.12
C LYS C 230 33.41 3.30 22.78
N PHE C 231 32.21 2.75 22.65
CA PHE C 231 31.03 3.40 23.19
C PHE C 231 30.21 2.41 24.00
N THR C 232 29.65 2.88 25.11
CA THR C 232 28.86 2.02 25.98
C THR C 232 27.54 1.63 25.33
N CYS C 233 27.16 0.38 25.51
CA CYS C 233 25.96 -0.16 24.88
C CYS C 233 25.40 -1.27 25.75
N ILE C 234 24.10 -1.25 25.96
CA ILE C 234 23.39 -2.29 26.70
C ILE C 234 22.26 -2.77 25.82
N GLU C 235 21.93 -4.06 25.92
CA GLU C 235 20.89 -4.58 25.06
C GLU C 235 20.00 -5.52 25.86
N ALA C 236 18.77 -5.70 25.37
CA ALA C 236 17.80 -6.61 25.98
C ALA C 236 17.18 -7.47 24.90
N ARG C 237 17.00 -8.75 25.20
CA ARG C 237 16.50 -9.72 24.23
C ARG C 237 15.15 -10.27 24.67
N PHE C 238 14.17 -10.24 23.77
CA PHE C 238 12.85 -10.81 24.00
C PHE C 238 12.71 -12.08 23.18
N HIS C 239 12.38 -13.19 23.83
CA HIS C 239 12.19 -14.46 23.14
C HIS C 239 10.72 -14.61 22.79
N LEU C 240 10.43 -14.65 21.50
CA LEU C 240 9.05 -14.67 21.01
C LEU C 240 8.70 -16.04 20.45
N GLU C 241 7.74 -16.70 21.07
CA GLU C 241 7.25 -18.00 20.61
C GLU C 241 6.14 -17.78 19.59
N ARG C 242 6.32 -18.27 18.37
CA ARG C 242 5.26 -18.15 17.38
C ARG C 242 4.15 -19.15 17.67
N GLN C 243 2.92 -18.66 17.71
CA GLN C 243 1.76 -19.52 17.97
C GLN C 243 1.46 -20.37 16.76
N MET C 244 1.13 -21.64 17.01
CA MET C 244 0.90 -22.61 15.95
C MET C 244 -0.58 -22.86 15.66
N GLY C 245 -1.47 -22.09 16.26
CA GLY C 245 -2.88 -22.34 16.03
C GLY C 245 -3.38 -21.89 14.68
N TYR C 246 -2.86 -20.79 14.16
CA TYR C 246 -3.36 -20.29 12.88
C TYR C 246 -2.83 -21.10 11.72
N TYR C 247 -1.55 -21.50 11.79
CA TYR C 247 -0.94 -22.15 10.64
C TYR C 247 -1.42 -23.57 10.50
N LEU C 248 -1.95 -24.14 11.58
CA LEU C 248 -2.55 -25.46 11.48
C LEU C 248 -3.86 -25.40 10.71
N ILE C 249 -4.65 -24.35 10.93
CA ILE C 249 -5.93 -24.21 10.25
C ILE C 249 -5.74 -23.77 8.80
N GLN C 250 -4.87 -22.79 8.56
CA GLN C 250 -4.77 -22.21 7.23
C GLN C 250 -4.00 -23.09 6.25
N MET C 251 -2.92 -23.72 6.70
CA MET C 251 -2.01 -24.38 5.77
C MET C 251 -1.98 -25.89 5.87
N TYR C 252 -2.04 -26.46 7.07
CA TYR C 252 -1.82 -27.89 7.18
C TYR C 252 -3.05 -28.70 6.80
N ILE C 253 -4.23 -28.28 7.23
CA ILE C 253 -5.45 -29.02 6.92
C ILE C 253 -5.89 -28.96 5.45
N PRO C 254 -5.82 -27.83 4.72
CA PRO C 254 -6.21 -27.90 3.29
C PRO C 254 -5.29 -28.77 2.44
N SER C 255 -4.02 -28.87 2.79
CA SER C 255 -3.13 -29.79 2.12
C SER C 255 -3.51 -31.25 2.38
N LEU C 256 -3.96 -31.56 3.60
CA LEU C 256 -4.49 -32.90 3.86
C LEU C 256 -5.77 -33.16 3.11
N LEU C 257 -6.56 -32.12 2.86
CA LEU C 257 -7.78 -32.29 2.11
C LEU C 257 -7.47 -32.64 0.67
N ILE C 258 -6.41 -32.03 0.13
CA ILE C 258 -6.02 -32.29 -1.24
C ILE C 258 -5.46 -33.70 -1.36
N VAL C 259 -4.64 -34.13 -0.40
CA VAL C 259 -4.09 -35.48 -0.45
C VAL C 259 -5.18 -36.53 -0.25
N ILE C 260 -6.18 -36.24 0.58
CA ILE C 260 -7.28 -37.19 0.77
C ILE C 260 -8.13 -37.31 -0.49
N LEU C 261 -8.28 -36.20 -1.21
CA LEU C 261 -9.00 -36.23 -2.48
C LEU C 261 -8.26 -37.03 -3.54
N SER C 262 -6.94 -36.91 -3.56
CA SER C 262 -6.17 -37.75 -4.47
C SER C 262 -6.23 -39.21 -4.08
N TRP C 263 -6.43 -39.51 -2.81
CA TRP C 263 -6.66 -40.91 -2.43
C TRP C 263 -8.01 -41.38 -2.90
N VAL C 264 -9.01 -40.48 -2.92
CA VAL C 264 -10.37 -40.81 -3.36
C VAL C 264 -10.34 -41.22 -4.83
N SER C 265 -9.39 -40.69 -5.59
CA SER C 265 -9.26 -41.07 -7.00
C SER C 265 -8.96 -42.56 -7.25
N PHE C 266 -8.53 -43.31 -6.24
CA PHE C 266 -8.23 -44.73 -6.43
C PHE C 266 -9.47 -45.60 -6.55
N TRP C 267 -10.59 -45.20 -5.94
CA TRP C 267 -11.80 -46.01 -5.97
C TRP C 267 -12.57 -45.90 -7.28
N ILE C 268 -12.29 -44.88 -8.09
CA ILE C 268 -13.01 -44.68 -9.34
C ILE C 268 -12.59 -45.73 -10.36
N ASN C 269 -13.48 -46.00 -11.31
CA ASN C 269 -13.28 -47.07 -12.28
C ASN C 269 -12.11 -46.75 -13.20
N MET C 270 -11.32 -47.78 -13.50
CA MET C 270 -10.11 -47.57 -14.29
C MET C 270 -10.42 -47.30 -15.76
N ASP C 271 -11.55 -47.78 -16.25
CA ASP C 271 -11.93 -47.50 -17.62
C ASP C 271 -12.37 -46.06 -17.81
N ALA C 272 -12.85 -45.42 -16.74
CA ALA C 272 -13.22 -44.00 -16.79
C ALA C 272 -11.95 -43.16 -16.70
N ALA C 273 -11.29 -43.02 -17.83
CA ALA C 273 -10.02 -42.30 -17.91
C ALA C 273 -10.12 -40.78 -17.76
N PRO C 274 -11.08 -40.06 -18.38
CA PRO C 274 -11.14 -38.61 -18.14
C PRO C 274 -11.43 -38.24 -16.71
N ALA C 275 -12.19 -39.07 -15.99
CA ALA C 275 -12.52 -38.79 -14.60
C ALA C 275 -11.29 -38.84 -13.71
N ARG C 276 -10.54 -39.94 -13.78
CA ARG C 276 -9.38 -40.10 -12.91
C ARG C 276 -8.25 -39.16 -13.30
N VAL C 277 -8.07 -38.94 -14.61
CA VAL C 277 -7.03 -38.03 -15.08
C VAL C 277 -7.35 -36.59 -14.66
N GLY C 278 -8.61 -36.17 -14.83
CA GLY C 278 -9.00 -34.83 -14.44
C GLY C 278 -8.94 -34.59 -12.95
N LEU C 279 -9.34 -35.60 -12.15
CA LEU C 279 -9.28 -35.45 -10.70
C LEU C 279 -7.83 -35.30 -10.25
N GLY C 280 -6.94 -36.15 -10.76
CA GLY C 280 -5.54 -36.07 -10.36
C GLY C 280 -4.87 -34.79 -10.82
N ILE C 281 -5.19 -34.34 -12.04
CA ILE C 281 -4.57 -33.13 -12.55
C ILE C 281 -5.00 -31.90 -11.76
N THR C 282 -6.30 -31.78 -11.42
CA THR C 282 -6.73 -30.65 -10.61
C THR C 282 -6.22 -30.67 -9.18
N THR C 283 -6.02 -31.86 -8.60
CA THR C 283 -5.37 -31.89 -7.29
C THR C 283 -3.92 -31.45 -7.34
N VAL C 284 -3.19 -31.79 -8.41
CA VAL C 284 -1.80 -31.33 -8.53
C VAL C 284 -1.76 -29.81 -8.72
N LEU C 285 -2.67 -29.28 -9.54
CA LEU C 285 -2.72 -27.85 -9.82
C LEU C 285 -3.04 -27.05 -8.57
N THR C 286 -4.05 -27.48 -7.81
CA THR C 286 -4.40 -26.75 -6.60
C THR C 286 -3.36 -26.90 -5.51
N MET C 287 -2.65 -28.03 -5.46
CA MET C 287 -1.52 -28.13 -4.55
C MET C 287 -0.42 -27.13 -4.89
N THR C 288 -0.14 -26.93 -6.19
CA THR C 288 0.86 -25.96 -6.59
C THR C 288 0.45 -24.54 -6.23
N THR C 289 -0.82 -24.18 -6.49
CA THR C 289 -1.25 -22.83 -6.16
C THR C 289 -1.34 -22.60 -4.65
N GLN C 290 -1.67 -23.62 -3.88
CA GLN C 290 -1.69 -23.47 -2.43
C GLN C 290 -0.27 -23.30 -1.89
N SER C 291 0.69 -24.02 -2.46
CA SER C 291 2.08 -23.85 -2.04
C SER C 291 2.62 -22.50 -2.44
N SER C 292 2.18 -21.97 -3.57
CA SER C 292 2.66 -20.67 -4.00
C SER C 292 2.02 -19.55 -3.20
N GLY C 293 0.80 -19.77 -2.71
CA GLY C 293 0.12 -18.74 -1.96
C GLY C 293 0.46 -18.71 -0.49
N SER C 294 0.97 -19.80 0.08
CA SER C 294 1.35 -19.74 1.47
C SER C 294 2.69 -19.07 1.71
N ARG C 295 3.54 -18.97 0.69
CA ARG C 295 4.84 -18.35 0.79
C ARG C 295 4.82 -16.89 0.38
N ALA C 296 3.64 -16.34 0.14
CA ALA C 296 3.54 -14.98 -0.37
C ALA C 296 3.87 -13.94 0.71
N SER C 297 3.47 -14.17 1.95
CA SER C 297 3.75 -13.21 3.01
C SER C 297 5.04 -13.55 3.73
N LEU C 298 6.13 -13.61 2.97
CA LEU C 298 7.42 -14.00 3.53
C LEU C 298 8.53 -13.34 2.74
N PRO C 299 9.66 -13.04 3.37
CA PRO C 299 10.81 -12.53 2.63
C PRO C 299 11.42 -13.61 1.75
N LYS C 300 12.17 -13.16 0.75
CA LYS C 300 12.76 -14.03 -0.24
C LYS C 300 14.04 -14.61 0.35
N VAL C 301 13.87 -15.57 1.26
CA VAL C 301 15.01 -16.22 1.88
C VAL C 301 15.50 -17.36 0.98
N SER C 302 16.74 -17.77 1.20
CA SER C 302 17.39 -18.72 0.31
C SER C 302 17.73 -20.03 1.01
N TYR C 303 16.98 -20.40 2.04
CA TYR C 303 17.16 -21.68 2.69
C TYR C 303 15.82 -22.40 2.72
N VAL C 304 15.88 -23.71 2.89
CA VAL C 304 14.67 -24.54 2.88
C VAL C 304 13.99 -24.43 4.24
N LYS C 305 12.71 -24.10 4.24
CA LYS C 305 11.91 -23.96 5.44
C LYS C 305 11.11 -25.25 5.67
N ALA C 306 10.34 -25.26 6.74
CA ALA C 306 9.54 -26.44 7.06
C ALA C 306 8.30 -26.56 6.18
N ILE C 307 7.69 -25.43 5.82
CA ILE C 307 6.53 -25.51 4.94
C ILE C 307 6.94 -25.95 3.55
N ASP C 308 8.18 -25.65 3.14
CA ASP C 308 8.69 -26.15 1.88
C ASP C 308 8.70 -27.67 1.87
N ILE C 309 9.19 -28.26 2.96
CA ILE C 309 9.24 -29.72 3.10
C ILE C 309 7.84 -30.30 3.11
N TRP C 310 6.92 -29.67 3.84
CA TRP C 310 5.56 -30.20 3.94
C TRP C 310 4.83 -30.15 2.60
N MET C 311 4.82 -28.98 1.95
CA MET C 311 4.16 -28.85 0.66
C MET C 311 4.84 -29.68 -0.41
N ALA C 312 6.15 -29.90 -0.28
CA ALA C 312 6.85 -30.72 -1.25
C ALA C 312 6.46 -32.19 -1.12
N VAL C 313 6.34 -32.69 0.11
CA VAL C 313 5.95 -34.10 0.26
C VAL C 313 4.49 -34.31 -0.12
N CYS C 314 3.62 -33.34 0.18
CA CYS C 314 2.22 -33.47 -0.22
C CYS C 314 2.05 -33.41 -1.72
N LEU C 315 2.80 -32.52 -2.38
CA LEU C 315 2.79 -32.45 -3.83
C LEU C 315 3.37 -33.71 -4.45
N LEU C 316 4.38 -34.29 -3.81
CA LEU C 316 4.94 -35.55 -4.28
C LEU C 316 3.92 -36.68 -4.16
N PHE C 317 3.07 -36.64 -3.13
CA PHE C 317 2.06 -37.68 -2.97
C PHE C 317 0.99 -37.59 -4.04
N VAL C 318 0.50 -36.39 -4.33
CA VAL C 318 -0.52 -36.29 -5.38
C VAL C 318 0.07 -36.55 -6.76
N PHE C 319 1.35 -36.25 -6.95
CA PHE C 319 1.98 -36.52 -8.24
C PHE C 319 2.22 -38.01 -8.43
N SER C 320 2.57 -38.71 -7.35
CA SER C 320 2.72 -40.16 -7.43
C SER C 320 1.38 -40.84 -7.67
N ALA C 321 0.29 -40.30 -7.13
CA ALA C 321 -1.03 -40.85 -7.46
C ALA C 321 -1.34 -40.73 -8.95
N LEU C 322 -0.99 -39.58 -9.54
CA LEU C 322 -1.19 -39.45 -10.98
C LEU C 322 -0.30 -40.40 -11.78
N LEU C 323 0.92 -40.64 -11.30
CA LEU C 323 1.81 -41.59 -11.97
C LEU C 323 1.29 -43.01 -11.85
N GLU C 324 0.67 -43.34 -10.72
CA GLU C 324 0.09 -44.66 -10.53
C GLU C 324 -1.06 -44.91 -11.49
N TYR C 325 -1.90 -43.89 -11.71
CA TYR C 325 -2.94 -44.09 -12.71
C TYR C 325 -2.37 -44.17 -14.12
N ALA C 326 -1.29 -43.46 -14.39
CA ALA C 326 -0.69 -43.55 -15.73
C ALA C 326 -0.10 -44.93 -15.99
N ALA C 327 0.47 -45.56 -14.96
CA ALA C 327 0.97 -46.92 -15.12
C ALA C 327 -0.17 -47.93 -15.29
N VAL C 328 -1.26 -47.74 -14.55
CA VAL C 328 -2.44 -48.61 -14.71
C VAL C 328 -3.01 -48.52 -16.11
N ASN C 329 -3.12 -47.32 -16.66
CA ASN C 329 -3.69 -47.17 -17.99
C ASN C 329 -2.70 -47.58 -19.07
N PHE C 330 -1.40 -47.59 -18.78
CA PHE C 330 -0.44 -48.16 -19.73
C PHE C 330 -0.56 -49.68 -19.79
N ILE C 331 -0.72 -50.32 -18.64
CA ILE C 331 -0.91 -51.77 -18.61
C ILE C 331 -2.22 -52.15 -19.31
N ALA C 332 -3.27 -51.35 -19.13
CA ALA C 332 -4.52 -51.58 -19.84
C ALA C 332 -4.36 -51.34 -21.34
N ARG C 333 -3.51 -50.40 -21.75
CA ARG C 333 -3.20 -50.19 -23.16
C ARG C 333 -2.56 -51.43 -23.76
N GLN C 334 -1.59 -52.02 -23.04
CA GLN C 334 -0.95 -53.24 -23.53
C GLN C 334 -1.97 -54.36 -23.62
N HIS C 335 -2.93 -54.37 -22.69
CA HIS C 335 -4.03 -55.32 -22.69
C HIS C 335 -4.88 -55.17 -23.95
N LYS C 336 -5.28 -53.94 -24.26
CA LYS C 336 -6.15 -53.69 -25.40
C LYS C 336 -5.45 -53.95 -26.73
N GLU C 337 -4.13 -53.63 -26.83
CA GLU C 337 -3.43 -53.92 -28.08
C GLU C 337 -3.22 -55.40 -28.31
N LEU C 338 -2.94 -56.16 -27.24
CA LEU C 338 -2.79 -57.58 -27.48
C LEU C 338 -4.13 -58.29 -27.63
N LEU C 339 -5.22 -57.65 -27.21
CA LEU C 339 -6.54 -58.24 -27.46
C LEU C 339 -6.99 -58.03 -28.89
N ARG C 340 -6.97 -56.78 -29.37
CA ARG C 340 -7.46 -56.48 -30.71
C ARG C 340 -6.30 -56.08 -31.62
N PHE C 341 -6.24 -56.70 -32.79
CA PHE C 341 -5.19 -56.43 -33.76
C PHE C 341 -5.67 -55.52 -34.89
N LYS C 394 -3.03 -68.57 -28.85
CA LYS C 394 -2.00 -67.54 -28.81
C LYS C 394 -1.85 -67.00 -27.39
N THR C 395 -2.23 -67.84 -26.40
CA THR C 395 -2.17 -67.55 -24.95
C THR C 395 -2.89 -66.25 -24.59
N VAL C 396 -3.96 -65.95 -25.33
CA VAL C 396 -4.60 -64.65 -25.22
C VAL C 396 -5.43 -64.56 -23.94
N GLU C 397 -6.09 -65.65 -23.56
CA GLU C 397 -6.98 -65.61 -22.39
C GLU C 397 -6.20 -65.40 -21.10
N GLU C 398 -5.18 -66.23 -20.87
CA GLU C 398 -4.33 -66.11 -19.67
C GLU C 398 -3.45 -64.86 -19.66
N MET C 399 -3.06 -64.29 -20.82
CA MET C 399 -2.44 -62.95 -20.75
C MET C 399 -3.42 -61.83 -20.47
N ARG C 400 -4.68 -61.98 -20.87
CA ARG C 400 -5.72 -61.01 -20.51
C ARG C 400 -5.94 -61.07 -19.01
N LYS C 401 -5.95 -62.30 -18.48
CA LYS C 401 -6.09 -62.52 -17.05
C LYS C 401 -4.91 -61.88 -16.33
N LEU C 402 -3.68 -62.14 -16.80
CA LEU C 402 -2.49 -61.58 -16.16
C LEU C 402 -2.53 -60.05 -16.15
N PHE C 403 -2.90 -59.40 -17.26
CA PHE C 403 -2.92 -57.94 -17.23
C PHE C 403 -4.11 -57.36 -16.46
N ILE C 404 -5.27 -58.01 -16.44
CA ILE C 404 -6.37 -57.50 -15.61
C ILE C 404 -6.10 -57.75 -14.13
N SER C 405 -5.54 -58.89 -13.79
CA SER C 405 -5.19 -59.19 -12.41
C SER C 405 -4.10 -58.26 -11.90
N ARG C 406 -3.11 -57.95 -12.75
CA ARG C 406 -2.05 -57.04 -12.33
C ARG C 406 -2.58 -55.62 -12.20
N ALA C 407 -3.46 -55.19 -13.12
CA ALA C 407 -4.04 -53.87 -13.02
C ALA C 407 -5.00 -53.74 -11.84
N LYS C 408 -5.61 -54.84 -11.41
CA LYS C 408 -6.41 -54.79 -10.19
C LYS C 408 -5.52 -54.82 -8.96
N ARG C 409 -4.41 -55.55 -9.02
CA ARG C 409 -3.52 -55.69 -7.88
C ARG C 409 -2.81 -54.38 -7.57
N ILE C 410 -2.50 -53.59 -8.60
CA ILE C 410 -1.85 -52.31 -8.39
C ILE C 410 -2.77 -51.36 -7.65
N ASP C 411 -4.04 -51.30 -8.07
CA ASP C 411 -5.01 -50.45 -7.37
C ASP C 411 -5.28 -50.94 -5.96
N THR C 412 -5.35 -52.26 -5.76
CA THR C 412 -5.65 -52.81 -4.44
C THR C 412 -4.50 -52.58 -3.48
N VAL C 413 -3.25 -52.66 -3.95
CA VAL C 413 -2.14 -52.43 -3.05
C VAL C 413 -1.92 -50.93 -2.85
N SER C 414 -2.28 -50.11 -3.84
CA SER C 414 -2.08 -48.67 -3.72
C SER C 414 -3.08 -48.08 -2.73
N ARG C 415 -4.31 -48.61 -2.73
CA ARG C 415 -5.37 -48.11 -1.86
C ARG C 415 -5.02 -48.28 -0.39
N VAL C 416 -4.25 -49.30 -0.05
CA VAL C 416 -3.76 -49.46 1.31
C VAL C 416 -2.43 -48.74 1.52
N ALA C 417 -1.54 -48.77 0.51
CA ALA C 417 -0.18 -48.34 0.73
C ALA C 417 -0.03 -46.83 0.77
N PHE C 418 -0.91 -46.08 0.10
CA PHE C 418 -0.75 -44.63 0.09
C PHE C 418 -1.03 -43.99 1.46
N PRO C 419 -2.16 -44.22 2.14
CA PRO C 419 -2.36 -43.51 3.41
C PRO C 419 -1.49 -44.02 4.53
N LEU C 420 -1.03 -45.27 4.48
CA LEU C 420 -0.15 -45.76 5.54
C LEU C 420 1.22 -45.09 5.48
N VAL C 421 1.77 -44.90 4.27
CA VAL C 421 3.07 -44.25 4.17
C VAL C 421 2.90 -42.75 4.43
N PHE C 422 1.71 -42.21 4.15
CA PHE C 422 1.47 -40.83 4.52
C PHE C 422 1.40 -40.65 6.03
N LEU C 423 0.79 -41.60 6.73
CA LEU C 423 0.72 -41.53 8.18
C LEU C 423 2.11 -41.68 8.80
N ILE C 424 2.95 -42.51 8.19
CA ILE C 424 4.32 -42.68 8.67
C ILE C 424 5.12 -41.40 8.49
N PHE C 425 4.98 -40.74 7.32
CA PHE C 425 5.65 -39.45 7.11
C PHE C 425 5.14 -38.41 8.08
N ASN C 426 3.84 -38.40 8.37
CA ASN C 426 3.27 -37.41 9.28
C ASN C 426 3.84 -37.55 10.67
N ILE C 427 3.90 -38.77 11.19
CA ILE C 427 4.40 -38.91 12.56
C ILE C 427 5.91 -38.65 12.61
N PHE C 428 6.65 -38.98 11.54
CA PHE C 428 8.08 -38.71 11.56
C PHE C 428 8.39 -37.22 11.49
N TYR C 429 7.73 -36.51 10.57
CA TYR C 429 7.88 -35.06 10.46
C TYR C 429 7.48 -34.35 11.74
N TRP C 430 6.36 -34.76 12.33
CA TRP C 430 5.88 -34.06 13.52
C TRP C 430 6.79 -34.30 14.71
N ILE C 431 7.27 -35.54 14.91
CA ILE C 431 8.16 -35.74 16.05
C ILE C 431 9.53 -35.11 15.82
N THR C 432 10.04 -35.06 14.58
CA THR C 432 11.34 -34.43 14.41
C THR C 432 11.25 -32.92 14.56
N TYR C 433 10.12 -32.32 14.19
CA TYR C 433 9.99 -30.90 14.45
C TYR C 433 9.69 -30.61 15.91
N LYS C 434 9.02 -31.54 16.61
CA LYS C 434 8.83 -31.37 18.04
C LYS C 434 10.16 -31.43 18.79
N ILE C 435 11.05 -32.36 18.39
CA ILE C 435 12.33 -32.46 19.08
C ILE C 435 13.26 -31.31 18.66
N ILE C 436 13.15 -30.79 17.43
CA ILE C 436 13.99 -29.64 17.10
C ILE C 436 13.43 -28.35 17.66
N ARG C 437 12.13 -28.29 17.94
CA ARG C 437 11.57 -27.14 18.62
C ARG C 437 11.96 -27.15 20.09
N SER C 438 11.93 -28.33 20.70
CA SER C 438 12.35 -28.44 22.09
C SER C 438 13.86 -28.27 22.22
N GLU C 439 14.62 -28.64 21.18
CA GLU C 439 16.06 -28.39 21.21
C GLU C 439 16.35 -26.90 21.08
N ASP C 440 15.52 -26.18 20.33
CA ASP C 440 15.71 -24.73 20.20
C ASP C 440 15.36 -24.05 21.53
N ILE C 441 14.33 -24.55 22.22
CA ILE C 441 13.92 -23.96 23.50
C ILE C 441 14.86 -24.40 24.64
N HIS C 442 15.61 -25.49 24.46
CA HIS C 442 16.58 -25.91 25.47
C HIS C 442 17.93 -25.24 25.26
N LYS C 443 18.32 -25.02 24.00
CA LYS C 443 19.60 -24.36 23.74
C LYS C 443 19.45 -22.86 23.96
N GLN C 444 18.31 -22.30 23.55
CA GLN C 444 17.94 -20.89 23.62
C GLN C 444 18.95 -19.98 22.92
N PRO D 31 -13.82 51.07 30.67
CA PRO D 31 -12.98 52.14 30.13
C PRO D 31 -11.53 51.72 29.97
N MET D 32 -11.15 50.64 30.64
CA MET D 32 -9.77 50.19 30.55
C MET D 32 -9.49 49.51 29.21
N PRO D 33 -8.39 49.86 28.55
CA PRO D 33 -8.06 49.21 27.28
C PRO D 33 -7.63 47.78 27.50
N PRO D 34 -7.93 46.88 26.56
CA PRO D 34 -7.67 45.45 26.75
C PRO D 34 -6.22 44.99 26.67
N SER D 35 -5.29 45.73 26.06
CA SER D 35 -3.93 45.21 25.94
C SER D 35 -3.17 45.13 27.26
N GLU D 36 -3.29 46.15 28.11
CA GLU D 36 -2.64 46.07 29.40
C GLU D 36 -3.30 45.02 30.28
N PHE D 37 -4.62 44.88 30.19
CA PHE D 37 -5.31 43.86 30.99
C PHE D 37 -4.88 42.46 30.58
N LEU D 38 -4.65 42.22 29.29
CA LEU D 38 -4.26 40.87 28.93
C LEU D 38 -2.75 40.69 28.85
N ASP D 39 -1.97 41.70 29.20
CA ASP D 39 -0.56 41.47 29.49
C ASP D 39 -0.27 41.58 30.98
N LYS D 40 -1.24 42.01 31.77
CA LYS D 40 -1.08 42.11 33.21
C LYS D 40 -1.09 40.75 33.87
N LEU D 41 -2.05 39.90 33.49
CA LEU D 41 -2.18 38.59 34.11
C LEU D 41 -1.11 37.61 33.67
N MET D 42 -0.50 37.80 32.50
CA MET D 42 0.54 36.90 32.04
C MET D 42 1.90 37.59 31.98
N GLY D 43 2.03 38.75 32.60
CA GLY D 43 3.29 39.47 32.59
C GLY D 43 4.30 38.94 33.59
N LYS D 44 5.57 39.22 33.30
CA LYS D 44 6.62 38.81 34.21
C LYS D 44 6.75 39.77 35.37
N VAL D 45 6.10 40.93 35.29
CA VAL D 45 5.98 41.78 36.47
C VAL D 45 4.92 41.22 37.40
N SER D 46 4.03 40.38 36.87
CA SER D 46 3.11 39.61 37.68
C SER D 46 3.84 38.34 38.09
N GLY D 47 3.38 37.72 39.16
CA GLY D 47 4.05 36.53 39.64
C GLY D 47 3.32 35.28 39.20
N TYR D 48 2.96 35.22 37.92
CA TYR D 48 2.14 34.12 37.44
C TYR D 48 2.89 32.79 37.45
N ASP D 49 4.08 32.73 36.83
CA ASP D 49 4.96 31.55 36.83
C ASP D 49 4.26 30.30 36.30
N ALA D 50 4.04 30.28 34.98
CA ALA D 50 3.25 29.23 34.34
C ALA D 50 3.85 27.84 34.45
N ARG D 51 5.13 27.73 34.79
CA ARG D 51 5.71 26.42 35.08
C ARG D 51 5.14 25.83 36.37
N ILE D 52 4.91 26.65 37.37
CA ILE D 52 4.35 26.21 38.65
C ILE D 52 2.85 25.96 38.51
N ARG D 53 2.40 24.77 38.96
CA ARG D 53 0.98 24.40 38.95
C ARG D 53 0.17 25.27 39.92
N PRO D 54 -1.13 25.43 39.68
CA PRO D 54 -1.96 26.23 40.58
C PRO D 54 -2.12 25.57 41.94
N ASN D 55 -2.34 26.44 42.94
CA ASN D 55 -2.35 26.13 44.38
C ASN D 55 -1.28 25.12 44.75
N PHE D 56 -0.04 25.54 44.54
CA PHE D 56 1.13 24.73 44.80
C PHE D 56 1.27 24.44 46.30
N LYS D 57 1.79 23.25 46.59
CA LYS D 57 1.91 22.68 47.94
C LYS D 57 0.57 22.62 48.65
N GLY D 58 -0.44 22.10 47.95
CA GLY D 58 -1.77 22.01 48.49
C GLY D 58 -2.54 20.82 47.96
N PRO D 59 -3.86 20.97 47.83
CA PRO D 59 -4.69 19.89 47.32
C PRO D 59 -4.48 19.72 45.83
N PRO D 60 -4.78 18.54 45.28
CA PRO D 60 -4.58 18.33 43.84
C PRO D 60 -5.57 19.11 43.00
N VAL D 61 -5.14 19.45 41.78
CA VAL D 61 -5.99 20.11 40.82
C VAL D 61 -7.00 19.12 40.27
N ASN D 62 -8.24 19.55 40.14
CA ASN D 62 -9.33 18.70 39.65
C ASN D 62 -9.67 19.16 38.24
N VAL D 63 -9.54 18.25 37.28
CA VAL D 63 -9.74 18.56 35.88
C VAL D 63 -10.94 17.77 35.39
N THR D 64 -11.90 18.47 34.81
CA THR D 64 -13.11 17.87 34.25
C THR D 64 -13.02 17.86 32.74
N CYS D 65 -13.19 16.67 32.14
CA CYS D 65 -12.99 16.48 30.72
C CYS D 65 -14.24 15.91 30.06
N ASN D 66 -14.67 16.52 28.96
CA ASN D 66 -15.69 15.93 28.11
C ASN D 66 -15.20 16.01 26.67
N ILE D 67 -15.44 14.97 25.90
CA ILE D 67 -14.97 14.92 24.52
C ILE D 67 -16.17 14.96 23.59
N PHE D 68 -15.95 15.44 22.38
CA PHE D 68 -17.02 15.51 21.38
C PHE D 68 -16.54 14.75 20.14
N ILE D 69 -17.18 13.64 19.84
CA ILE D 69 -16.78 12.81 18.71
C ILE D 69 -17.21 13.46 17.41
N ASN D 70 -16.26 14.06 16.69
CA ASN D 70 -16.61 14.73 15.45
C ASN D 70 -16.62 13.77 14.28
N SER D 71 -15.66 12.87 14.21
CA SER D 71 -15.59 11.84 13.19
C SER D 71 -15.15 10.56 13.87
N PHE D 72 -15.73 9.45 13.47
CA PHE D 72 -15.34 8.16 14.00
C PHE D 72 -15.41 7.20 12.82
N GLY D 73 -14.37 6.42 12.60
CA GLY D 73 -14.36 5.57 11.43
C GLY D 73 -12.97 5.03 11.16
N SER D 74 -12.80 4.53 9.92
CA SER D 74 -11.54 3.95 9.42
C SER D 74 -11.09 2.81 10.31
N ILE D 75 -12.04 1.98 10.71
CA ILE D 75 -11.78 0.86 11.60
C ILE D 75 -11.19 -0.28 10.80
N ALA D 76 -9.96 -0.66 11.14
CA ALA D 76 -9.27 -1.73 10.43
C ALA D 76 -9.02 -2.88 11.39
N GLU D 77 -9.34 -4.09 10.94
CA GLU D 77 -9.25 -5.26 11.79
C GLU D 77 -7.84 -5.83 11.82
N THR D 78 -7.11 -5.70 10.72
CA THR D 78 -5.82 -6.36 10.55
C THR D 78 -4.69 -5.73 11.33
N THR D 79 -4.84 -4.47 11.76
CA THR D 79 -3.86 -3.84 12.63
C THR D 79 -4.47 -3.39 13.93
N MET D 80 -5.75 -3.70 14.13
CA MET D 80 -6.52 -3.52 15.35
C MET D 80 -6.49 -2.08 15.88
N ASP D 81 -6.88 -1.13 15.04
CA ASP D 81 -6.94 0.26 15.48
C ASP D 81 -8.00 1.04 14.71
N TYR D 82 -8.41 2.17 15.28
CA TYR D 82 -9.47 3.00 14.72
C TYR D 82 -9.08 4.47 14.86
N ARG D 83 -9.68 5.32 14.04
CA ARG D 83 -9.32 6.72 13.93
C ARG D 83 -10.49 7.62 14.33
N VAL D 84 -10.31 8.42 15.38
CA VAL D 84 -11.33 9.35 15.84
C VAL D 84 -10.90 10.78 15.58
N ASN D 85 -11.87 11.67 15.60
CA ASN D 85 -11.64 13.12 15.62
C ASN D 85 -12.37 13.66 16.84
N ILE D 86 -11.66 14.20 17.82
CA ILE D 86 -12.33 14.58 19.05
C ILE D 86 -12.08 16.06 19.34
N PHE D 87 -13.03 16.67 20.04
CA PHE D 87 -12.88 18.03 20.55
C PHE D 87 -12.64 17.89 22.05
N LEU D 88 -11.38 17.81 22.46
CA LEU D 88 -11.04 17.59 23.86
C LEU D 88 -11.21 18.85 24.69
N ARG D 89 -12.21 18.87 25.57
CA ARG D 89 -12.48 20.04 26.42
C ARG D 89 -12.04 19.74 27.84
N GLN D 90 -11.14 20.56 28.38
CA GLN D 90 -10.61 20.40 29.74
C GLN D 90 -10.96 21.61 30.60
N GLN D 91 -11.63 21.37 31.72
CA GLN D 91 -12.01 22.43 32.65
C GLN D 91 -11.28 22.28 33.97
N TRP D 92 -10.52 23.31 34.36
CA TRP D 92 -9.86 23.32 35.66
C TRP D 92 -9.84 24.74 36.18
N ASN D 93 -9.66 24.89 37.49
CA ASN D 93 -9.71 26.19 38.13
C ASN D 93 -8.31 26.67 38.48
N ASP D 94 -8.01 27.93 38.14
CA ASP D 94 -6.74 28.57 38.47
C ASP D 94 -7.00 29.79 39.34
N PRO D 95 -6.48 29.85 40.57
CA PRO D 95 -6.77 31.00 41.43
C PRO D 95 -6.05 32.26 41.02
N ARG D 96 -4.85 32.15 40.45
CA ARG D 96 -4.08 33.33 40.08
C ARG D 96 -4.63 34.03 38.84
N LEU D 97 -5.41 33.33 38.05
CA LEU D 97 -5.98 33.87 36.83
C LEU D 97 -7.23 34.70 37.07
N ALA D 98 -7.73 34.77 38.30
CA ALA D 98 -8.97 35.47 38.59
C ALA D 98 -8.80 36.98 38.48
N TYR D 99 -9.78 37.64 37.88
CA TYR D 99 -9.77 39.07 37.67
C TYR D 99 -11.07 39.67 38.17
N SER D 100 -10.99 40.85 38.77
CA SER D 100 -12.17 41.53 39.29
C SER D 100 -12.43 42.88 38.63
N GLU D 101 -11.64 43.25 37.61
CA GLU D 101 -11.84 44.57 37.01
C GLU D 101 -12.99 44.59 36.02
N TYR D 102 -12.98 43.68 35.07
CA TYR D 102 -13.99 43.64 34.02
C TYR D 102 -15.28 42.98 34.50
N PRO D 103 -16.44 43.49 34.07
CA PRO D 103 -17.71 42.94 34.54
C PRO D 103 -18.23 41.75 33.75
N ASP D 104 -17.68 41.48 32.58
CA ASP D 104 -18.12 40.34 31.78
C ASP D 104 -17.59 39.04 32.36
N ASP D 105 -18.39 38.00 32.22
CA ASP D 105 -18.06 36.72 32.85
C ASP D 105 -17.30 35.78 31.93
N SER D 106 -17.59 35.78 30.63
CA SER D 106 -16.99 34.78 29.74
C SER D 106 -15.58 35.15 29.33
N LEU D 107 -15.42 36.26 28.60
CA LEU D 107 -14.14 36.78 28.08
C LEU D 107 -13.38 35.72 27.26
N ASP D 108 -13.91 35.42 26.08
CA ASP D 108 -13.21 34.54 25.15
C ASP D 108 -11.90 35.17 24.70
N LEU D 109 -10.81 34.42 24.77
CA LEU D 109 -9.49 34.93 24.43
C LEU D 109 -8.95 34.31 23.15
N ASP D 110 -7.93 34.96 22.60
CA ASP D 110 -7.21 34.55 21.41
C ASP D 110 -6.23 33.42 21.73
N PRO D 111 -6.17 32.40 20.89
CA PRO D 111 -5.39 31.19 21.21
C PRO D 111 -3.88 31.31 20.97
N SER D 112 -3.35 32.48 20.62
CA SER D 112 -1.91 32.55 20.38
C SER D 112 -1.15 32.63 21.69
N MET D 113 -1.77 33.21 22.71
CA MET D 113 -1.14 33.31 24.03
C MET D 113 -1.61 32.14 24.89
N LEU D 114 -1.25 30.95 24.42
CA LEU D 114 -1.52 29.72 25.14
C LEU D 114 -0.20 29.03 25.43
N ASP D 115 0.85 29.83 25.55
CA ASP D 115 2.18 29.39 25.90
C ASP D 115 2.38 29.38 27.40
N SER D 116 1.84 30.38 28.10
CA SER D 116 1.98 30.49 29.54
C SER D 116 0.60 30.61 30.16
N ILE D 117 -0.07 29.47 30.36
CA ILE D 117 -1.40 29.41 30.95
C ILE D 117 -1.44 28.26 31.96
N TRP D 118 -0.40 27.42 31.95
CA TRP D 118 -0.37 26.11 32.63
C TRP D 118 -1.49 25.23 32.10
N LYS D 119 -1.35 24.83 30.86
CA LYS D 119 -2.19 23.76 30.37
C LYS D 119 -1.80 22.46 31.06
N PRO D 120 -2.75 21.61 31.43
CA PRO D 120 -2.40 20.36 32.09
C PRO D 120 -1.88 19.35 31.10
N ASP D 121 -1.05 18.44 31.58
CA ASP D 121 -0.49 17.40 30.74
C ASP D 121 -1.51 16.28 30.58
N LEU D 122 -1.74 15.88 29.36
CA LEU D 122 -2.68 14.82 29.08
C LEU D 122 -2.14 14.02 27.91
N PHE D 123 -2.21 12.71 28.02
CA PHE D 123 -1.77 11.92 26.89
C PHE D 123 -2.60 10.65 26.88
N PHE D 124 -2.84 10.15 25.70
CA PHE D 124 -3.65 8.97 25.53
C PHE D 124 -2.78 7.75 25.66
N ALA D 125 -3.25 6.76 26.42
CA ALA D 125 -2.41 5.62 26.77
C ALA D 125 -2.21 4.68 25.61
N ASN D 126 -3.21 4.48 24.77
CA ASN D 126 -3.12 3.54 23.67
C ASN D 126 -3.35 4.32 22.38
N GLU D 127 -2.29 4.86 21.81
CA GLU D 127 -2.50 5.66 20.62
C GLU D 127 -1.27 5.70 19.74
N LYS D 128 -1.53 6.00 18.48
CA LYS D 128 -0.52 6.27 17.47
C LYS D 128 -0.92 7.57 16.79
N GLY D 129 0.05 8.24 16.19
CA GLY D 129 -0.28 9.47 15.50
C GLY D 129 -0.52 10.64 16.43
N ALA D 130 -1.80 11.01 16.61
CA ALA D 130 -2.24 12.12 17.45
C ALA D 130 -1.60 13.45 17.02
N ASN D 131 -1.92 13.85 15.80
CA ASN D 131 -1.46 15.12 15.26
C ASN D 131 -2.47 16.24 15.45
N PHE D 132 -1.97 17.43 15.75
CA PHE D 132 -2.75 18.63 15.92
C PHE D 132 -3.18 19.17 14.55
N HIS D 133 -4.12 20.11 14.55
CA HIS D 133 -4.57 20.74 13.31
C HIS D 133 -4.06 22.16 13.22
N GLU D 134 -3.14 22.41 12.30
CA GLU D 134 -2.54 23.73 12.14
C GLU D 134 -3.10 24.49 10.94
N VAL D 135 -4.28 24.14 10.45
CA VAL D 135 -4.79 24.73 9.21
C VAL D 135 -5.48 26.05 9.51
N THR D 136 -4.93 27.13 8.93
CA THR D 136 -5.37 28.51 8.86
C THR D 136 -5.20 29.22 10.21
N THR D 137 -4.95 28.45 11.28
CA THR D 137 -4.75 28.86 12.68
C THR D 137 -4.58 27.53 13.42
N ASP D 138 -4.03 27.60 14.61
CA ASP D 138 -4.08 26.49 15.56
C ASP D 138 -5.50 26.32 16.07
N ASN D 139 -6.06 25.13 15.88
CA ASN D 139 -7.45 24.85 16.25
C ASN D 139 -7.54 24.72 17.76
N LYS D 140 -7.67 25.86 18.43
CA LYS D 140 -7.64 25.92 19.89
C LYS D 140 -8.67 26.91 20.39
N LEU D 141 -9.12 26.69 21.63
CA LEU D 141 -10.09 27.54 22.28
C LEU D 141 -9.63 27.81 23.70
N LEU D 142 -9.59 29.08 24.09
CA LEU D 142 -9.21 29.49 25.43
C LEU D 142 -10.27 30.44 25.97
N ARG D 143 -10.89 30.09 27.08
CA ARG D 143 -11.90 30.93 27.69
C ARG D 143 -11.73 30.92 29.20
N ILE D 144 -11.37 32.06 29.77
CA ILE D 144 -11.08 32.21 31.20
C ILE D 144 -12.24 32.91 31.88
N SER D 145 -12.85 32.26 32.85
CA SER D 145 -13.99 32.84 33.53
C SER D 145 -13.52 33.86 34.56
N LYS D 146 -14.47 34.52 35.22
CA LYS D 146 -14.12 35.58 36.16
C LYS D 146 -13.57 35.02 37.47
N ASN D 147 -14.10 33.90 37.92
CA ASN D 147 -13.64 33.31 39.17
C ASN D 147 -12.37 32.48 39.02
N GLY D 148 -11.95 32.19 37.79
CA GLY D 148 -10.75 31.42 37.55
C GLY D 148 -10.97 30.12 36.78
N ASN D 149 -12.17 29.84 36.31
CA ASN D 149 -12.42 28.61 35.57
C ASN D 149 -11.87 28.76 34.16
N VAL D 150 -11.13 27.77 33.68
CA VAL D 150 -10.50 27.81 32.37
C VAL D 150 -11.08 26.73 31.47
N LEU D 151 -11.53 27.13 30.29
CA LEU D 151 -11.99 26.19 29.27
C LEU D 151 -10.96 26.07 28.16
N TYR D 152 -10.43 24.86 27.96
CA TYR D 152 -9.39 24.59 26.98
C TYR D 152 -9.84 23.51 26.02
N SER D 153 -10.12 23.88 24.77
CA SER D 153 -10.58 22.95 23.76
C SER D 153 -9.55 22.83 22.64
N ILE D 154 -9.22 21.59 22.26
CA ILE D 154 -8.31 21.32 21.16
C ILE D 154 -8.88 20.22 20.29
N ARG D 155 -8.69 20.32 18.97
CA ARG D 155 -9.15 19.33 18.02
C ARG D 155 -8.00 18.43 17.60
N ILE D 156 -8.11 17.12 17.87
CA ILE D 156 -7.06 16.15 17.57
C ILE D 156 -7.63 14.90 16.93
N THR D 157 -6.93 14.36 15.92
CA THR D 157 -7.22 13.04 15.36
C THR D 157 -6.25 12.01 15.90
N LEU D 158 -6.78 10.97 16.52
CA LEU D 158 -5.95 9.94 17.14
C LEU D 158 -6.19 8.60 16.48
N VAL D 159 -5.12 7.90 16.14
CA VAL D 159 -5.22 6.52 15.69
C VAL D 159 -5.15 5.68 16.96
N LEU D 160 -6.32 5.47 17.57
CA LEU D 160 -6.39 4.75 18.83
C LEU D 160 -6.34 3.26 18.56
N ALA D 161 -5.49 2.55 19.28
CA ALA D 161 -5.32 1.12 19.11
C ALA D 161 -6.13 0.36 20.15
N CYS D 162 -7.05 -0.47 19.69
CA CYS D 162 -7.81 -1.24 20.63
C CYS D 162 -7.69 -2.72 20.30
N PRO D 163 -7.53 -3.57 21.31
CA PRO D 163 -7.55 -5.00 21.04
C PRO D 163 -8.97 -5.49 20.87
N MET D 164 -9.16 -6.36 19.89
CA MET D 164 -10.48 -6.85 19.58
C MET D 164 -10.51 -8.37 19.66
N ASP D 165 -11.65 -8.89 20.06
CA ASP D 165 -11.88 -10.32 20.15
C ASP D 165 -12.66 -10.78 18.93
N LEU D 166 -12.16 -11.78 18.24
CA LEU D 166 -12.79 -12.28 17.03
C LEU D 166 -13.30 -13.70 17.24
N LYS D 167 -13.94 -13.95 18.38
CA LYS D 167 -14.50 -15.26 18.63
C LYS D 167 -15.68 -15.54 17.73
N ASN D 168 -16.44 -14.51 17.38
CA ASN D 168 -17.55 -14.66 16.45
C ASN D 168 -17.30 -13.60 15.38
N PHE D 169 -16.90 -14.00 14.18
CA PHE D 169 -16.56 -12.92 13.24
C PHE D 169 -17.72 -12.22 12.54
N PRO D 170 -18.74 -12.89 11.97
CA PRO D 170 -19.82 -12.12 11.33
C PRO D 170 -20.60 -11.24 12.29
N MET D 171 -21.04 -11.77 13.42
CA MET D 171 -21.73 -10.95 14.42
C MET D 171 -20.85 -10.81 15.64
N ASP D 172 -20.69 -9.58 16.12
CA ASP D 172 -19.84 -9.34 17.29
C ASP D 172 -20.11 -7.92 17.77
N VAL D 173 -19.83 -7.70 19.04
CA VAL D 173 -19.97 -6.42 19.70
C VAL D 173 -18.57 -6.06 20.21
N GLN D 174 -17.85 -5.23 19.46
CA GLN D 174 -16.53 -4.79 19.87
C GLN D 174 -16.64 -3.64 20.86
N THR D 175 -15.73 -3.60 21.83
CA THR D 175 -15.73 -2.55 22.84
C THR D 175 -14.40 -1.80 22.78
N CYS D 176 -14.41 -0.67 22.06
CA CYS D 176 -13.22 0.15 21.93
C CYS D 176 -12.98 0.98 23.18
N ILE D 177 -11.73 1.03 23.62
CA ILE D 177 -11.33 1.66 24.87
C ILE D 177 -10.45 2.87 24.58
N MET D 178 -10.85 4.04 25.08
CA MET D 178 -10.09 5.27 24.96
C MET D 178 -9.63 5.73 26.35
N GLN D 179 -8.32 5.69 26.60
CA GLN D 179 -7.77 6.00 27.92
C GLN D 179 -7.05 7.34 27.92
N LEU D 180 -7.41 8.22 28.84
CA LEU D 180 -6.79 9.53 28.99
C LEU D 180 -6.09 9.63 30.33
N GLU D 181 -4.76 9.70 30.34
CA GLU D 181 -4.06 9.81 31.61
C GLU D 181 -2.97 10.88 31.54
N SER D 182 -2.35 11.13 32.68
CA SER D 182 -1.36 12.18 32.82
C SER D 182 0.06 11.61 32.85
N PHE D 183 1.01 12.47 32.48
CA PHE D 183 2.43 12.14 32.44
C PHE D 183 3.19 13.14 33.28
N GLY D 184 3.80 12.69 34.35
CA GLY D 184 4.67 13.54 35.13
C GLY D 184 4.03 14.22 36.32
N TYR D 185 2.75 14.01 36.57
CA TYR D 185 2.10 14.54 37.75
C TYR D 185 1.35 13.39 38.38
N THR D 186 1.63 13.11 39.65
CA THR D 186 1.08 11.95 40.31
C THR D 186 -0.36 12.22 40.74
N MET D 187 -0.94 11.27 41.46
CA MET D 187 -2.34 11.34 41.84
C MET D 187 -2.57 12.39 42.92
N ASN D 188 -1.56 12.60 43.79
CA ASN D 188 -1.68 13.64 44.81
C ASN D 188 -1.60 15.04 44.24
N ASP D 189 -1.03 15.23 43.05
CA ASP D 189 -1.00 16.56 42.46
C ASP D 189 -2.03 16.82 41.37
N LEU D 190 -2.42 15.81 40.58
CA LEU D 190 -3.36 16.02 39.49
C LEU D 190 -4.39 14.91 39.49
N ILE D 191 -5.67 15.26 39.45
CA ILE D 191 -6.76 14.28 39.44
C ILE D 191 -7.68 14.57 38.26
N PHE D 192 -7.88 13.57 37.41
CA PHE D 192 -8.76 13.70 36.24
C PHE D 192 -10.12 13.11 36.57
N GLU D 193 -11.18 13.83 36.22
CA GLU D 193 -12.53 13.35 36.48
C GLU D 193 -13.40 13.56 35.25
N TRP D 194 -14.41 12.71 35.08
CA TRP D 194 -15.31 12.85 33.95
C TRP D 194 -16.33 13.94 34.25
N ASP D 195 -17.00 14.41 33.21
CA ASP D 195 -18.02 15.43 33.39
C ASP D 195 -19.33 14.83 33.89
N GLU D 196 -20.08 15.62 34.65
CA GLU D 196 -21.36 15.15 35.16
C GLU D 196 -22.50 15.40 34.18
N LYS D 197 -22.53 16.56 33.53
CA LYS D 197 -23.57 16.85 32.55
C LYS D 197 -23.10 16.21 31.25
N GLY D 198 -23.60 15.02 30.97
CA GLY D 198 -23.24 14.26 29.79
C GLY D 198 -21.86 13.66 29.93
N ALA D 199 -21.53 12.72 29.06
CA ALA D 199 -20.22 12.10 29.10
C ALA D 199 -19.42 12.32 27.83
N VAL D 200 -19.99 11.88 26.71
CA VAL D 200 -19.36 11.93 25.39
C VAL D 200 -20.47 12.39 24.47
N GLN D 201 -20.23 13.47 23.76
CA GLN D 201 -21.17 14.02 22.80
C GLN D 201 -20.83 13.53 21.40
N VAL D 202 -21.70 12.84 20.79
CA VAL D 202 -21.47 12.40 19.43
C VAL D 202 -22.10 13.43 18.51
N ALA D 203 -21.52 13.62 17.33
CA ALA D 203 -22.05 14.60 16.40
C ALA D 203 -23.32 14.07 15.78
N ASP D 204 -24.25 14.97 15.49
CA ASP D 204 -25.50 14.55 14.88
C ASP D 204 -25.29 14.16 13.43
N GLY D 205 -25.97 13.10 13.01
CA GLY D 205 -25.80 12.61 11.67
C GLY D 205 -24.59 11.72 11.45
N LEU D 206 -23.79 11.46 12.48
CA LEU D 206 -22.61 10.63 12.30
C LEU D 206 -23.01 9.18 12.15
N THR D 207 -22.52 8.54 11.09
CA THR D 207 -22.83 7.17 10.76
C THR D 207 -21.55 6.43 10.40
N LEU D 208 -21.58 5.13 10.61
CA LEU D 208 -20.49 4.23 10.30
C LEU D 208 -20.95 3.24 9.25
N PRO D 209 -20.14 2.97 8.25
CA PRO D 209 -20.61 2.11 7.16
C PRO D 209 -20.66 0.65 7.57
N GLN D 210 -19.75 0.22 8.44
CA GLN D 210 -19.65 -1.17 8.80
C GLN D 210 -20.16 -1.50 10.19
N PHE D 211 -20.31 -0.52 11.08
CA PHE D 211 -20.68 -0.76 12.47
C PHE D 211 -21.85 0.13 12.88
N ILE D 212 -22.42 -0.17 14.04
CA ILE D 212 -23.48 0.63 14.65
C ILE D 212 -23.05 1.03 16.05
N LEU D 213 -22.94 2.33 16.30
CA LEU D 213 -22.52 2.83 17.60
C LEU D 213 -23.69 2.81 18.57
N LYS D 214 -23.53 2.13 19.71
CA LYS D 214 -24.57 2.10 20.72
C LYS D 214 -24.75 3.44 21.44
N GLU D 215 -25.92 3.62 22.04
CA GLU D 215 -26.30 4.89 22.66
C GLU D 215 -25.65 5.12 24.01
N GLU D 216 -25.53 4.08 24.84
CA GLU D 216 -24.86 4.21 26.13
C GLU D 216 -23.35 4.03 26.01
N LYS D 217 -22.62 4.68 26.91
CA LYS D 217 -21.16 4.62 26.90
C LYS D 217 -20.67 4.51 28.33
N ASP D 218 -19.78 3.56 28.59
CA ASP D 218 -19.28 3.34 29.94
C ASP D 218 -18.22 4.36 30.33
N LEU D 219 -18.26 4.78 31.59
CA LEU D 219 -17.25 5.68 32.15
C LEU D 219 -16.66 5.00 33.38
N ARG D 220 -15.64 4.17 33.20
CA ARG D 220 -14.99 3.52 34.32
C ARG D 220 -13.59 4.06 34.41
N TYR D 221 -13.26 4.75 35.50
CA TYR D 221 -11.91 5.25 35.62
C TYR D 221 -11.08 4.31 36.47
N CYS D 222 -9.95 3.90 35.92
CA CYS D 222 -8.99 3.04 36.57
C CYS D 222 -7.68 3.80 36.67
N THR D 223 -6.94 3.57 37.74
CA THR D 223 -5.72 4.31 38.03
C THR D 223 -4.52 3.40 37.80
N LYS D 224 -3.68 3.77 36.84
CA LYS D 224 -2.51 2.96 36.56
C LYS D 224 -1.41 3.20 37.59
N HIS D 225 -0.75 2.12 37.99
CA HIS D 225 0.32 2.15 38.96
C HIS D 225 1.64 1.83 38.28
N TYR D 226 2.65 2.63 38.57
CA TYR D 226 3.99 2.48 38.02
C TYR D 226 4.96 2.57 39.18
N ASN D 227 6.20 2.14 38.94
CA ASN D 227 7.22 2.21 39.98
C ASN D 227 7.47 3.64 40.42
N THR D 228 7.46 4.58 39.48
CA THR D 228 7.63 6.00 39.81
C THR D 228 6.50 6.49 40.71
N GLY D 229 5.27 6.08 40.41
CA GLY D 229 4.14 6.49 41.22
C GLY D 229 2.84 6.11 40.53
N LYS D 230 1.74 6.58 41.11
CA LYS D 230 0.42 6.33 40.56
C LYS D 230 -0.01 7.56 39.79
N PHE D 231 -0.75 7.37 38.69
CA PHE D 231 -1.16 8.48 37.86
C PHE D 231 -2.64 8.39 37.57
N THR D 232 -3.31 9.55 37.56
CA THR D 232 -4.74 9.58 37.30
C THR D 232 -5.07 9.23 35.86
N CYS D 233 -6.13 8.47 35.68
CA CYS D 233 -6.52 7.98 34.37
C CYS D 233 -8.02 7.77 34.34
N ILE D 234 -8.67 8.24 33.27
CA ILE D 234 -10.09 8.05 33.06
C ILE D 234 -10.25 7.45 31.68
N GLU D 235 -11.25 6.60 31.51
CA GLU D 235 -11.42 5.95 30.22
C GLU D 235 -12.90 5.92 29.85
N ALA D 236 -13.16 5.81 28.56
CA ALA D 236 -14.52 5.70 28.05
C ALA D 236 -14.59 4.57 27.05
N ARG D 237 -15.67 3.79 27.11
CA ARG D 237 -15.84 2.61 26.27
C ARG D 237 -17.01 2.77 25.31
N PHE D 238 -16.76 2.52 24.03
CA PHE D 238 -17.80 2.54 23.00
C PHE D 238 -18.11 1.12 22.57
N HIS D 239 -19.37 0.72 22.64
CA HIS D 239 -19.80 -0.61 22.24
C HIS D 239 -20.22 -0.57 20.78
N LEU D 240 -19.50 -1.28 19.93
CA LEU D 240 -19.72 -1.24 18.49
C LEU D 240 -20.36 -2.54 18.02
N GLU D 241 -21.56 -2.44 17.48
CA GLU D 241 -22.26 -3.58 16.91
C GLU D 241 -21.89 -3.73 15.45
N ARG D 242 -21.32 -4.86 15.07
CA ARG D 242 -20.99 -5.10 13.68
C ARG D 242 -22.25 -5.42 12.88
N GLN D 243 -22.45 -4.71 11.78
CA GLN D 243 -23.61 -4.93 10.94
C GLN D 243 -23.47 -6.21 10.15
N MET D 244 -24.56 -6.96 10.06
CA MET D 244 -24.56 -8.27 9.42
C MET D 244 -25.10 -8.27 8.00
N GLY D 245 -25.36 -7.09 7.42
CA GLY D 245 -25.92 -7.06 6.09
C GLY D 245 -24.93 -7.38 5.00
N TYR D 246 -23.68 -6.97 5.16
CA TYR D 246 -22.71 -7.21 4.10
C TYR D 246 -22.24 -8.65 4.09
N TYR D 247 -22.04 -9.23 5.27
CA TYR D 247 -21.44 -10.56 5.33
C TYR D 247 -22.44 -11.62 4.92
N LEU D 248 -23.72 -11.30 4.98
CA LEU D 248 -24.72 -12.22 4.48
C LEU D 248 -24.69 -12.29 2.96
N ILE D 249 -24.47 -11.16 2.31
CA ILE D 249 -24.43 -11.13 0.85
C ILE D 249 -23.11 -11.67 0.33
N GLN D 250 -22.00 -11.28 0.92
CA GLN D 250 -20.70 -11.63 0.36
C GLN D 250 -20.30 -13.08 0.65
N MET D 251 -20.57 -13.58 1.85
CA MET D 251 -20.01 -14.86 2.27
C MET D 251 -21.02 -15.97 2.43
N TYR D 252 -22.21 -15.69 2.97
CA TYR D 252 -23.10 -16.79 3.30
C TYR D 252 -23.84 -17.33 2.08
N ILE D 253 -24.33 -16.46 1.21
CA ILE D 253 -25.06 -16.91 0.03
C ILE D 253 -24.21 -17.61 -1.03
N PRO D 254 -22.98 -17.19 -1.37
CA PRO D 254 -22.22 -17.97 -2.37
C PRO D 254 -21.85 -19.38 -1.90
N SER D 255 -21.65 -19.56 -0.61
CA SER D 255 -21.44 -20.89 -0.07
C SER D 255 -22.69 -21.76 -0.21
N LEU D 256 -23.88 -21.18 -0.01
CA LEU D 256 -25.10 -21.92 -0.28
C LEU D 256 -25.26 -22.25 -1.75
N LEU D 257 -24.75 -21.39 -2.62
CA LEU D 257 -24.83 -21.66 -4.04
C LEU D 257 -23.96 -22.85 -4.41
N ILE D 258 -22.81 -22.95 -3.76
CA ILE D 258 -21.90 -24.05 -4.02
C ILE D 258 -22.50 -25.36 -3.50
N VAL D 259 -23.09 -25.33 -2.31
CA VAL D 259 -23.70 -26.54 -1.76
C VAL D 259 -24.92 -26.96 -2.57
N ILE D 260 -25.69 -26.01 -3.10
CA ILE D 260 -26.85 -26.34 -3.92
C ILE D 260 -26.40 -26.96 -5.24
N LEU D 261 -25.28 -26.48 -5.78
CA LEU D 261 -24.74 -27.07 -7.00
C LEU D 261 -24.25 -28.50 -6.78
N SER D 262 -23.64 -28.75 -5.63
CA SER D 262 -23.26 -30.12 -5.31
C SER D 262 -24.47 -31.01 -5.10
N TRP D 263 -25.59 -30.45 -4.66
CA TRP D 263 -26.81 -31.24 -4.61
C TRP D 263 -27.33 -31.55 -6.01
N VAL D 264 -27.13 -30.61 -6.95
CA VAL D 264 -27.57 -30.78 -8.34
C VAL D 264 -26.85 -31.96 -8.96
N SER D 265 -25.62 -32.24 -8.50
CA SER D 265 -24.88 -33.39 -9.01
C SER D 265 -25.53 -34.75 -8.77
N PHE D 266 -26.52 -34.85 -7.88
CA PHE D 266 -27.17 -36.14 -7.61
C PHE D 266 -28.13 -36.56 -8.72
N TRP D 267 -28.72 -35.62 -9.45
CA TRP D 267 -29.69 -35.96 -10.48
C TRP D 267 -29.05 -36.44 -11.78
N ILE D 268 -27.75 -36.21 -11.96
CA ILE D 268 -27.07 -36.59 -13.19
C ILE D 268 -26.88 -38.10 -13.22
N ASN D 269 -26.77 -38.66 -14.43
CA ASN D 269 -26.72 -40.09 -14.64
C ASN D 269 -25.45 -40.68 -14.04
N MET D 270 -25.59 -41.85 -13.41
CA MET D 270 -24.45 -42.45 -12.73
C MET D 270 -23.43 -43.02 -13.70
N ASP D 271 -23.85 -43.40 -14.90
CA ASP D 271 -22.90 -43.89 -15.88
C ASP D 271 -22.03 -42.77 -16.44
N ALA D 272 -22.52 -41.53 -16.41
CA ALA D 272 -21.74 -40.37 -16.84
C ALA D 272 -20.77 -40.00 -15.73
N ALA D 273 -19.66 -40.71 -15.68
CA ALA D 273 -18.66 -40.53 -14.64
C ALA D 273 -17.84 -39.24 -14.75
N PRO D 274 -17.35 -38.79 -15.94
CA PRO D 274 -16.61 -37.52 -15.96
C PRO D 274 -17.45 -36.34 -15.58
N ALA D 275 -18.75 -36.36 -15.87
CA ALA D 275 -19.63 -35.25 -15.54
C ALA D 275 -19.77 -35.08 -14.03
N ARG D 276 -20.13 -36.15 -13.34
CA ARG D 276 -20.36 -36.07 -11.90
C ARG D 276 -19.06 -35.84 -11.15
N VAL D 277 -17.98 -36.49 -11.60
CA VAL D 277 -16.68 -36.31 -10.95
C VAL D 277 -16.18 -34.89 -11.13
N GLY D 278 -16.28 -34.34 -12.34
CA GLY D 278 -15.85 -32.99 -12.59
C GLY D 278 -16.68 -31.94 -11.87
N LEU D 279 -18.00 -32.15 -11.79
CA LEU D 279 -18.86 -31.21 -11.07
C LEU D 279 -18.49 -31.19 -9.59
N GLY D 280 -18.34 -32.36 -8.99
CA GLY D 280 -18.01 -32.42 -7.57
C GLY D 280 -16.63 -31.87 -7.27
N ILE D 281 -15.67 -32.15 -8.14
CA ILE D 281 -14.31 -31.68 -7.90
C ILE D 281 -14.23 -30.15 -7.99
N THR D 282 -14.89 -29.54 -9.00
CA THR D 282 -14.89 -28.08 -9.08
C THR D 282 -15.65 -27.41 -7.96
N THR D 283 -16.72 -28.03 -7.44
CA THR D 283 -17.35 -27.45 -6.26
C THR D 283 -16.47 -27.50 -5.03
N VAL D 284 -15.69 -28.58 -4.86
CA VAL D 284 -14.77 -28.63 -3.71
C VAL D 284 -13.67 -27.59 -3.84
N LEU D 285 -13.15 -27.42 -5.07
CA LEU D 285 -12.08 -26.46 -5.32
C LEU D 285 -12.53 -25.03 -5.08
N THR D 286 -13.70 -24.68 -5.59
CA THR D 286 -14.18 -23.31 -5.40
C THR D 286 -14.61 -23.06 -3.96
N MET D 287 -15.06 -24.08 -3.24
CA MET D 287 -15.29 -23.90 -1.82
C MET D 287 -14.01 -23.60 -1.07
N THR D 288 -12.91 -24.29 -1.43
CA THR D 288 -11.63 -24.03 -0.78
C THR D 288 -11.14 -22.61 -1.07
N THR D 289 -11.23 -22.17 -2.33
CA THR D 289 -10.77 -20.82 -2.65
C THR D 289 -11.66 -19.74 -2.05
N GLN D 290 -12.96 -20.00 -1.93
CA GLN D 290 -13.84 -19.03 -1.27
C GLN D 290 -13.53 -18.92 0.21
N SER D 291 -13.23 -20.06 0.85
CA SER D 291 -12.86 -20.04 2.26
C SER D 291 -11.53 -19.36 2.47
N SER D 292 -10.61 -19.51 1.53
CA SER D 292 -9.30 -18.87 1.69
C SER D 292 -9.38 -17.39 1.42
N GLY D 293 -10.33 -16.96 0.57
CA GLY D 293 -10.44 -15.56 0.25
C GLY D 293 -11.28 -14.76 1.22
N SER D 294 -12.15 -15.40 2.01
CA SER D 294 -12.90 -14.62 2.99
C SER D 294 -12.11 -14.31 4.24
N ARG D 295 -11.04 -15.04 4.51
CA ARG D 295 -10.19 -14.84 5.68
C ARG D 295 -9.00 -13.94 5.38
N ALA D 296 -8.96 -13.35 4.19
CA ALA D 296 -7.80 -12.58 3.79
C ALA D 296 -7.73 -11.23 4.51
N SER D 297 -8.86 -10.58 4.74
CA SER D 297 -8.85 -9.30 5.41
C SER D 297 -9.04 -9.46 6.92
N LEU D 298 -8.14 -10.23 7.54
CA LEU D 298 -8.26 -10.52 8.95
C LEU D 298 -6.88 -10.74 9.53
N PRO D 299 -6.67 -10.43 10.81
CA PRO D 299 -5.40 -10.76 11.45
C PRO D 299 -5.26 -12.26 11.65
N LYS D 300 -4.02 -12.68 11.83
CA LYS D 300 -3.68 -14.09 11.95
C LYS D 300 -3.95 -14.51 13.39
N VAL D 301 -5.22 -14.67 13.72
CA VAL D 301 -5.60 -15.10 15.06
C VAL D 301 -5.53 -16.63 15.14
N SER D 302 -5.45 -17.13 16.36
CA SER D 302 -5.20 -18.54 16.60
C SER D 302 -6.36 -19.24 17.29
N TYR D 303 -7.57 -18.73 17.13
CA TYR D 303 -8.75 -19.38 17.66
C TYR D 303 -9.76 -19.58 16.53
N VAL D 304 -10.67 -20.51 16.74
CA VAL D 304 -11.66 -20.85 15.72
C VAL D 304 -12.77 -19.81 15.74
N LYS D 305 -13.05 -19.23 14.58
CA LYS D 305 -14.09 -18.22 14.43
C LYS D 305 -15.37 -18.87 13.90
N ALA D 306 -16.40 -18.06 13.71
CA ALA D 306 -17.66 -18.59 13.22
C ALA D 306 -17.63 -18.88 11.72
N ILE D 307 -16.92 -18.07 10.95
CA ILE D 307 -16.83 -18.36 9.52
C ILE D 307 -16.03 -19.61 9.28
N ASP D 308 -15.08 -19.92 10.16
CA ASP D 308 -14.35 -21.19 10.06
C ASP D 308 -15.30 -22.36 10.15
N ILE D 309 -16.21 -22.31 11.13
CA ILE D 309 -17.20 -23.36 11.33
C ILE D 309 -18.14 -23.45 10.13
N TRP D 310 -18.58 -22.31 9.61
CA TRP D 310 -19.52 -22.32 8.48
C TRP D 310 -18.87 -22.88 7.22
N MET D 311 -17.70 -22.35 6.85
CA MET D 311 -17.02 -22.85 5.65
C MET D 311 -16.56 -24.27 5.82
N ALA D 312 -16.27 -24.70 7.05
CA ALA D 312 -15.88 -26.08 7.27
C ALA D 312 -17.04 -27.04 7.08
N VAL D 313 -18.23 -26.67 7.55
CA VAL D 313 -19.36 -27.57 7.37
C VAL D 313 -19.82 -27.59 5.92
N CYS D 314 -19.75 -26.45 5.23
CA CYS D 314 -20.12 -26.43 3.81
C CYS D 314 -19.13 -27.23 2.96
N LEU D 315 -17.85 -27.11 3.27
CA LEU D 315 -16.83 -27.90 2.59
C LEU D 315 -16.98 -29.39 2.90
N LEU D 316 -17.39 -29.71 4.12
CA LEU D 316 -17.65 -31.10 4.46
C LEU D 316 -18.85 -31.65 3.70
N PHE D 317 -19.83 -30.79 3.41
CA PHE D 317 -21.01 -31.25 2.67
C PHE D 317 -20.65 -31.55 1.22
N VAL D 318 -19.89 -30.66 0.57
CA VAL D 318 -19.53 -30.95 -0.82
C VAL D 318 -18.53 -32.10 -0.92
N PHE D 319 -17.71 -32.30 0.12
CA PHE D 319 -16.78 -33.41 0.10
C PHE D 319 -17.49 -34.74 0.31
N SER D 320 -18.52 -34.73 1.16
CA SER D 320 -19.33 -35.93 1.33
C SER D 320 -20.12 -36.28 0.08
N ALA D 321 -20.58 -35.27 -0.66
CA ALA D 321 -21.22 -35.55 -1.95
C ALA D 321 -20.27 -36.25 -2.92
N LEU D 322 -19.00 -35.80 -2.95
CA LEU D 322 -18.03 -36.49 -3.81
C LEU D 322 -17.76 -37.91 -3.32
N LEU D 323 -17.75 -38.11 -2.01
CA LEU D 323 -17.56 -39.46 -1.46
C LEU D 323 -18.74 -40.36 -1.78
N GLU D 324 -19.95 -39.80 -1.79
CA GLU D 324 -21.13 -40.57 -2.14
C GLU D 324 -21.11 -41.02 -3.59
N TYR D 325 -20.64 -40.17 -4.49
CA TYR D 325 -20.50 -40.62 -5.87
C TYR D 325 -19.40 -41.67 -6.01
N ALA D 326 -18.33 -41.55 -5.20
CA ALA D 326 -17.27 -42.55 -5.29
C ALA D 326 -17.74 -43.91 -4.81
N ALA D 327 -18.60 -43.94 -3.80
CA ALA D 327 -19.17 -45.21 -3.34
C ALA D 327 -20.13 -45.81 -4.36
N VAL D 328 -20.93 -44.94 -5.00
CA VAL D 328 -21.83 -45.42 -6.06
C VAL D 328 -21.07 -46.03 -7.23
N ASN D 329 -19.97 -45.40 -7.64
CA ASN D 329 -19.22 -45.91 -8.77
C ASN D 329 -18.37 -47.11 -8.36
N PHE D 330 -18.07 -47.27 -7.07
CA PHE D 330 -17.41 -48.50 -6.64
C PHE D 330 -18.37 -49.69 -6.67
N ILE D 331 -19.62 -49.46 -6.24
CA ILE D 331 -20.63 -50.52 -6.31
C ILE D 331 -20.91 -50.90 -7.76
N ALA D 332 -20.93 -49.91 -8.66
CA ALA D 332 -21.10 -50.19 -10.09
C ALA D 332 -19.88 -50.92 -10.66
N ARG D 333 -18.68 -50.65 -10.13
CA ARG D 333 -17.49 -51.38 -10.53
C ARG D 333 -17.60 -52.86 -10.16
N GLN D 334 -18.09 -53.14 -8.95
CA GLN D 334 -18.30 -54.51 -8.53
C GLN D 334 -19.34 -55.19 -9.40
N HIS D 335 -20.34 -54.39 -9.82
CA HIS D 335 -21.37 -54.86 -10.74
C HIS D 335 -20.77 -55.27 -12.07
N LYS D 336 -19.93 -54.40 -12.65
CA LYS D 336 -19.36 -54.66 -13.96
C LYS D 336 -18.36 -55.81 -13.93
N GLU D 337 -17.57 -55.96 -12.84
CA GLU D 337 -16.64 -57.08 -12.78
C GLU D 337 -17.36 -58.41 -12.60
N LEU D 338 -18.43 -58.45 -11.81
CA LEU D 338 -19.12 -59.72 -11.72
C LEU D 338 -19.98 -60.01 -12.92
N LEU D 339 -20.29 -59.00 -13.74
CA LEU D 339 -21.01 -59.27 -14.97
C LEU D 339 -20.10 -59.83 -16.05
N ARG D 340 -18.98 -59.16 -16.33
CA ARG D 340 -18.08 -59.58 -17.39
C ARG D 340 -16.77 -60.10 -16.82
N PHE D 341 -16.36 -61.28 -17.26
CA PHE D 341 -15.13 -61.90 -16.80
C PHE D 341 -13.98 -61.73 -17.79
N LYS D 394 -25.24 -68.94 -11.89
CA LYS D 394 -24.23 -68.38 -11.01
C LYS D 394 -24.77 -67.17 -10.26
N THR D 395 -26.11 -67.15 -10.09
CA THR D 395 -26.88 -66.09 -9.39
C THR D 395 -26.57 -64.70 -9.94
N VAL D 396 -26.31 -64.62 -11.24
CA VAL D 396 -25.81 -63.40 -11.84
C VAL D 396 -26.93 -62.38 -11.99
N GLU D 397 -28.13 -62.83 -12.33
CA GLU D 397 -29.24 -61.89 -12.59
C GLU D 397 -29.66 -61.17 -11.31
N GLU D 398 -29.95 -61.93 -10.25
CA GLU D 398 -30.34 -61.35 -8.97
C GLU D 398 -29.20 -60.61 -8.25
N MET D 399 -27.91 -60.93 -8.47
CA MET D 399 -26.87 -60.02 -7.97
C MET D 399 -26.74 -58.74 -8.78
N ARG D 400 -27.06 -58.78 -10.08
CA ARG D 400 -27.08 -57.56 -10.89
C ARG D 400 -28.22 -56.68 -10.38
N LYS D 401 -29.35 -57.31 -10.08
CA LYS D 401 -30.50 -56.62 -9.53
C LYS D 401 -30.11 -56.00 -8.19
N LEU D 402 -29.48 -56.76 -7.31
CA LEU D 402 -29.10 -56.27 -5.99
C LEU D 402 -28.15 -55.06 -6.12
N PHE D 403 -27.14 -55.13 -6.99
CA PHE D 403 -26.24 -53.97 -7.08
C PHE D 403 -26.84 -52.78 -7.81
N ILE D 404 -27.73 -52.97 -8.80
CA ILE D 404 -28.39 -51.82 -9.41
C ILE D 404 -29.43 -51.21 -8.48
N SER D 405 -30.17 -52.05 -7.76
CA SER D 405 -31.14 -51.55 -6.79
C SER D 405 -30.46 -50.82 -5.66
N ARG D 406 -29.32 -51.32 -5.18
CA ARG D 406 -28.61 -50.64 -4.11
C ARG D 406 -28.01 -49.33 -4.62
N ALA D 407 -27.47 -49.32 -5.84
CA ALA D 407 -26.91 -48.09 -6.39
C ALA D 407 -27.99 -47.06 -6.69
N LYS D 408 -29.23 -47.50 -6.97
CA LYS D 408 -30.32 -46.55 -7.12
C LYS D 408 -30.81 -46.07 -5.76
N ARG D 409 -30.80 -46.96 -4.76
CA ARG D 409 -31.30 -46.62 -3.44
C ARG D 409 -30.39 -45.61 -2.75
N ILE D 410 -29.09 -45.69 -3.01
CA ILE D 410 -28.16 -44.73 -2.40
C ILE D 410 -28.41 -43.33 -2.94
N ASP D 411 -28.60 -43.21 -4.26
CA ASP D 411 -28.91 -41.91 -4.86
C ASP D 411 -30.26 -41.39 -4.40
N THR D 412 -31.26 -42.28 -4.31
CA THR D 412 -32.60 -41.85 -3.93
C THR D 412 -32.65 -41.40 -2.47
N VAL D 413 -31.90 -42.06 -1.59
CA VAL D 413 -31.93 -41.63 -0.20
C VAL D 413 -31.02 -40.41 -0.01
N SER D 414 -29.98 -40.27 -0.83
CA SER D 414 -29.09 -39.13 -0.69
C SER D 414 -29.75 -37.85 -1.14
N ARG D 415 -30.57 -37.95 -2.20
CA ARG D 415 -31.25 -36.79 -2.77
C ARG D 415 -32.21 -36.14 -1.78
N VAL D 416 -32.77 -36.93 -0.88
CA VAL D 416 -33.60 -36.39 0.19
C VAL D 416 -32.76 -36.04 1.42
N ALA D 417 -31.77 -36.88 1.75
CA ALA D 417 -31.09 -36.75 3.03
C ALA D 417 -30.10 -35.61 3.09
N PHE D 418 -29.53 -35.19 1.95
CA PHE D 418 -28.55 -34.12 2.01
C PHE D 418 -29.15 -32.76 2.35
N PRO D 419 -30.20 -32.25 1.66
CA PRO D 419 -30.68 -30.92 2.03
C PRO D 419 -31.41 -30.88 3.36
N LEU D 420 -31.99 -31.97 3.81
CA LEU D 420 -32.67 -31.96 5.11
C LEU D 420 -31.66 -31.82 6.25
N VAL D 421 -30.53 -32.52 6.18
CA VAL D 421 -29.53 -32.41 7.24
C VAL D 421 -28.83 -31.06 7.12
N PHE D 422 -28.76 -30.50 5.91
CA PHE D 422 -28.23 -29.15 5.78
C PHE D 422 -29.15 -28.12 6.40
N LEU D 423 -30.46 -28.29 6.24
CA LEU D 423 -31.42 -27.37 6.85
C LEU D 423 -31.39 -27.47 8.36
N ILE D 424 -31.17 -28.68 8.88
CA ILE D 424 -31.05 -28.88 10.33
C ILE D 424 -29.81 -28.18 10.86
N PHE D 425 -28.67 -28.33 10.18
CA PHE D 425 -27.46 -27.62 10.58
C PHE D 425 -27.64 -26.12 10.52
N ASN D 426 -28.34 -25.63 9.50
CA ASN D 426 -28.54 -24.19 9.35
C ASN D 426 -29.34 -23.63 10.51
N ILE D 427 -30.44 -24.28 10.88
CA ILE D 427 -31.23 -23.71 11.96
C ILE D 427 -30.52 -23.86 13.30
N PHE D 428 -29.73 -24.93 13.48
CA PHE D 428 -29.01 -25.07 14.75
C PHE D 428 -27.90 -24.04 14.90
N TYR D 429 -27.09 -23.86 13.85
CA TYR D 429 -26.04 -22.85 13.84
C TYR D 429 -26.60 -21.45 14.03
N TRP D 430 -27.70 -21.13 13.34
CA TRP D 430 -28.23 -19.79 13.41
C TRP D 430 -28.82 -19.50 14.79
N ILE D 431 -29.55 -20.45 15.38
CA ILE D 431 -30.10 -20.17 16.70
C ILE D 431 -29.01 -20.16 17.77
N THR D 432 -27.95 -20.97 17.64
CA THR D 432 -26.92 -20.91 18.69
C THR D 432 -26.11 -19.63 18.58
N TYR D 433 -25.92 -19.11 17.37
CA TYR D 433 -25.25 -17.83 17.30
C TYR D 433 -26.16 -16.67 17.67
N LYS D 434 -27.47 -16.81 17.47
CA LYS D 434 -28.40 -15.80 17.95
C LYS D 434 -28.41 -15.75 19.48
N ILE D 435 -28.40 -16.92 20.13
CA ILE D 435 -28.41 -16.91 21.59
C ILE D 435 -27.05 -16.50 22.15
N ILE D 436 -25.94 -16.79 21.45
CA ILE D 436 -24.66 -16.32 21.98
C ILE D 436 -24.43 -14.84 21.66
N ARG D 437 -25.10 -14.32 20.63
CA ARG D 437 -25.03 -12.88 20.38
C ARG D 437 -25.87 -12.13 21.40
N SER D 438 -27.05 -12.68 21.74
CA SER D 438 -27.87 -12.06 22.76
C SER D 438 -27.26 -12.24 24.13
N GLU D 439 -26.50 -13.31 24.35
CA GLU D 439 -25.80 -13.47 25.62
C GLU D 439 -24.66 -12.47 25.73
N ASP D 440 -24.03 -12.13 24.60
CA ASP D 440 -22.96 -11.15 24.63
C ASP D 440 -23.54 -9.75 24.89
N ILE D 441 -24.72 -9.48 24.32
CA ILE D 441 -25.37 -8.17 24.52
C ILE D 441 -26.05 -8.08 25.90
N HIS D 442 -26.32 -9.21 26.55
CA HIS D 442 -26.88 -9.18 27.90
C HIS D 442 -25.78 -9.13 28.95
N LYS D 443 -24.65 -9.80 28.71
CA LYS D 443 -23.56 -9.76 29.68
C LYS D 443 -22.81 -8.44 29.56
N GLN D 444 -22.64 -7.97 28.32
CA GLN D 444 -21.93 -6.73 27.94
C GLN D 444 -20.50 -6.70 28.45
N PRO E 31 43.57 24.48 35.27
CA PRO E 31 42.89 25.30 36.28
C PRO E 31 41.82 26.18 35.68
N MET E 32 41.86 26.37 34.37
CA MET E 32 40.86 27.22 33.74
C MET E 32 39.51 26.52 33.64
N PRO E 33 38.42 27.19 34.01
CA PRO E 33 37.10 26.58 33.90
C PRO E 33 36.68 26.45 32.45
N PRO E 34 35.93 25.40 32.11
CA PRO E 34 35.60 25.14 30.69
C PRO E 34 34.57 26.04 30.04
N SER E 35 33.72 26.77 30.77
CA SER E 35 32.69 27.56 30.09
C SER E 35 33.23 28.76 29.33
N GLU E 36 34.19 29.48 29.90
CA GLU E 36 34.79 30.59 29.17
C GLU E 36 35.62 30.08 28.00
N PHE E 37 36.30 28.95 28.17
CA PHE E 37 37.08 28.39 27.07
C PHE E 37 36.20 27.97 25.91
N LEU E 38 35.02 27.43 26.18
CA LEU E 38 34.20 27.02 25.06
C LEU E 38 33.19 28.09 24.64
N ASP E 39 33.23 29.27 25.24
CA ASP E 39 32.57 30.41 24.64
C ASP E 39 33.57 31.41 24.05
N LYS E 40 34.85 31.20 24.30
CA LYS E 40 35.89 32.07 23.77
C LYS E 40 36.08 31.83 22.29
N LEU E 41 36.17 30.57 21.87
CA LEU E 41 36.42 30.26 20.48
C LEU E 41 35.21 30.47 19.57
N MET E 42 34.00 30.45 20.12
CA MET E 42 32.82 30.70 19.30
C MET E 42 32.13 31.99 19.68
N GLY E 43 32.79 32.86 20.43
CA GLY E 43 32.20 34.12 20.82
C GLY E 43 32.24 35.18 19.75
N LYS E 44 31.32 36.13 19.86
CA LYS E 44 31.30 37.24 18.91
C LYS E 44 32.35 38.28 19.25
N VAL E 45 32.93 38.20 20.45
CA VAL E 45 34.10 39.01 20.74
C VAL E 45 35.32 38.42 20.06
N SER E 46 35.26 37.13 19.71
CA SER E 46 36.25 36.51 18.86
C SER E 46 35.84 36.77 17.42
N GLY E 47 36.80 36.67 16.52
CA GLY E 47 36.50 36.97 15.13
C GLY E 47 36.30 35.68 14.35
N TYR E 48 35.52 34.76 14.90
CA TYR E 48 35.38 33.45 14.28
C TYR E 48 34.65 33.50 12.94
N ASP E 49 33.45 34.10 12.91
CA ASP E 49 32.65 34.33 11.70
C ASP E 49 32.37 33.02 10.94
N ALA E 50 31.50 32.21 11.53
CA ALA E 50 31.22 30.86 11.01
C ALA E 50 30.64 30.83 9.60
N ARG E 51 30.11 31.94 9.11
CA ARG E 51 29.69 32.02 7.72
C ARG E 51 30.88 31.97 6.77
N ILE E 52 31.99 32.60 7.14
CA ILE E 52 33.19 32.59 6.32
C ILE E 52 33.93 31.26 6.44
N ARG E 53 34.27 30.67 5.29
CA ARG E 53 35.02 29.41 5.24
C ARG E 53 36.45 29.59 5.77
N PRO E 54 37.07 28.52 6.27
CA PRO E 54 38.45 28.64 6.77
C PRO E 54 39.44 28.90 5.65
N ASN E 55 40.53 29.57 6.04
CA ASN E 55 41.59 30.14 5.18
C ASN E 55 41.00 30.76 3.91
N PHE E 56 40.18 31.78 4.14
CA PHE E 56 39.52 32.50 3.07
C PHE E 56 40.51 33.21 2.17
N LYS E 57 40.15 33.29 0.88
CA LYS E 57 40.99 33.81 -0.19
C LYS E 57 42.33 33.08 -0.29
N GLY E 58 42.26 31.75 -0.26
CA GLY E 58 43.46 30.94 -0.31
C GLY E 58 43.24 29.61 -0.99
N PRO E 59 43.96 28.59 -0.55
CA PRO E 59 43.81 27.26 -1.13
C PRO E 59 42.50 26.63 -0.71
N PRO E 60 41.98 25.67 -1.47
CA PRO E 60 40.72 25.04 -1.09
C PRO E 60 40.83 24.16 0.14
N VAL E 61 39.72 24.05 0.85
CA VAL E 61 39.63 23.18 2.02
C VAL E 61 39.59 21.73 1.56
N ASN E 62 40.33 20.87 2.24
CA ASN E 62 40.41 19.45 1.91
C ASN E 62 39.63 18.69 2.96
N VAL E 63 38.61 17.97 2.53
CA VAL E 63 37.71 17.25 3.43
C VAL E 63 37.87 15.77 3.16
N THR E 64 38.17 15.01 4.21
CA THR E 64 38.31 13.56 4.15
C THR E 64 37.09 12.89 4.75
N CYS E 65 36.47 12.01 3.98
CA CYS E 65 35.21 11.38 4.36
C CYS E 65 35.32 9.87 4.37
N ASN E 66 34.86 9.24 5.45
CA ASN E 66 34.68 7.79 5.48
C ASN E 66 33.31 7.51 6.05
N ILE E 67 32.61 6.54 5.48
CA ILE E 67 31.25 6.22 5.93
C ILE E 67 31.27 4.85 6.59
N PHE E 68 30.31 4.61 7.47
CA PHE E 68 30.19 3.34 8.16
C PHE E 68 28.79 2.81 7.91
N ILE E 69 28.68 1.72 7.16
CA ILE E 69 27.38 1.15 6.82
C ILE E 69 26.78 0.45 8.03
N ASN E 70 25.81 1.07 8.66
CA ASN E 70 25.22 0.47 9.85
C ASN E 70 24.09 -0.50 9.49
N SER E 71 23.26 -0.13 8.53
CA SER E 71 22.21 -0.99 8.02
C SER E 71 22.17 -0.82 6.52
N PHE E 72 21.96 -1.91 5.82
CA PHE E 72 21.83 -1.87 4.37
C PHE E 72 20.76 -2.87 4.02
N GLY E 73 19.79 -2.48 3.21
CA GLY E 73 18.68 -3.38 2.94
C GLY E 73 17.52 -2.65 2.30
N SER E 74 16.36 -3.31 2.33
CA SER E 74 15.09 -2.81 1.79
C SER E 74 15.24 -2.48 0.31
N ILE E 75 15.93 -3.35 -0.41
CA ILE E 75 16.20 -3.16 -1.82
C ILE E 75 14.96 -3.54 -2.62
N ALA E 76 14.41 -2.58 -3.34
CA ALA E 76 13.21 -2.80 -4.12
C ALA E 76 13.53 -2.60 -5.60
N GLU E 77 13.10 -3.55 -6.42
CA GLU E 77 13.43 -3.53 -7.83
C GLU E 77 12.49 -2.65 -8.63
N THR E 78 11.24 -2.56 -8.19
CA THR E 78 10.18 -1.91 -8.96
C THR E 78 10.26 -0.39 -8.94
N THR E 79 10.96 0.20 -7.98
CA THR E 79 11.19 1.64 -7.96
C THR E 79 12.66 1.96 -7.99
N MET E 80 13.50 0.94 -8.10
CA MET E 80 14.94 1.01 -8.30
C MET E 80 15.67 1.86 -7.25
N ASP E 81 15.47 1.53 -5.97
CA ASP E 81 16.15 2.25 -4.91
C ASP E 81 16.39 1.36 -3.70
N TYR E 82 17.33 1.77 -2.85
CA TYR E 82 17.71 1.01 -1.67
C TYR E 82 17.93 1.97 -0.50
N ARG E 83 17.85 1.43 0.72
CA ARG E 83 17.86 2.23 1.95
C ARG E 83 19.07 1.87 2.80
N VAL E 84 19.95 2.83 3.03
CA VAL E 84 21.14 2.62 3.86
C VAL E 84 20.99 3.40 5.16
N ASN E 85 21.80 3.01 6.15
CA ASN E 85 22.02 3.76 7.38
C ASN E 85 23.52 4.01 7.50
N ILE E 86 23.96 5.25 7.43
CA ILE E 86 25.41 5.49 7.39
C ILE E 86 25.81 6.41 8.52
N PHE E 87 27.05 6.25 8.97
CA PHE E 87 27.67 7.15 9.93
C PHE E 87 28.64 8.02 9.15
N LEU E 88 28.19 9.16 8.66
CA LEU E 88 29.01 10.02 7.80
C LEU E 88 30.05 10.78 8.62
N ARG E 89 31.32 10.45 8.46
CA ARG E 89 32.41 11.11 9.20
C ARG E 89 33.18 12.03 8.26
N GLN E 90 33.24 13.32 8.59
CA GLN E 90 33.93 14.31 7.78
C GLN E 90 35.07 14.94 8.56
N GLN E 91 36.28 14.88 8.03
CA GLN E 91 37.47 15.45 8.65
C GLN E 91 38.01 16.60 7.82
N TRP E 92 38.10 17.79 8.42
CA TRP E 92 38.70 18.94 7.76
C TRP E 92 39.42 19.79 8.81
N ASN E 93 40.35 20.61 8.36
CA ASN E 93 41.17 21.40 9.27
C ASN E 93 40.72 22.86 9.28
N ASP E 94 40.56 23.42 10.47
CA ASP E 94 40.21 24.83 10.66
C ASP E 94 41.31 25.53 11.43
N PRO E 95 41.96 26.55 10.86
CA PRO E 95 43.06 27.21 11.59
C PRO E 95 42.60 28.08 12.75
N ARG E 96 41.42 28.67 12.65
CA ARG E 96 40.94 29.57 13.70
C ARG E 96 40.49 28.82 14.94
N LEU E 97 40.17 27.54 14.79
CA LEU E 97 39.70 26.73 15.90
C LEU E 97 40.82 26.20 16.78
N ALA E 98 42.09 26.45 16.43
CA ALA E 98 43.20 25.89 17.17
C ALA E 98 43.37 26.57 18.53
N TYR E 99 43.64 25.77 19.55
CA TYR E 99 43.80 26.25 20.91
C TYR E 99 45.10 25.72 21.49
N SER E 100 45.79 26.55 22.28
CA SER E 100 47.04 26.15 22.89
C SER E 100 46.99 26.17 24.42
N GLU E 101 45.83 26.43 25.01
CA GLU E 101 45.78 26.51 26.47
C GLU E 101 45.71 25.14 27.12
N TYR E 102 44.78 24.33 26.72
CA TYR E 102 44.55 23.02 27.31
C TYR E 102 45.54 21.99 26.78
N PRO E 103 46.02 21.08 27.64
CA PRO E 103 47.01 20.10 27.20
C PRO E 103 46.44 18.83 26.57
N ASP E 104 45.14 18.59 26.70
CA ASP E 104 44.53 17.41 26.12
C ASP E 104 44.36 17.58 24.62
N ASP E 105 44.50 16.47 23.90
CA ASP E 105 44.49 16.53 22.45
C ASP E 105 43.12 16.29 21.84
N SER E 106 42.28 15.45 22.45
CA SER E 106 41.03 15.08 21.80
C SER E 106 39.95 16.13 22.02
N LEU E 107 39.55 16.34 23.29
CA LEU E 107 38.50 17.28 23.70
C LEU E 107 37.18 17.06 22.95
N ASP E 108 36.52 15.95 23.29
CA ASP E 108 35.19 15.70 22.76
C ASP E 108 34.19 16.75 23.26
N LEU E 109 33.43 17.33 22.34
CA LEU E 109 32.50 18.41 22.69
C LEU E 109 31.05 17.95 22.55
N ASP E 110 30.17 18.74 23.15
CA ASP E 110 28.73 18.57 23.14
C ASP E 110 28.13 19.04 21.81
N PRO E 111 27.21 18.27 21.24
CA PRO E 111 26.71 18.55 19.89
C PRO E 111 25.67 19.65 19.79
N SER E 112 25.34 20.36 20.88
CA SER E 112 24.32 21.39 20.76
C SER E 112 24.88 22.65 20.15
N MET E 113 26.17 22.90 20.34
CA MET E 113 26.83 24.06 19.77
C MET E 113 27.51 23.65 18.47
N LEU E 114 26.68 23.23 17.54
CA LEU E 114 27.10 22.88 16.19
C LEU E 114 26.38 23.77 15.20
N ASP E 115 26.03 24.96 15.66
CA ASP E 115 25.40 26.00 14.87
C ASP E 115 26.43 26.88 14.18
N SER E 116 27.51 27.20 14.89
CA SER E 116 28.58 28.04 14.37
C SER E 116 29.91 27.32 14.49
N ILE E 117 30.19 26.43 13.52
CA ILE E 117 31.43 25.67 13.49
C ILE E 117 31.97 25.68 12.05
N TRP E 118 31.15 26.14 11.10
CA TRP E 118 31.36 25.97 9.65
C TRP E 118 31.42 24.49 9.30
N LYS E 119 30.28 23.84 9.44
CA LYS E 119 30.16 22.52 8.86
C LYS E 119 30.16 22.65 7.34
N PRO E 120 30.82 21.74 6.62
CA PRO E 120 30.84 21.84 5.16
C PRO E 120 29.52 21.36 4.57
N ASP E 121 29.21 21.88 3.41
CA ASP E 121 27.99 21.49 2.72
C ASP E 121 28.22 20.18 1.99
N LEU E 122 27.31 19.24 2.19
CA LEU E 122 27.42 17.96 1.55
C LEU E 122 26.02 17.50 1.21
N PHE E 123 25.84 16.97 0.03
CA PHE E 123 24.52 16.44 -0.31
C PHE E 123 24.73 15.29 -1.26
N PHE E 124 23.84 14.33 -1.17
CA PHE E 124 23.93 13.14 -1.98
C PHE E 124 23.22 13.41 -3.30
N ALA E 125 23.86 13.02 -4.40
CA ALA E 125 23.38 13.39 -5.72
C ALA E 125 22.14 12.61 -6.12
N ASN E 126 22.05 11.34 -5.75
CA ASN E 126 20.93 10.50 -6.14
C ASN E 126 20.27 10.01 -4.87
N GLU E 127 19.31 10.77 -4.36
CA GLU E 127 18.71 10.35 -3.10
C GLU E 127 17.30 10.89 -2.96
N LYS E 128 16.55 10.20 -2.12
CA LYS E 128 15.24 10.61 -1.65
C LYS E 128 15.26 10.49 -0.13
N GLY E 129 14.37 11.21 0.52
CA GLY E 129 14.32 11.10 1.97
C GLY E 129 15.44 11.84 2.66
N ALA E 130 16.42 11.08 3.17
CA ALA E 130 17.59 11.59 3.89
C ALA E 130 17.18 12.39 5.12
N ASN E 131 16.53 11.72 6.06
CA ASN E 131 16.12 12.33 7.31
C ASN E 131 17.13 12.08 8.42
N PHE E 132 17.32 13.09 9.26
CA PHE E 132 18.20 13.03 10.41
C PHE E 132 17.53 12.25 11.54
N HIS E 133 18.30 11.89 12.56
CA HIS E 133 17.76 11.19 13.72
C HIS E 133 17.72 12.12 14.92
N GLU E 134 16.52 12.48 15.35
CA GLU E 134 16.34 13.39 16.46
C GLU E 134 15.93 12.68 17.75
N VAL E 135 16.17 11.38 17.88
CA VAL E 135 15.64 10.62 19.02
C VAL E 135 16.60 10.75 20.20
N THR E 136 16.07 11.33 21.28
CA THR E 136 16.58 11.51 22.64
C THR E 136 17.69 12.57 22.66
N THR E 137 18.19 12.98 21.50
CA THR E 137 19.24 13.97 21.23
C THR E 137 19.40 13.94 19.72
N ASP E 138 20.01 14.98 19.17
CA ASP E 138 20.52 14.95 17.80
C ASP E 138 21.71 14.03 17.71
N ASN E 139 21.63 13.02 16.84
CA ASN E 139 22.67 12.01 16.72
C ASN E 139 23.87 12.62 16.00
N LYS E 140 24.72 13.30 16.76
CA LYS E 140 25.84 14.05 16.20
C LYS E 140 27.07 13.89 17.06
N LEU E 141 28.23 14.05 16.44
CA LEU E 141 29.52 13.96 17.12
C LEU E 141 30.39 15.11 16.69
N LEU E 142 30.96 15.83 17.64
CA LEU E 142 31.86 16.94 17.37
C LEU E 142 33.12 16.75 18.20
N ARG E 143 34.27 16.67 17.54
CA ARG E 143 35.54 16.52 18.24
C ARG E 143 36.58 17.38 17.57
N ILE E 144 37.08 18.38 18.28
CA ILE E 144 38.02 19.35 17.76
C ILE E 144 39.40 19.07 18.33
N SER E 145 40.37 18.80 17.46
CA SER E 145 41.71 18.48 17.92
C SER E 145 42.45 19.76 18.31
N LYS E 146 43.67 19.60 18.80
CA LYS E 146 44.44 20.74 19.28
C LYS E 146 44.99 21.58 18.13
N ASN E 147 45.40 20.95 17.05
CA ASN E 147 45.94 21.68 15.93
C ASN E 147 44.87 22.26 15.01
N GLY E 148 43.62 21.87 15.17
CA GLY E 148 42.53 22.38 14.36
C GLY E 148 41.79 21.33 13.57
N ASN E 149 42.07 20.05 13.74
CA ASN E 149 41.37 19.01 13.01
C ASN E 149 40.00 18.81 13.62
N VAL E 150 38.96 18.76 12.78
CA VAL E 150 37.57 18.64 13.25
C VAL E 150 36.99 17.32 12.78
N LEU E 151 36.43 16.54 13.71
CA LEU E 151 35.71 15.32 13.40
C LEU E 151 34.22 15.55 13.53
N TYR E 152 33.48 15.38 12.45
CA TYR E 152 32.04 15.61 12.41
C TYR E 152 31.32 14.35 11.93
N SER E 153 30.61 13.69 12.84
CA SER E 153 29.89 12.46 12.52
C SER E 153 28.39 12.67 12.68
N ILE E 154 27.62 12.26 11.68
CA ILE E 154 26.16 12.32 11.72
C ILE E 154 25.58 11.02 11.20
N ARG E 155 24.49 10.57 11.80
CA ARG E 155 23.80 9.35 11.40
C ARG E 155 22.58 9.69 10.56
N ILE E 156 22.55 9.21 9.31
CA ILE E 156 21.48 9.50 8.37
C ILE E 156 21.04 8.24 7.63
N THR E 157 19.72 8.08 7.44
CA THR E 157 19.16 7.06 6.56
C THR E 157 18.76 7.66 5.22
N LEU E 158 19.32 7.15 4.13
CA LEU E 158 19.06 7.67 2.82
C LEU E 158 18.40 6.64 1.94
N VAL E 159 17.33 7.04 1.25
CA VAL E 159 16.73 6.18 0.23
C VAL E 159 17.48 6.52 -1.06
N LEU E 160 18.58 5.82 -1.27
CA LEU E 160 19.44 6.08 -2.42
C LEU E 160 18.86 5.40 -3.65
N ALA E 161 18.74 6.14 -4.73
CA ALA E 161 18.19 5.61 -5.97
C ALA E 161 19.29 5.19 -6.91
N CYS E 162 19.29 3.92 -7.28
CA CYS E 162 20.30 3.48 -8.21
C CYS E 162 19.63 2.83 -9.42
N PRO E 163 20.12 3.09 -10.62
CA PRO E 163 19.60 2.38 -11.78
C PRO E 163 20.20 1.00 -11.87
N MET E 164 19.37 0.03 -12.19
CA MET E 164 19.81 -1.36 -12.24
C MET E 164 19.54 -1.93 -13.61
N ASP E 165 20.40 -2.84 -14.02
CA ASP E 165 20.28 -3.55 -15.29
C ASP E 165 19.71 -4.92 -15.04
N LEU E 166 18.64 -5.27 -15.74
CA LEU E 166 17.99 -6.54 -15.55
C LEU E 166 18.12 -7.40 -16.80
N LYS E 167 19.33 -7.45 -17.37
CA LYS E 167 19.55 -8.29 -18.54
C LYS E 167 19.49 -9.75 -18.17
N ASN E 168 19.91 -10.10 -16.97
CA ASN E 168 19.82 -11.47 -16.49
C ASN E 168 19.10 -11.39 -15.15
N PHE E 169 17.84 -11.81 -15.09
CA PHE E 169 17.16 -11.57 -13.81
C PHE E 169 17.48 -12.54 -12.67
N PRO E 170 17.49 -13.87 -12.84
CA PRO E 170 17.82 -14.72 -11.67
C PRO E 170 19.22 -14.52 -11.13
N MET E 171 20.24 -14.51 -11.98
CA MET E 171 21.60 -14.25 -11.55
C MET E 171 22.05 -12.91 -12.10
N ASP E 172 22.60 -12.06 -11.24
CA ASP E 172 23.05 -10.74 -11.66
C ASP E 172 23.90 -10.16 -10.55
N VAL E 173 24.77 -9.22 -10.95
CA VAL E 173 25.65 -8.51 -10.04
C VAL E 173 25.29 -7.04 -10.22
N GLN E 174 24.48 -6.51 -9.31
CA GLN E 174 24.11 -5.09 -9.35
C GLN E 174 25.20 -4.24 -8.72
N THR E 175 25.41 -3.05 -9.26
CA THR E 175 26.42 -2.14 -8.75
C THR E 175 25.76 -0.84 -8.30
N CYS E 176 25.46 -0.74 -7.01
CA CYS E 176 24.84 0.45 -6.45
C CYS E 176 25.86 1.57 -6.28
N ILE E 177 25.46 2.77 -6.67
CA ILE E 177 26.33 3.94 -6.71
C ILE E 177 25.86 4.97 -5.68
N MET E 178 26.75 5.37 -4.78
CA MET E 178 26.48 6.39 -3.78
C MET E 178 27.38 7.60 -4.03
N GLN E 179 26.79 8.73 -4.42
CA GLN E 179 27.54 9.92 -4.83
C GLN E 179 27.41 11.02 -3.77
N LEU E 180 28.55 11.53 -3.30
CA LEU E 180 28.58 12.61 -2.31
C LEU E 180 29.23 13.84 -2.92
N GLU E 181 28.46 14.91 -3.12
CA GLU E 181 29.05 16.13 -3.69
C GLU E 181 28.59 17.35 -2.92
N SER E 182 29.16 18.49 -3.29
CA SER E 182 28.90 19.75 -2.61
C SER E 182 27.96 20.64 -3.40
N PHE E 183 27.30 21.54 -2.68
CA PHE E 183 26.34 22.49 -3.23
C PHE E 183 26.77 23.90 -2.83
N GLY E 184 27.13 24.71 -3.80
CA GLY E 184 27.40 26.10 -3.54
C GLY E 184 28.85 26.46 -3.30
N TYR E 185 29.75 25.49 -3.34
CA TYR E 185 31.18 25.77 -3.23
C TYR E 185 31.85 25.04 -4.38
N THR E 186 32.58 25.77 -5.20
CA THR E 186 33.16 25.18 -6.40
C THR E 186 34.42 24.38 -6.06
N MET E 187 35.10 23.90 -7.10
CA MET E 187 36.25 23.03 -6.91
C MET E 187 37.45 23.80 -6.39
N ASN E 188 37.57 25.07 -6.75
CA ASN E 188 38.66 25.89 -6.23
C ASN E 188 38.49 26.25 -4.76
N ASP E 189 37.27 26.18 -4.21
CA ASP E 189 37.11 26.45 -2.79
C ASP E 189 36.94 25.22 -1.91
N LEU E 190 36.34 24.14 -2.40
CA LEU E 190 36.11 22.96 -1.57
C LEU E 190 36.46 21.71 -2.36
N ILE E 191 37.29 20.84 -1.79
CA ILE E 191 37.71 19.59 -2.44
C ILE E 191 37.42 18.42 -1.51
N PHE E 192 36.65 17.44 -2.00
CA PHE E 192 36.30 16.25 -1.24
C PHE E 192 37.23 15.11 -1.63
N GLU E 193 37.76 14.41 -0.64
CA GLU E 193 38.65 13.29 -0.90
C GLU E 193 38.27 12.10 -0.04
N TRP E 194 38.55 10.90 -0.53
CA TRP E 194 38.25 9.70 0.25
C TRP E 194 39.34 9.49 1.29
N ASP E 195 39.05 8.65 2.27
CA ASP E 195 40.02 8.34 3.30
C ASP E 195 41.04 7.33 2.81
N GLU E 196 42.26 7.43 3.35
CA GLU E 196 43.30 6.49 2.96
C GLU E 196 43.29 5.22 3.81
N LYS E 197 43.09 5.36 5.12
CA LYS E 197 43.00 4.18 5.99
C LYS E 197 41.58 3.67 5.87
N GLY E 198 41.39 2.66 5.03
CA GLY E 198 40.10 2.08 4.77
C GLY E 198 39.23 2.97 3.92
N ALA E 199 38.16 2.44 3.37
CA ALA E 199 37.27 3.23 2.54
C ALA E 199 35.87 3.32 3.12
N VAL E 200 35.24 2.17 3.31
CA VAL E 200 33.87 2.03 3.77
C VAL E 200 33.91 0.90 4.78
N GLN E 201 33.47 1.18 5.99
CA GLN E 201 33.43 0.20 7.06
C GLN E 201 32.04 -0.40 7.14
N VAL E 202 31.93 -1.66 6.93
CA VAL E 202 30.64 -2.32 7.07
C VAL E 202 30.54 -2.84 8.50
N ALA E 203 29.33 -2.88 9.04
CA ALA E 203 29.14 -3.36 10.40
C ALA E 203 29.32 -4.87 10.44
N ASP E 204 29.86 -5.37 11.54
CA ASP E 204 30.03 -6.81 11.66
C ASP E 204 28.70 -7.50 11.87
N GLY E 205 28.54 -8.66 11.24
CA GLY E 205 27.29 -9.37 11.32
C GLY E 205 26.20 -8.89 10.40
N LEU E 206 26.46 -7.87 9.58
CA LEU E 206 25.43 -7.37 8.68
C LEU E 206 25.22 -8.32 7.53
N THR E 207 23.96 -8.71 7.32
CA THR E 207 23.58 -9.67 6.29
C THR E 207 22.38 -9.14 5.54
N LEU E 208 22.25 -9.58 4.30
CA LEU E 208 21.16 -9.23 3.41
C LEU E 208 20.40 -10.50 3.07
N PRO E 209 19.09 -10.46 3.07
CA PRO E 209 18.33 -11.70 2.86
C PRO E 209 18.33 -12.12 1.40
N GLN E 210 18.37 -11.15 0.48
CA GLN E 210 18.27 -11.46 -0.94
C GLN E 210 19.58 -11.31 -1.71
N PHE E 211 20.57 -10.61 -1.16
CA PHE E 211 21.81 -10.31 -1.88
C PHE E 211 23.02 -10.67 -1.03
N ILE E 212 24.19 -10.67 -1.66
CA ILE E 212 25.47 -10.89 -1.00
C ILE E 212 26.38 -9.71 -1.32
N LEU E 213 26.80 -8.99 -0.28
CA LEU E 213 27.67 -7.83 -0.46
C LEU E 213 29.11 -8.28 -0.65
N LYS E 214 29.73 -7.88 -1.75
CA LYS E 214 31.14 -8.20 -2.00
C LYS E 214 32.09 -7.46 -1.08
N GLU E 215 33.29 -8.01 -0.95
CA GLU E 215 34.28 -7.51 0.00
C GLU E 215 34.99 -6.24 -0.48
N GLU E 216 35.33 -6.16 -1.77
CA GLU E 216 35.94 -4.97 -2.32
C GLU E 216 34.91 -3.93 -2.74
N LYS E 217 35.31 -2.66 -2.67
CA LYS E 217 34.42 -1.56 -3.00
C LYS E 217 35.21 -0.51 -3.79
N ASP E 218 34.66 -0.08 -4.91
CA ASP E 218 35.35 0.88 -5.76
C ASP E 218 35.25 2.30 -5.23
N LEU E 219 36.33 3.05 -5.37
CA LEU E 219 36.38 4.46 -5.00
C LEU E 219 36.81 5.24 -6.23
N ARG E 220 35.88 5.63 -7.09
CA ARG E 220 36.22 6.42 -8.27
C ARG E 220 35.57 7.77 -8.10
N TYR E 221 36.36 8.82 -7.99
CA TYR E 221 35.76 10.14 -7.87
C TYR E 221 35.71 10.82 -9.22
N CYS E 222 34.51 11.27 -9.58
CA CYS E 222 34.25 11.99 -10.80
C CYS E 222 33.72 13.36 -10.42
N THR E 223 34.06 14.36 -11.22
CA THR E 223 33.71 15.75 -10.92
C THR E 223 32.61 16.20 -11.85
N LYS E 224 31.46 16.55 -11.30
CA LYS E 224 30.36 17.01 -12.14
C LYS E 224 30.55 18.45 -12.55
N HIS E 225 30.22 18.72 -13.81
CA HIS E 225 30.34 20.05 -14.41
C HIS E 225 28.95 20.61 -14.66
N TYR E 226 28.76 21.86 -14.27
CA TYR E 226 27.50 22.57 -14.43
C TYR E 226 27.83 23.93 -15.03
N ASN E 227 26.82 24.61 -15.54
CA ASN E 227 27.02 25.93 -16.13
C ASN E 227 27.54 26.91 -15.08
N THR E 228 27.03 26.82 -13.85
CA THR E 228 27.52 27.68 -12.77
C THR E 228 28.99 27.42 -12.48
N GLY E 229 29.40 26.16 -12.48
CA GLY E 229 30.78 25.84 -12.23
C GLY E 229 30.95 24.34 -12.03
N LYS E 230 32.15 23.95 -11.64
CA LYS E 230 32.46 22.56 -11.37
C LYS E 230 32.40 22.34 -9.86
N PHE E 231 31.95 21.17 -9.45
CA PHE E 231 31.82 20.88 -8.03
C PHE E 231 32.47 19.55 -7.69
N THR E 232 33.11 19.48 -6.54
CA THR E 232 33.78 18.26 -6.11
C THR E 232 32.78 17.17 -5.77
N CYS E 233 33.11 15.94 -6.16
CA CYS E 233 32.21 14.82 -5.98
C CYS E 233 33.04 13.55 -5.86
N ILE E 234 32.71 12.72 -4.88
CA ILE E 234 33.35 11.43 -4.67
C ILE E 234 32.25 10.39 -4.60
N GLU E 235 32.53 9.19 -5.10
CA GLU E 235 31.48 8.18 -5.10
C GLU E 235 32.07 6.84 -4.69
N ALA E 236 31.21 5.96 -4.20
CA ALA E 236 31.59 4.61 -3.81
C ALA E 236 30.61 3.61 -4.39
N ARG E 237 31.12 2.49 -4.89
CA ARG E 237 30.31 1.48 -5.56
C ARG E 237 30.31 0.18 -4.80
N PHE E 238 29.12 -0.35 -4.53
CA PHE E 238 28.95 -1.66 -3.88
C PHE E 238 28.47 -2.67 -4.91
N HIS E 239 29.20 -3.78 -5.05
CA HIS E 239 28.82 -4.83 -5.98
C HIS E 239 27.98 -5.86 -5.25
N LEU E 240 26.72 -5.98 -5.66
CA LEU E 240 25.76 -6.84 -4.99
C LEU E 240 25.46 -8.08 -5.82
N GLU E 241 25.81 -9.25 -5.29
CA GLU E 241 25.53 -10.52 -5.93
C GLU E 241 24.14 -11.00 -5.52
N ARG E 242 23.25 -11.18 -6.49
CA ARG E 242 21.93 -11.70 -6.17
C ARG E 242 22.00 -13.19 -5.88
N GLN E 243 21.43 -13.60 -4.75
CA GLN E 243 21.42 -15.00 -4.37
C GLN E 243 20.44 -15.78 -5.22
N MET E 244 20.85 -16.98 -5.63
CA MET E 244 20.06 -17.81 -6.53
C MET E 244 19.29 -18.91 -5.83
N GLY E 245 19.26 -18.92 -4.50
CA GLY E 245 18.58 -19.99 -3.81
C GLY E 245 17.07 -19.89 -3.83
N TYR E 246 16.54 -18.67 -3.78
CA TYR E 246 15.10 -18.52 -3.73
C TYR E 246 14.48 -18.73 -5.10
N TYR E 247 15.13 -18.24 -6.16
CA TYR E 247 14.53 -18.28 -7.47
C TYR E 247 14.56 -19.66 -8.05
N LEU E 248 15.44 -20.51 -7.54
CA LEU E 248 15.45 -21.90 -7.96
C LEU E 248 14.24 -22.63 -7.39
N ILE E 249 13.87 -22.33 -6.15
CA ILE E 249 12.73 -23.00 -5.53
C ILE E 249 11.41 -22.45 -6.06
N GLN E 250 11.30 -21.12 -6.17
CA GLN E 250 10.01 -20.53 -6.51
C GLN E 250 9.67 -20.66 -7.99
N MET E 251 10.64 -20.48 -8.87
CA MET E 251 10.33 -20.35 -10.30
C MET E 251 10.81 -21.50 -11.16
N TYR E 252 11.99 -22.06 -10.91
CA TYR E 252 12.53 -23.03 -11.84
C TYR E 252 11.91 -24.41 -11.66
N ILE E 253 11.72 -24.87 -10.44
CA ILE E 253 11.16 -26.20 -10.21
C ILE E 253 9.67 -26.32 -10.55
N PRO E 254 8.76 -25.37 -10.28
CA PRO E 254 7.37 -25.57 -10.71
C PRO E 254 7.18 -25.60 -12.22
N SER E 255 8.02 -24.90 -12.97
CA SER E 255 8.01 -25.00 -14.40
C SER E 255 8.45 -26.39 -14.88
N LEU E 256 9.43 -26.98 -14.21
CA LEU E 256 9.79 -28.37 -14.53
C LEU E 256 8.68 -29.33 -14.18
N LEU E 257 7.90 -29.02 -13.15
CA LEU E 257 6.79 -29.87 -12.78
C LEU E 257 5.72 -29.85 -13.85
N ILE E 258 5.52 -28.68 -14.44
CA ILE E 258 4.52 -28.54 -15.48
C ILE E 258 4.97 -29.27 -16.74
N VAL E 259 6.25 -29.14 -17.09
CA VAL E 259 6.76 -29.82 -18.28
C VAL E 259 6.77 -31.34 -18.08
N ILE E 260 7.04 -31.81 -16.87
CA ILE E 260 7.02 -33.25 -16.61
C ILE E 260 5.60 -33.78 -16.69
N LEU E 261 4.62 -32.99 -16.26
CA LEU E 261 3.23 -33.38 -16.37
C LEU E 261 2.78 -33.48 -17.83
N SER E 262 3.24 -32.54 -18.65
CA SER E 262 2.94 -32.63 -20.08
C SER E 262 3.62 -33.82 -20.72
N TRP E 263 4.76 -34.26 -20.19
CA TRP E 263 5.34 -35.50 -20.66
C TRP E 263 4.50 -36.70 -20.26
N VAL E 264 3.88 -36.64 -19.08
CA VAL E 264 3.04 -37.73 -18.58
C VAL E 264 1.85 -37.93 -19.49
N SER E 265 1.42 -36.86 -20.17
CA SER E 265 0.31 -36.99 -21.13
C SER E 265 0.58 -37.93 -22.31
N PHE E 266 1.83 -38.30 -22.58
CA PHE E 266 2.14 -39.19 -23.70
C PHE E 266 1.75 -40.64 -23.44
N TRP E 267 1.76 -41.08 -22.18
CA TRP E 267 1.46 -42.47 -21.86
C TRP E 267 -0.02 -42.80 -21.88
N ILE E 268 -0.89 -41.78 -21.85
CA ILE E 268 -2.33 -41.99 -21.81
C ILE E 268 -2.80 -42.47 -23.18
N ASN E 269 -3.93 -43.19 -23.18
CA ASN E 269 -4.44 -43.82 -24.38
C ASN E 269 -4.89 -42.78 -25.40
N MET E 270 -4.59 -43.05 -26.68
CA MET E 270 -4.86 -42.06 -27.71
C MET E 270 -6.35 -41.96 -28.03
N ASP E 271 -7.11 -43.02 -27.78
CA ASP E 271 -8.55 -42.96 -27.99
C ASP E 271 -9.25 -42.11 -26.94
N ALA E 272 -8.65 -41.98 -25.75
CA ALA E 272 -9.17 -41.13 -24.70
C ALA E 272 -8.81 -39.68 -25.01
N ALA E 273 -9.60 -39.08 -25.89
CA ALA E 273 -9.36 -37.72 -26.35
C ALA E 273 -9.64 -36.63 -25.32
N PRO E 274 -10.74 -36.64 -24.54
CA PRO E 274 -10.90 -35.57 -23.54
C PRO E 274 -9.84 -35.56 -22.47
N ALA E 275 -9.29 -36.73 -22.12
CA ALA E 275 -8.26 -36.80 -21.10
C ALA E 275 -6.98 -36.13 -21.54
N ARG E 276 -6.47 -36.49 -22.72
CA ARG E 276 -5.21 -35.94 -23.19
C ARG E 276 -5.35 -34.47 -23.56
N VAL E 277 -6.49 -34.10 -24.16
CA VAL E 277 -6.73 -32.71 -24.52
C VAL E 277 -6.85 -31.84 -23.28
N GLY E 278 -7.59 -32.30 -22.27
CA GLY E 278 -7.72 -31.53 -21.05
C GLY E 278 -6.43 -31.42 -20.26
N LEU E 279 -5.63 -32.49 -20.21
CA LEU E 279 -4.36 -32.43 -19.51
C LEU E 279 -3.43 -31.42 -20.18
N GLY E 280 -3.32 -31.48 -21.51
CA GLY E 280 -2.45 -30.55 -22.20
C GLY E 280 -2.90 -29.11 -22.12
N ILE E 281 -4.22 -28.89 -22.18
CA ILE E 281 -4.74 -27.54 -22.14
C ILE E 281 -4.50 -26.92 -20.76
N THR E 282 -4.75 -27.67 -19.67
CA THR E 282 -4.48 -27.13 -18.34
C THR E 282 -3.00 -26.92 -18.06
N THR E 283 -2.11 -27.74 -18.62
CA THR E 283 -0.69 -27.43 -18.46
C THR E 283 -0.28 -26.17 -19.20
N VAL E 284 -0.86 -25.90 -20.38
CA VAL E 284 -0.54 -24.65 -21.08
C VAL E 284 -1.07 -23.44 -20.31
N LEU E 285 -2.28 -23.56 -19.76
CA LEU E 285 -2.90 -22.47 -19.01
C LEU E 285 -2.12 -22.14 -17.75
N THR E 286 -1.73 -23.16 -16.99
CA THR E 286 -0.97 -22.89 -15.78
C THR E 286 0.44 -22.43 -16.06
N MET E 287 1.04 -22.85 -17.18
CA MET E 287 2.31 -22.26 -17.57
C MET E 287 2.17 -20.78 -17.86
N THR E 288 1.10 -20.37 -18.53
CA THR E 288 0.89 -18.95 -18.81
C THR E 288 0.70 -18.14 -17.54
N THR E 289 -0.11 -18.66 -16.61
CA THR E 289 -0.33 -17.92 -15.36
C THR E 289 0.92 -17.88 -14.48
N GLN E 290 1.73 -18.94 -14.51
CA GLN E 290 2.97 -18.92 -13.75
C GLN E 290 3.96 -17.93 -14.33
N SER E 291 4.01 -17.84 -15.66
CA SER E 291 4.89 -16.85 -16.29
C SER E 291 4.41 -15.44 -16.04
N SER E 292 3.09 -15.24 -15.97
CA SER E 292 2.59 -13.90 -15.72
C SER E 292 2.77 -13.50 -14.26
N GLY E 293 2.76 -14.48 -13.36
CA GLY E 293 2.92 -14.16 -11.96
C GLY E 293 4.35 -14.02 -11.49
N SER E 294 5.32 -14.58 -12.21
CA SER E 294 6.70 -14.37 -11.79
C SER E 294 7.27 -13.02 -12.18
N ARG E 295 6.67 -12.35 -13.15
CA ARG E 295 7.11 -11.04 -13.61
C ARG E 295 6.37 -9.91 -12.93
N ALA E 296 5.56 -10.22 -11.92
CA ALA E 296 4.74 -9.20 -11.29
C ALA E 296 5.56 -8.26 -10.42
N SER E 297 6.56 -8.78 -9.71
CA SER E 297 7.37 -7.92 -8.85
C SER E 297 8.61 -7.41 -9.58
N LEU E 298 8.37 -6.71 -10.69
CA LEU E 298 9.46 -6.24 -11.52
C LEU E 298 9.04 -4.97 -12.23
N PRO E 299 9.96 -4.06 -12.52
CA PRO E 299 9.62 -2.90 -13.33
C PRO E 299 9.35 -3.29 -14.77
N LYS E 300 8.65 -2.39 -15.47
CA LYS E 300 8.22 -2.64 -16.84
C LYS E 300 9.40 -2.30 -17.75
N VAL E 301 10.37 -3.20 -17.78
CA VAL E 301 11.52 -3.02 -18.65
C VAL E 301 11.21 -3.54 -20.05
N SER E 302 11.98 -3.08 -21.02
CA SER E 302 11.68 -3.34 -22.41
C SER E 302 12.75 -4.18 -23.10
N TYR E 303 13.46 -5.00 -22.34
CA TYR E 303 14.42 -5.92 -22.91
C TYR E 303 14.12 -7.33 -22.42
N VAL E 304 14.61 -8.31 -23.16
CA VAL E 304 14.33 -9.70 -22.84
C VAL E 304 15.25 -10.14 -21.71
N LYS E 305 14.66 -10.71 -20.65
CA LYS E 305 15.39 -11.18 -19.49
C LYS E 305 15.60 -12.69 -19.60
N ALA E 306 16.25 -13.27 -18.61
CA ALA E 306 16.51 -14.70 -18.63
C ALA E 306 15.27 -15.51 -18.27
N ILE E 307 14.43 -15.02 -17.37
CA ILE E 307 13.22 -15.75 -17.04
C ILE E 307 12.25 -15.74 -18.22
N ASP E 308 12.30 -14.69 -19.04
CA ASP E 308 11.50 -14.68 -20.26
C ASP E 308 11.88 -15.84 -21.16
N ILE E 309 13.18 -16.06 -21.34
CA ILE E 309 13.69 -17.15 -22.16
C ILE E 309 13.30 -18.51 -21.56
N TRP E 310 13.43 -18.65 -20.25
CA TRP E 310 13.11 -19.93 -19.61
C TRP E 310 11.63 -20.26 -19.70
N MET E 311 10.77 -19.32 -19.32
CA MET E 311 9.33 -19.56 -19.38
C MET E 311 8.85 -19.70 -20.82
N ALA E 312 9.53 -19.04 -21.75
CA ALA E 312 9.15 -19.18 -23.15
C ALA E 312 9.48 -20.55 -23.69
N VAL E 313 10.64 -21.11 -23.35
CA VAL E 313 10.98 -22.43 -23.84
C VAL E 313 10.11 -23.50 -23.17
N CYS E 314 9.81 -23.33 -21.88
CA CYS E 314 8.94 -24.29 -21.20
C CYS E 314 7.52 -24.25 -21.75
N LEU E 315 7.01 -23.06 -22.02
CA LEU E 315 5.70 -22.91 -22.64
C LEU E 315 5.70 -23.47 -24.06
N LEU E 316 6.80 -23.32 -24.78
CA LEU E 316 6.90 -23.92 -26.10
C LEU E 316 6.89 -25.43 -26.04
N PHE E 317 7.46 -26.01 -24.97
CA PHE E 317 7.48 -27.45 -24.83
C PHE E 317 6.09 -28.01 -24.56
N VAL E 318 5.34 -27.37 -23.66
CA VAL E 318 3.99 -27.88 -23.40
C VAL E 318 3.05 -27.60 -24.59
N PHE E 319 3.31 -26.54 -25.35
CA PHE E 319 2.48 -26.27 -26.52
C PHE E 319 2.78 -27.25 -27.64
N SER E 320 4.04 -27.65 -27.79
CA SER E 320 4.39 -28.66 -28.77
C SER E 320 3.83 -30.02 -28.41
N ALA E 321 3.75 -30.34 -27.10
CA ALA E 321 3.08 -31.58 -26.70
C ALA E 321 1.61 -31.57 -27.09
N LEU E 322 0.93 -30.43 -26.94
CA LEU E 322 -0.46 -30.37 -27.38
C LEU E 322 -0.58 -30.49 -28.90
N LEU E 323 0.38 -29.92 -29.63
CA LEU E 323 0.38 -30.05 -31.08
C LEU E 323 0.63 -31.48 -31.53
N GLU E 324 1.47 -32.20 -30.79
CA GLU E 324 1.74 -33.59 -31.10
C GLU E 324 0.50 -34.46 -30.91
N TYR E 325 -0.28 -34.19 -29.85
CA TYR E 325 -1.52 -34.94 -29.72
C TYR E 325 -2.53 -34.55 -30.80
N ALA E 326 -2.53 -33.30 -31.25
CA ALA E 326 -3.46 -32.91 -32.30
C ALA E 326 -3.11 -33.57 -33.62
N ALA E 327 -1.82 -33.76 -33.90
CA ALA E 327 -1.43 -34.49 -35.11
C ALA E 327 -1.77 -35.97 -35.02
N VAL E 328 -1.59 -36.57 -33.83
CA VAL E 328 -1.97 -37.98 -33.64
C VAL E 328 -3.47 -38.18 -33.84
N ASN E 329 -4.30 -37.28 -33.32
CA ASN E 329 -5.73 -37.45 -33.46
C ASN E 329 -6.20 -37.07 -34.87
N PHE E 330 -5.43 -36.27 -35.60
CA PHE E 330 -5.76 -36.04 -37.00
C PHE E 330 -5.48 -37.27 -37.85
N ILE E 331 -4.36 -37.95 -37.58
CA ILE E 331 -4.05 -39.19 -38.30
C ILE E 331 -5.10 -40.26 -37.98
N ALA E 332 -5.54 -40.32 -36.73
CA ALA E 332 -6.61 -41.26 -36.35
C ALA E 332 -7.94 -40.88 -37.01
N ARG E 333 -8.18 -39.58 -37.20
CA ARG E 333 -9.38 -39.14 -37.94
C ARG E 333 -9.35 -39.63 -39.37
N GLN E 334 -8.19 -39.53 -40.03
CA GLN E 334 -8.06 -40.03 -41.39
C GLN E 334 -8.26 -41.54 -41.41
N HIS E 335 -7.82 -42.20 -40.35
CA HIS E 335 -8.01 -43.64 -40.18
C HIS E 335 -9.49 -43.99 -40.10
N LYS E 336 -10.24 -43.27 -39.25
CA LYS E 336 -11.65 -43.55 -39.05
C LYS E 336 -12.49 -43.22 -40.28
N GLU E 337 -12.15 -42.14 -41.01
CA GLU E 337 -12.91 -41.83 -42.22
C GLU E 337 -12.66 -42.83 -43.34
N LEU E 338 -11.42 -43.30 -43.49
CA LEU E 338 -11.22 -44.29 -44.53
C LEU E 338 -11.70 -45.67 -44.12
N LEU E 339 -11.91 -45.90 -42.82
CA LEU E 339 -12.49 -47.17 -42.41
C LEU E 339 -14.00 -47.20 -42.63
N ARG E 340 -14.72 -46.20 -42.14
CA ARG E 340 -16.18 -46.19 -42.24
C ARG E 340 -16.63 -45.09 -43.20
N PHE E 341 -17.49 -45.46 -44.14
CA PHE E 341 -18.00 -44.51 -45.13
C PHE E 341 -19.42 -44.05 -44.80
N LYS E 394 -9.80 -52.81 -51.45
CA LYS E 394 -9.62 -51.37 -51.51
C LYS E 394 -8.43 -50.96 -50.64
N THR E 395 -7.50 -51.91 -50.43
CA THR E 395 -6.26 -51.75 -49.64
C THR E 395 -6.54 -51.21 -48.23
N VAL E 396 -7.69 -51.61 -47.67
CA VAL E 396 -8.17 -51.03 -46.44
C VAL E 396 -7.39 -51.57 -45.25
N GLU E 397 -7.02 -52.85 -45.26
CA GLU E 397 -6.35 -53.47 -44.12
C GLU E 397 -4.95 -52.88 -43.93
N GLU E 398 -4.15 -52.89 -44.98
CA GLU E 398 -2.78 -52.35 -44.93
C GLU E 398 -2.74 -50.81 -44.78
N MET E 399 -3.75 -50.05 -45.24
CA MET E 399 -3.78 -48.63 -44.83
C MET E 399 -4.19 -48.41 -43.39
N ARG E 400 -5.01 -49.31 -42.82
CA ARG E 400 -5.33 -49.23 -41.40
C ARG E 400 -4.07 -49.52 -40.60
N LYS E 401 -3.30 -50.51 -41.06
CA LYS E 401 -2.03 -50.86 -40.45
C LYS E 401 -1.09 -49.66 -40.53
N LEU E 402 -0.98 -49.05 -41.71
CA LEU E 402 -0.07 -47.91 -41.89
C LEU E 402 -0.46 -46.76 -40.95
N PHE E 403 -1.75 -46.42 -40.84
CA PHE E 403 -2.09 -45.30 -39.95
C PHE E 403 -2.02 -45.65 -38.46
N ILE E 404 -2.29 -46.90 -38.06
CA ILE E 404 -2.11 -47.26 -36.65
C ILE E 404 -0.63 -47.37 -36.30
N SER E 405 0.17 -47.93 -37.20
CA SER E 405 1.61 -48.02 -36.97
C SER E 405 2.25 -46.64 -36.91
N ARG E 406 1.81 -45.73 -37.79
CA ARG E 406 2.37 -44.38 -37.76
C ARG E 406 1.92 -43.63 -36.51
N ALA E 407 0.66 -43.80 -36.09
CA ALA E 407 0.19 -43.15 -34.88
C ALA E 407 0.83 -43.73 -33.63
N LYS E 408 1.25 -45.00 -33.67
CA LYS E 408 2.00 -45.55 -32.55
C LYS E 408 3.46 -45.08 -32.59
N ARG E 409 4.00 -44.94 -33.79
CA ARG E 409 5.40 -44.55 -33.93
C ARG E 409 5.63 -43.13 -33.51
N ILE E 410 4.64 -42.24 -33.73
CA ILE E 410 4.77 -40.86 -33.31
C ILE E 410 4.82 -40.75 -31.79
N ASP E 411 3.95 -41.48 -31.09
CA ASP E 411 3.97 -41.51 -29.63
C ASP E 411 5.25 -42.13 -29.10
N THR E 412 5.71 -43.21 -29.74
CA THR E 412 6.90 -43.90 -29.25
C THR E 412 8.16 -43.06 -29.44
N VAL E 413 8.25 -42.31 -30.54
CA VAL E 413 9.43 -41.48 -30.73
C VAL E 413 9.31 -40.20 -29.91
N SER E 414 8.08 -39.73 -29.64
CA SER E 414 7.92 -38.51 -28.87
C SER E 414 8.25 -38.75 -27.41
N ARG E 415 7.92 -39.93 -26.89
CA ARG E 415 8.14 -40.28 -25.50
C ARG E 415 9.62 -40.28 -25.15
N VAL E 416 10.48 -40.60 -26.11
CA VAL E 416 11.92 -40.50 -25.92
C VAL E 416 12.43 -39.12 -26.28
N ALA E 417 11.90 -38.52 -27.35
CA ALA E 417 12.52 -37.32 -27.91
C ALA E 417 12.23 -36.07 -27.11
N PHE E 418 11.12 -36.01 -26.38
CA PHE E 418 10.81 -34.79 -25.64
C PHE E 418 11.75 -34.56 -24.46
N PRO E 419 11.97 -35.50 -23.52
CA PRO E 419 12.84 -35.17 -22.38
C PRO E 419 14.30 -35.08 -22.75
N LEU E 420 14.75 -35.75 -23.81
CA LEU E 420 16.16 -35.63 -24.21
C LEU E 420 16.46 -34.25 -24.75
N VAL E 421 15.57 -33.68 -25.57
CA VAL E 421 15.83 -32.34 -26.09
C VAL E 421 15.62 -31.31 -24.98
N PHE E 422 14.76 -31.63 -24.00
CA PHE E 422 14.66 -30.75 -22.85
C PHE E 422 15.93 -30.75 -22.00
N LEU E 423 16.55 -31.90 -21.84
CA LEU E 423 17.80 -32.00 -21.09
C LEU E 423 18.93 -31.27 -21.81
N ILE E 424 18.92 -31.34 -23.15
CA ILE E 424 19.91 -30.62 -23.95
C ILE E 424 19.74 -29.12 -23.80
N PHE E 425 18.50 -28.63 -23.86
CA PHE E 425 18.25 -27.20 -23.64
C PHE E 425 18.66 -26.77 -22.25
N ASN E 426 18.41 -27.62 -21.24
CA ASN E 426 18.74 -27.28 -19.87
C ASN E 426 20.23 -27.11 -19.69
N ILE E 427 21.02 -28.05 -20.21
CA ILE E 427 22.46 -27.91 -20.00
C ILE E 427 23.03 -26.77 -20.83
N PHE E 428 22.46 -26.49 -22.00
CA PHE E 428 22.97 -25.36 -22.80
C PHE E 428 22.65 -24.02 -22.15
N TYR E 429 21.40 -23.83 -21.73
CA TYR E 429 21.01 -22.61 -21.02
C TYR E 429 21.80 -22.41 -19.75
N TRP E 430 22.00 -23.47 -18.97
CA TRP E 430 22.69 -23.32 -17.70
C TRP E 430 24.16 -22.99 -17.90
N ILE E 431 24.83 -23.65 -18.85
CA ILE E 431 26.25 -23.32 -19.03
C ILE E 431 26.42 -21.95 -19.69
N THR E 432 25.49 -21.51 -20.57
CA THR E 432 25.70 -20.19 -21.15
C THR E 432 25.43 -19.09 -20.12
N TYR E 433 24.52 -19.32 -19.19
CA TYR E 433 24.34 -18.32 -18.16
C TYR E 433 25.43 -18.39 -17.11
N LYS E 434 26.03 -19.56 -16.90
CA LYS E 434 27.19 -19.65 -16.02
C LYS E 434 28.38 -18.91 -16.60
N ILE E 435 28.61 -19.04 -17.90
CA ILE E 435 29.74 -18.34 -18.51
C ILE E 435 29.45 -16.85 -18.64
N ILE E 436 28.19 -16.44 -18.83
CA ILE E 436 27.93 -15.00 -18.87
C ILE E 436 27.89 -14.39 -17.48
N ARG E 437 27.62 -15.19 -16.45
CA ARG E 437 27.72 -14.69 -15.08
C ARG E 437 29.17 -14.56 -14.68
N SER E 438 30.00 -15.53 -15.07
CA SER E 438 31.42 -15.42 -14.78
C SER E 438 32.08 -14.35 -15.63
N GLU E 439 31.56 -14.08 -16.83
CA GLU E 439 32.07 -12.98 -17.64
C GLU E 439 31.71 -11.64 -17.02
N ASP E 440 30.54 -11.56 -16.36
CA ASP E 440 30.15 -10.32 -15.71
C ASP E 440 31.01 -10.11 -14.48
N ILE E 441 31.34 -11.18 -13.75
CA ILE E 441 32.18 -11.07 -12.56
C ILE E 441 33.66 -10.89 -12.92
N HIS E 442 34.07 -11.25 -14.13
CA HIS E 442 35.45 -11.01 -14.56
C HIS E 442 35.62 -9.62 -15.17
N LYS E 443 34.61 -9.12 -15.89
CA LYS E 443 34.71 -7.79 -16.47
C LYS E 443 34.48 -6.74 -15.38
N GLN E 444 33.53 -7.02 -14.48
CA GLN E 444 33.09 -6.17 -13.37
C GLN E 444 32.64 -4.78 -13.83
C1 NAG F . -23.64 43.05 8.54
C2 NAG F . -24.75 42.13 9.08
C3 NAG F . -24.96 42.29 10.60
C4 NAG F . -24.49 43.60 11.22
C5 NAG F . -23.35 44.27 10.44
C6 NAG F . -22.23 44.76 11.34
C7 NAG F . -26.78 43.34 8.24
C8 NAG F . -28.02 43.17 7.40
N2 NAG F . -26.00 42.25 8.34
O3 NAG F . -24.32 41.20 11.26
O4 NAG F . -25.61 44.48 11.24
O5 NAG F . -22.76 43.34 9.54
O6 NAG F . -20.96 44.50 10.74
O7 NAG F . -26.51 44.42 8.78
C1 NAG F . -25.67 45.22 12.48
C2 NAG F . -26.29 46.61 12.20
C3 NAG F . -27.33 46.96 13.27
C4 NAG F . -28.43 45.92 13.26
C5 NAG F . -27.86 44.54 13.60
C6 NAG F . -28.33 43.45 12.68
C7 NAG F . -24.41 48.07 12.98
N2 NAG F . -25.30 47.66 12.06
O3 NAG F . -27.87 48.24 12.99
O4 NAG F . -29.40 46.26 14.23
O5 NAG F . -26.42 44.53 13.58
O6 NAG F . -27.77 42.19 13.04
O7 NAG F . -24.33 47.59 14.11
C1 NAG G . 12.43 44.01 -19.60
C2 NAG G . 11.05 43.91 -20.28
C3 NAG G . 10.05 44.97 -19.78
C4 NAG G . 10.66 46.23 -19.16
C5 NAG G . 12.05 46.01 -18.54
C6 NAG G . 12.20 46.62 -17.17
C7 NAG G . 11.60 44.84 -22.54
C8 NAG G . 11.58 44.54 -24.01
N2 NAG G . 11.14 43.88 -21.74
O3 NAG G . 9.17 44.36 -18.84
O4 NAG G . 10.78 47.20 -20.19
O5 NAG G . 12.28 44.61 -18.38
O6 NAG G . 12.91 45.77 -16.30
O7 NAG G . 12.03 45.92 -22.12
C1 NAG G . 10.40 48.51 -19.73
C2 NAG G . 11.21 49.57 -20.49
C3 NAG G . 10.33 50.72 -20.95
C4 NAG G . 9.24 50.19 -21.87
C5 NAG G . 8.36 49.19 -21.12
C6 NAG G . 8.10 47.93 -21.89
C7 NAG G . 12.36 50.68 -18.55
N2 NAG G . 12.37 50.05 -19.74
O3 NAG G . 11.12 51.68 -21.63
O4 NAG G . 8.43 51.27 -22.31
O5 NAG G . 8.92 48.81 -19.85
O6 NAG G . 7.27 47.03 -21.16
O7 NAG G . 11.33 50.95 -17.93
C1 NAG H . 30.52 2.91 39.24
C2 NAG H . 31.38 1.95 38.42
C3 NAG H . 32.73 2.58 37.96
C4 NAG H . 33.21 3.78 38.79
C5 NAG H . 32.09 4.56 39.49
C6 NAG H . 32.22 6.05 39.33
C7 NAG H . 32.22 0.44 40.26
C8 NAG H . 32.28 -0.99 40.69
N2 NAG H . 31.59 0.66 39.08
O3 NAG H . 32.60 2.97 36.60
O4 NAG H . 34.09 3.27 39.78
O5 NAG H . 30.83 4.20 38.91
O6 NAG H . 30.95 6.66 39.09
O7 NAG H . 32.72 1.34 40.93
C1 NAG H . 35.25 4.12 39.94
C2 NAG H . 35.73 4.05 41.41
C3 NAG H . 37.24 3.90 41.49
C4 NAG H . 37.65 2.63 40.78
C5 NAG H . 37.27 2.69 39.30
C6 NAG H . 36.59 1.43 38.81
C7 NAG H . 35.53 6.48 42.01
N2 NAG H . 35.26 5.18 42.21
O3 NAG H . 37.64 3.86 42.84
O4 NAG H . 39.07 2.47 40.87
O5 NAG H . 36.39 3.80 39.01
O6 NAG H . 36.25 1.54 37.43
O7 NAG H . 36.25 6.91 41.10
C1 NAG I . -12.39 17.61 44.82
C2 NAG I . -12.11 16.17 45.27
C3 NAG I . -10.88 16.05 46.21
C4 NAG I . -10.48 17.34 46.95
C5 NAG I . -10.89 18.63 46.23
C6 NAG I . -9.79 19.66 46.17
C7 NAG I . -13.96 15.87 46.96
C8 NAG I . -15.13 15.00 47.29
N2 NAG I . -13.29 15.51 45.85
O3 NAG I . -9.78 15.59 45.45
O4 NAG I . -11.13 17.31 48.22
O5 NAG I . -11.23 18.33 44.87
O6 NAG I . -9.75 20.30 44.91
O7 NAG I . -13.65 16.83 47.65
C1 NAG I . -10.25 17.77 49.27
C2 NAG I . -11.08 18.44 50.36
C3 NAG I . -10.63 17.99 51.75
C4 NAG I . -10.81 16.49 51.87
C5 NAG I . -9.93 15.78 50.84
C6 NAG I . -10.67 14.69 50.09
C7 NAG I . -10.03 20.72 50.32
N2 NAG I . -11.09 19.90 50.25
O3 NAG I . -11.42 18.66 52.74
O4 NAG I . -10.41 16.08 53.18
O5 NAG I . -9.38 16.68 49.87
O6 NAG I . -9.80 14.06 49.15
O7 NAG I . -8.86 20.34 50.51
C1 NAG J . 45.96 19.15 -0.61
C2 NAG J . 45.82 19.01 -2.14
C3 NAG J . 45.77 20.38 -2.87
C4 NAG J . 46.39 21.55 -2.11
C5 NAG J . 46.38 21.39 -0.59
C6 NAG J . 45.92 22.64 0.14
C7 NAG J . 48.14 18.26 -2.75
C8 NAG J . 48.90 17.17 -3.42
N2 NAG J . 46.80 18.10 -2.73
O3 NAG J . 44.42 20.68 -3.18
O4 NAG J . 47.75 21.65 -2.54
O5 NAG J . 45.48 20.36 -0.22
O6 NAG J . 45.07 22.31 1.23
O7 NAG J . 48.70 19.22 -2.24
C1 NAG J . 48.13 23.03 -2.74
C2 NAG J . 49.63 23.19 -2.43
C3 NAG J . 50.33 24.03 -3.50
C4 NAG J . 50.18 23.35 -4.85
C5 NAG J . 48.71 23.25 -5.22
C6 NAG J . 48.32 21.88 -5.74
C7 NAG J . 49.49 24.90 -0.59
N2 NAG J . 49.88 23.71 -1.09
O3 NAG J . 51.70 24.16 -3.17
O4 NAG J . 50.86 24.13 -5.82
O5 NAG J . 47.83 23.56 -4.12
O6 NAG J . 46.94 21.84 -6.07
O7 NAG J . 48.85 25.73 -1.24
O1 PIO K . -42.72 -26.55 -19.19
P1 PIO K . -41.87 -25.66 -20.28
O11 PIO K . -41.95 -26.34 -21.62
O12 PIO K . -42.41 -24.26 -20.36
O13 PIO K . -40.30 -25.60 -19.78
C1A PIO K . -38.03 -25.84 -15.98
O1A PIO K . -38.54 -26.91 -15.91
C1B PIO K . -38.35 -21.37 -18.19
O1B PIO K . -39.48 -21.01 -18.22
C1C PIO K . -40.11 -25.57 -18.40
C2A PIO K . -36.71 -25.64 -15.26
C2B PIO K . -37.22 -20.37 -18.42
C2C PIO K . -38.76 -24.96 -18.08
O2C PIO K . -38.63 -24.79 -16.69
C3A PIO K . -36.24 -24.20 -15.42
C3B PIO K . -37.64 -19.02 -17.86
C3C PIO K . -38.63 -23.63 -18.80
O3C PIO K . -38.02 -22.70 -17.95
C4A PIO K . -35.35 -23.84 -14.22
C4B PIO K . -37.13 -18.90 -16.43
C5A PIO K . -36.15 -23.07 -13.18
C5B PIO K . -35.69 -18.40 -16.46
C6A PIO K . -35.17 -22.42 -12.21
C6B PIO K . -35.69 -16.90 -16.14
C7A PIO K . -35.88 -21.38 -11.35
C7B PIO K . -35.85 -16.70 -14.65
C8A PIO K . -34.85 -20.64 -10.49
C8B PIO K . -35.83 -15.19 -14.36
N GLY L . -2.47 34.01 -5.98
CA GLY L . -3.71 34.48 -6.55
C GLY L . -4.93 34.27 -5.70
O GLY L . -6.05 34.45 -6.16
OXT GLY L . -4.83 33.91 -4.53
C1 IVM M . -31.13 -17.80 -2.14
O1 IVM M . -28.59 -17.85 -4.95
C2 IVM M . -29.75 -18.51 -2.18
O2 IVM M . -31.32 -12.01 -2.68
C3 IVM M . -29.59 -19.44 -3.40
O3 IVM M . -31.71 -12.37 1.85
C4 IVM M . -28.18 -20.03 -3.41
O4 IVM M . -31.24 -9.48 1.55
C5 IVM M . -29.80 -18.64 -4.66
O5 IVM M . -32.61 -7.56 5.21
C6 IVM M . -28.77 -17.12 -6.21
O6 IVM M . -29.78 -5.77 3.79
C7 IVM M . -29.54 -17.71 -7.41
O7 IVM M . -31.53 -7.20 1.67
C8 IVM M . -30.56 -18.70 -7.01
O8 IVM M . -32.14 -10.12 -1.64
C9 IVM M . -30.16 -19.54 -5.85
O9 IVM M . -22.88 -10.62 -5.21
C10 IVM M . -31.37 -20.48 -5.48
O10 IVM M . -20.65 -11.63 -5.20
C11 IVM M . -27.52 -16.67 -5.64
O11 IVM M . -24.71 -15.20 -4.75
C12 IVM M . -27.47 -15.27 -5.22
O12 IVM M . -26.45 -14.69 -6.11
C13 IVM M . -28.66 -14.40 -5.43
O13 IVM M . -24.51 -13.25 -3.43
C14 IVM M . -29.99 -15.12 -5.75
O14 IVM M . -29.68 -16.15 -6.85
C15 IVM M . -31.02 -14.22 -6.17
C16 IVM M . -31.75 -13.53 -4.92
C17 IVM M . -32.00 -12.00 -4.99
C18 IVM M . -31.71 -11.43 -6.37
C19 IVM M . -31.29 -11.21 -3.86
C20 IVM M . -32.30 -11.58 -1.79
C21 IVM M . -32.15 -12.38 -0.51
C22 IVM M . -31.60 -11.57 0.61
C23 IVM M . -30.92 -13.56 1.87
C24 IVM M . -32.26 -10.28 0.86
C25 IVM M . -31.77 -8.49 2.35
C26 IVM M . -31.04 -8.56 3.68
C27 IVM M . -31.30 -7.40 4.56
C28 IVM M . -32.66 -8.55 6.24
C29 IVM M . -31.19 -6.08 3.90
C30 IVM M . -31.80 -5.99 2.50
C31 IVM M . -33.28 -5.74 2.56
C32 IVM M . -32.66 -9.51 -0.40
C33 IVM M . -34.15 -9.35 -0.49
C34 IVM M . -29.88 -10.75 -4.20
C35 IVM M . -29.83 -9.24 -3.97
C36 IVM M . -28.85 -11.40 -3.25
C37 IVM M . -27.42 -10.81 -3.40
C38 IVM M . -26.61 -11.44 -4.58
C39 IVM M . -25.11 -11.28 -4.32
C40 IVM M . -24.44 -10.28 -5.37
C41 IVM M . -22.83 -11.68 -4.38
C42 IVM M . -21.66 -12.49 -4.54
C43 IVM M . -21.84 -13.74 -5.33
C44 IVM M . -23.05 -13.62 -6.51
C45 IVM M . -24.54 -13.26 -5.82
C46 IVM M . -25.18 -14.42 -5.51
C47 IVM M . -24.30 -12.41 -4.53
C48 IVM M . -20.56 -14.11 -5.98
C1 IVM N . -22.12 -7.02 -27.53
O1 IVM N . -19.29 -9.35 -26.58
C2 IVM N . -22.00 -7.94 -26.28
O2 IVM N . -18.16 -2.82 -28.30
C3 IVM N . -21.72 -9.41 -26.66
O3 IVM N . -21.56 -0.36 -26.54
C4 IVM N . -21.53 -10.23 -25.37
O4 IVM N . -19.33 1.57 -26.44
C5 IVM N . -20.46 -9.48 -27.47
O5 IVM N . -21.10 5.54 -26.09
C6 IVM N . -18.05 -9.47 -27.37
O6 IVM N . -17.91 5.38 -24.34
C7 IVM N . -17.92 -10.44 -28.56
O7 IVM N . -18.09 3.48 -26.77
C8 IVM N . -19.21 -10.70 -29.21
O8 IVM N . -17.98 -0.56 -28.66
C9 IVM N . -20.37 -10.78 -28.28
O9 IVM N . -12.29 -5.36 -22.09
C10 IVM N . -21.68 -10.99 -29.12
O10 IVM N . -12.06 -6.70 -20.04
C11 IVM N . -17.66 -9.11 -26.01
O11 IVM N . -16.21 -8.17 -23.22
C12 IVM N . -17.03 -7.80 -25.87
O12 IVM N . -15.66 -8.13 -25.41
C13 IVM N . -16.80 -6.95 -27.08
O13 IVM N . -15.78 -5.94 -22.54
C14 IVM N . -17.56 -7.37 -28.35
O14 IVM N . -17.37 -8.88 -28.51
C15 IVM N . -17.12 -6.66 -29.51
C16 IVM N . -17.80 -5.21 -29.62
C17 IVM N . -16.87 -4.00 -29.96
C18 IVM N . -15.48 -4.44 -30.38
C19 IVM N . -16.85 -2.92 -28.87
C20 IVM N . -18.86 -1.74 -28.79
C21 IVM N . -20.17 -1.63 -28.02
C22 IVM N . -20.19 -0.49 -27.06
C23 IVM N . -22.02 -1.46 -25.76
C24 IVM N . -19.79 0.81 -27.60
C25 IVM N . -19.45 2.94 -26.60
C26 IVM N . -20.10 3.48 -25.34
C27 IVM N . -20.06 4.96 -25.22
C28 IVM N . -22.43 5.39 -25.60
C29 IVM N . -18.74 5.55 -25.51
C30 IVM N . -17.99 4.95 -26.70
C31 IVM N . -18.44 5.56 -28.01
C32 IVM N . -18.63 0.76 -28.60
C33 IVM N . -19.04 1.21 -29.96
C34 IVM N . -15.78 -3.11 -27.80
C35 IVM N . -14.96 -1.83 -27.75
C36 IVM N . -16.43 -3.31 -26.41
C37 IVM N . -15.39 -3.31 -25.26
C38 IVM N . -14.69 -4.70 -25.04
C39 IVM N . -14.17 -4.79 -23.60
C40 IVM N . -12.59 -4.81 -23.55
C41 IVM N . -13.49 -5.72 -21.60
C42 IVM N . -13.45 -6.72 -20.58
C43 IVM N . -13.78 -8.10 -21.03
C44 IVM N . -13.39 -8.39 -22.65
C45 IVM N . -14.20 -7.34 -23.68
C46 IVM N . -15.41 -7.89 -24.02
C47 IVM N . -14.43 -5.99 -22.92
C48 IVM N . -13.09 -9.10 -20.17
O1 PIO O . -20.69 -21.06 -44.99
P1 PIO O . -19.06 -21.24 -44.78
O11 PIO O . -18.63 -22.53 -45.43
O12 PIO O . -18.33 -20.06 -45.39
O13 PIO O . -18.76 -21.29 -43.17
C1A PIO O . -20.56 -19.81 -39.40
O1A PIO O . -21.49 -20.46 -39.76
C1B PIO O . -16.37 -17.58 -40.96
O1B PIO O . -16.55 -17.04 -42.00
C1C PIO O . -19.58 -20.50 -42.38
C2A PIO O . -20.41 -19.55 -37.92
C2B PIO O . -15.15 -17.23 -40.14
C2C PIO O . -18.89 -20.19 -41.06
O2C PIO O . -19.66 -19.26 -40.33
C3A PIO O . -19.21 -18.66 -37.66
C3B PIO O . -14.81 -15.76 -40.33
C3C PIO O . -17.50 -19.62 -41.35
O3C PIO O . -17.26 -18.55 -40.49
C4A PIO O . -19.44 -17.91 -36.34
C4B PIO O . -15.51 -14.96 -39.23
C5A PIO O . -19.95 -16.49 -36.62
C5B PIO O . -14.60 -14.95 -38.00
C6A PIO O . -19.79 -15.68 -35.34
C6B PIO O . -13.86 -13.62 -37.94
C7A PIO O . -19.99 -14.19 -35.65
C7B PIO O . -14.80 -12.53 -37.41
C8A PIO O . -19.69 -13.37 -34.39
C8B PIO O . -14.03 -11.21 -37.34
N GLY P . 24.76 23.25 -7.02
CA GLY P . 24.96 23.59 -8.41
C GLY P . 23.79 24.24 -9.10
O GLY P . 23.77 24.39 -10.31
OXT GLY P . 22.81 24.62 -8.46
O1 PIO Q . 4.76 -53.21 -7.27
P1 PIO Q . 3.62 -52.71 -6.20
O11 PIO Q . 2.47 -53.69 -6.23
O12 PIO Q . 4.20 -52.61 -4.82
O13 PIO Q . 3.08 -51.23 -6.67
C1A PIO Q . 4.60 -47.71 -8.91
O1A PIO Q . 4.71 -48.51 -9.79
C1B PIO Q . 4.09 -47.24 -3.95
O1B PIO Q . 4.83 -47.99 -3.40
C1C PIO Q . 4.03 -50.40 -7.26
C2A PIO Q . 4.41 -46.25 -9.29
C2B PIO Q . 3.48 -46.08 -3.20
C2C PIO Q . 3.62 -48.94 -7.12
O2C PIO Q . 4.65 -48.11 -7.57
C3A PIO Q . 4.33 -45.39 -8.04
C3B PIO Q . 4.46 -45.59 -2.14
C3C PIO Q . 3.28 -48.66 -5.66
O3C PIO Q . 3.79 -47.41 -5.30
C4A PIO Q . 4.80 -43.98 -8.40
C4B PIO Q . 5.28 -44.46 -2.74
C5A PIO Q . 6.25 -43.79 -7.99
C5B PIO Q . 4.51 -43.15 -2.56
C6A PIO Q . 6.56 -42.29 -8.00
C6B PIO Q . 5.10 -42.40 -1.37
C7A PIO Q . 7.89 -42.01 -7.30
C7B PIO Q . 6.40 -41.71 -1.77
C8A PIO Q . 8.11 -40.50 -7.19
C8B PIO Q . 6.94 -40.95 -0.56
N GLY R . 4.70 8.71 33.15
CA GLY R . 5.11 7.65 34.06
C GLY R . 6.46 7.03 33.75
O GLY R . 6.82 6.01 34.32
OXT GLY R . 7.20 7.54 32.92
C1 IVM S . 12.89 -32.31 -8.91
O1 IVM S . 9.21 -31.73 -8.28
C2 IVM S . 11.88 -31.55 -9.79
O2 IVM S . 13.92 -30.42 -3.50
C3 IVM S . 10.64 -32.39 -10.14
O3 IVM S . 17.55 -28.67 -5.63
C4 IVM S . 9.66 -31.52 -10.94
O4 IVM S . 17.70 -27.31 -3.03
C5 IVM S . 9.98 -32.83 -8.88
O5 IVM S . 21.78 -25.84 -2.57
C6 IVM S . 8.52 -32.20 -7.07
O6 IVM S . 19.41 -23.61 -0.95
C7 IVM S . 7.91 -33.60 -6.94
O7 IVM S . 18.50 -26.56 -1.01
C8 IVM S . 8.61 -34.59 -7.80
O8 IVM S . 15.63 -29.81 -2.11
C9 IVM S . 9.07 -34.05 -9.10
O9 IVM S . 7.26 -24.54 -2.86
C10 IVM S . 9.84 -35.19 -9.86
O10 IVM S . 5.70 -23.19 -4.22
C11 IVM S . 8.31 -30.75 -7.16
O11 IVM S . 7.65 -27.55 -6.78
C12 IVM S . 8.92 -29.96 -6.10
O12 IVM S . 7.75 -29.37 -5.40
C13 IVM S . 9.67 -30.64 -5.00
O13 IVM S . 8.99 -25.97 -5.63
C14 IVM S . 10.05 -32.11 -5.25
O14 IVM S . 8.79 -32.83 -5.78
C15 IVM S . 10.54 -32.76 -4.08
C16 IVM S . 12.10 -32.44 -3.85
C17 IVM S . 12.54 -32.06 -2.40
C18 IVM S . 11.44 -32.28 -1.38
C19 IVM S . 13.17 -30.66 -2.31
C20 IVM S . 15.29 -30.59 -3.30
C21 IVM S . 16.01 -30.17 -4.58
C22 IVM S . 16.71 -28.87 -4.44
C23 IVM S . 16.83 -28.53 -6.85
C24 IVM S . 17.59 -28.74 -3.26
C25 IVM S . 18.86 -26.94 -2.37
C26 IVM S . 19.43 -25.75 -3.13
C27 IVM S . 20.53 -25.06 -2.43
C28 IVM S . 22.37 -25.77 -3.88
C29 IVM S . 20.26 -24.77 -1.00
C30 IVM S . 19.56 -25.89 -0.22
C31 IVM S . 20.55 -26.91 0.27
C32 IVM S . 17.04 -29.37 -1.97
C33 IVM S . 17.90 -30.51 -1.50
C34 IVM S . 12.18 -29.54 -2.03
C35 IVM S . 12.67 -28.79 -0.80
C36 IVM S . 12.14 -28.53 -3.21
C37 IVM S . 11.31 -27.26 -2.89
C38 IVM S . 9.77 -27.45 -3.14
C39 IVM S . 9.12 -26.09 -3.40
C40 IVM S . 8.14 -25.68 -2.21
C41 IVM S . 7.62 -24.51 -4.16
C42 IVM S . 6.61 -24.00 -5.05
C43 IVM S . 5.83 -25.01 -5.79
C44 IVM S . 5.67 -26.48 -4.96
C45 IVM S . 7.17 -27.18 -4.63
C46 IVM S . 7.53 -27.98 -5.68
C47 IVM S . 8.22 -26.01 -4.46
C48 IVM S . 4.48 -24.49 -6.11
N GLY T . -14.83 25.05 18.83
CA GLY T . -15.94 24.67 19.68
C GLY T . -15.60 23.67 20.76
O GLY T . -16.48 23.13 21.41
OXT GLY T . -14.43 23.38 21.01
C1 IVM U . -9.52 -33.42 9.44
O1 IVM U . -11.00 -31.68 6.43
C2 IVM U . -8.85 -33.09 8.09
O2 IVM U . -11.52 -29.02 12.71
C3 IVM U . -9.63 -33.64 6.88
O3 IVM U . -7.57 -29.84 14.84
C4 IVM U . -8.93 -33.19 5.60
O4 IVM U . -8.39 -27.29 16.07
C5 IVM U . -11.02 -33.07 6.92
O5 IVM U . -6.16 -26.90 19.81
C6 IVM U . -12.38 -31.15 6.40
O6 IVM U . -6.76 -23.63 18.31
C7 IVM U . -13.59 -32.02 6.02
O7 IVM U . -8.96 -25.72 17.66
C8 IVM U . -13.38 -33.44 6.30
O8 IVM U . -11.39 -28.15 14.83
C9 IVM U . -12.00 -33.92 6.08
O9 IVM U . -10.82 -22.47 6.73
C10 IVM U . -11.91 -35.43 6.49
O10 IVM U . -9.68 -21.83 4.64
C11 IVM U . -11.49 -30.04 6.08
O11 IVM U . -9.98 -27.18 5.48
C12 IVM U . -11.46 -28.96 7.07
O12 IVM U . -11.99 -27.81 6.31
C13 IVM U . -12.32 -29.03 8.27
O13 IVM U . -9.21 -25.63 7.09
C14 IVM U . -12.95 -30.40 8.58
O14 IVM U . -13.53 -30.94 7.26
C15 IVM U . -13.95 -30.33 9.61
C16 IVM U . -13.29 -30.34 11.08
C17 IVM U . -13.85 -29.31 12.11
C18 IVM U . -15.10 -28.60 11.61
C19 IVM U . -12.76 -28.33 12.61
C20 IVM U . -11.24 -29.38 14.03
C21 IVM U . -9.83 -29.98 14.05
C22 IVM U . -8.83 -29.07 14.67
C23 IVM U . -6.95 -30.25 13.63
C24 IVM U . -9.19 -28.50 15.97
C25 IVM U . -8.14 -26.91 17.39
C26 IVM U . -6.66 -26.59 17.46
C27 IVM U . -6.25 -25.91 18.72
C28 IVM U . -5.02 -27.75 19.73
C29 IVM U . -7.13 -24.77 19.12
C30 IVM U . -8.63 -25.01 18.93
C31 IVM U . -9.23 -25.75 20.09
C32 IVM U . -10.65 -28.09 16.12
C33 IVM U . -11.36 -28.91 17.16
C34 IVM U . -12.62 -27.06 11.79
C35 IVM U . -12.78 -25.88 12.74
C36 IVM U . -11.22 -26.96 11.16
C37 IVM U . -10.95 -25.60 10.48
C38 IVM U . -11.51 -25.50 9.02
C39 IVM U . -10.73 -24.43 8.23
C40 IVM U . -11.65 -23.19 7.88
C41 IVM U . -9.81 -23.30 6.45
C42 IVM U . -9.27 -23.18 5.12
C43 IVM U . -9.73 -24.21 4.15
C44 IVM U . -11.28 -24.81 4.48
C45 IVM U . -11.35 -25.52 6.00
C46 IVM U . -11.02 -26.85 5.89
C47 IVM U . -10.32 -24.78 6.93
C48 IVM U . -9.71 -23.66 2.77
O1 PIO V . -26.89 -46.43 4.01
P1 PIO V . -27.75 -45.13 3.46
O11 PIO V . -28.79 -45.62 2.50
O12 PIO V . -28.38 -44.39 4.61
O13 PIO V . -26.70 -44.13 2.68
C1A PIO V . -22.39 -43.10 2.78
O1A PIO V . -22.26 -44.26 2.52
C1B PIO V . -25.60 -39.72 4.58
O1B PIO V . -26.15 -40.16 5.54
C1C PIO V . -25.42 -44.07 3.20
C2A PIO V . -21.28 -42.15 2.35
C2B PIO V . -25.61 -38.22 4.33
C2C PIO V . -24.75 -42.76 2.81
O2C PIO V . -23.52 -42.63 3.47
C3A PIO V . -21.60 -40.73 2.81
C3B PIO V . -25.62 -37.47 5.64
C3C PIO V . -25.68 -41.60 3.17
O3C PIO V . -24.92 -40.56 3.70
C4A PIO V . -20.29 -39.98 2.97
C4B PIO V . -24.18 -37.15 6.03
C5A PIO V . -19.87 -39.95 4.44
C5B PIO V . -23.78 -35.85 5.35
C6A PIO V . -18.79 -38.88 4.61
C6B PIO V . -23.86 -34.72 6.38
C7A PIO V . -18.57 -38.58 6.09
C7B PIO V . -22.66 -34.76 7.30
C8A PIO V . -17.60 -37.41 6.25
C8B PIO V . -22.77 -33.60 8.29
C1 IVM W . 5.27 -16.10 -31.71
O1 IVM W . 4.25 -18.03 -28.62
C2 IVM W . 3.91 -16.10 -30.97
O2 IVM W . 9.99 -14.30 -28.79
C3 IVM W . 3.32 -17.51 -30.81
O3 IVM W . 9.06 -10.52 -31.16
C4 IVM W . 2.02 -17.43 -30.01
O4 IVM W . 11.08 -9.53 -29.26
C5 IVM W . 4.32 -18.35 -30.05
O5 IVM W . 12.69 -5.83 -30.91
C6 IVM W . 5.19 -18.90 -27.88
O6 IVM W . 12.66 -5.72 -27.26
C7 IVM W . 5.42 -20.37 -28.24
O7 IVM W . 13.00 -8.57 -28.42
C8 IVM W . 5.18 -20.64 -29.68
O8 IVM W . 11.74 -12.82 -28.94
C9 IVM W . 4.07 -19.85 -30.27
O9 IVM W . 6.50 -14.08 -20.60
C10 IVM W . 3.98 -20.19 -31.80
O10 IVM W . 4.37 -13.96 -19.38
C11 IVM W . 4.67 -17.92 -26.93
O11 IVM W . 3.95 -15.90 -24.42
C12 IVM W . 5.64 -16.99 -26.38
O12 IVM W . 5.66 -17.31 -24.94
C13 IVM W . 7.08 -17.09 -26.79
O13 IVM W . 5.09 -13.91 -23.86
C14 IVM W . 7.37 -17.97 -28.02
O14 IVM W . 6.59 -19.29 -27.84
C15 IVM W . 8.77 -18.22 -28.19
C16 IVM W . 9.49 -17.00 -28.94
C17 IVM W . 10.86 -16.51 -28.35
C18 IVM W . 11.39 -17.44 -27.28
C19 IVM W . 10.82 -15.04 -27.90
C20 IVM W . 10.75 -13.58 -29.71
C21 IVM W . 9.78 -12.71 -30.53
C22 IVM W . 9.85 -11.27 -30.18
C23 IVM W . 7.66 -10.80 -31.15
C24 IVM W . 11.21 -10.68 -30.15
C25 IVM W . 12.02 -8.55 -29.51
C26 IVM W . 11.27 -7.23 -29.55
C27 IVM W . 12.14 -6.04 -29.55
C28 IVM W . 11.76 -5.32 -31.85
C29 IVM W . 13.24 -6.07 -28.55
C30 IVM W . 13.94 -7.43 -28.39
C31 IVM W . 15.02 -7.60 -29.42
C32 IVM W . 12.28 -11.60 -29.57
C33 IVM W . 13.33 -11.95 -30.59
C34 IVM W . 10.40 -14.82 -26.44
C35 IVM W . 11.50 -14.01 -25.77
C36 IVM W . 9.09 -14.01 -26.38
C37 IVM W . 8.73 -13.58 -24.92
C38 IVM W . 7.97 -14.69 -24.12
C39 IVM W . 7.15 -14.05 -22.99
C40 IVM W . 7.72 -14.44 -21.56
C41 IVM W . 5.49 -13.75 -21.42
C42 IVM W . 4.18 -13.94 -20.86
C43 IVM W . 3.48 -15.19 -21.27
C44 IVM W . 4.53 -16.47 -21.65
C45 IVM W . 5.57 -16.06 -22.91
C46 IVM W . 4.98 -16.38 -24.10
C47 IVM W . 5.83 -14.50 -22.84
C48 IVM W . 2.55 -15.62 -20.21
N GLY X . 29.09 7.57 17.24
CA GLY X . 30.33 6.96 16.77
C GLY X . 30.73 7.35 15.37
O GLY X . 31.63 6.76 14.80
OXT GLY X . 30.16 8.27 14.78
O1 PIO Y . 8.57 -37.43 -37.73
P1 PIO Y . 8.94 -37.84 -36.18
O11 PIO Y . 8.71 -39.33 -36.02
O12 PIO Y . 10.37 -37.48 -35.88
O13 PIO Y . 7.95 -37.01 -35.17
C1A PIO Y . 5.69 -33.20 -35.15
O1A PIO Y . 5.15 -33.68 -36.09
C1B PIO Y . 9.77 -33.48 -32.26
O1B PIO Y . 10.73 -33.62 -32.94
C1C PIO Y . 7.60 -35.74 -35.58
C2A PIO Y . 4.91 -32.17 -34.34
C2B PIO Y . 9.90 -33.02 -30.83
C2C PIO Y . 7.20 -34.88 -34.38
O2C PIO Y . 7.00 -33.55 -34.79
C3A PIO Y . 5.77 -31.63 -33.20
C3B PIO Y . 11.10 -32.08 -30.70
C3C PIO Y . 8.29 -34.97 -33.33
O3C PIO Y . 8.50 -33.71 -32.77
C4A PIO Y . 5.29 -30.23 -32.85
C4B PIO Y . 10.62 -30.65 -30.86
C5A PIO Y . 6.18 -29.18 -33.52
C5B PIO Y . 10.15 -30.14 -29.50
C6A PIO Y . 5.92 -27.83 -32.85
C6B PIO Y . 11.26 -29.27 -28.90
C7A PIO Y . 6.99 -26.82 -33.25
C7B PIO Y . 11.22 -27.89 -29.55
C8A PIO Y . 6.80 -25.52 -32.46
C8B PIO Y . 12.33 -27.04 -28.91
#